data_5HHF
#
_entry.id   5HHF
#
_cell.length_a   217.515
_cell.length_b   217.515
_cell.length_c   319.800
_cell.angle_alpha   90.000
_cell.angle_beta   90.000
_cell.angle_gamma   120.000
#
_symmetry.space_group_name_H-M   'P 65 2 2'
#
loop_
_entity.id
_entity.type
_entity.pdbx_description
1 polymer 'UDP-galactopyranose mutase'
2 non-polymer 'SULFATE ION'
3 non-polymer MESO-ERYTHRITOL
4 non-polymer '[[(2~{R},3~{S},4~{R},5~{R})-5-(6-aminopurin-9-yl)-3,4-bis(oxidanyl)oxolan-2-yl]methoxy-oxidanyl-phosphoryl] [(2~{R},3~{S},4~{S})-5-[5-[(2~{R},3~{R},4~{S},5~{R},6~{R})-6-(hydroxymethyl)-3,4,5-tris(oxidanyl)oxan-2-yl]-7,8-dimethyl-2,4-bis(oxidanyl)benzo[g]pteridin-10-yl]-2,3,4-tris(oxidanyl)pentyl] hydrogen phosphate'
5 non-polymer "URIDINE-5'-DIPHOSPHATE"
6 non-polymer 'DIHYDROFLAVINE-ADENINE DINUCLEOTIDE'
7 water water
#
_entity_poly.entity_id   1
_entity_poly.type   'polypeptide(L)'
_entity_poly.pdbx_seq_one_letter_code
;AIAMTHPDISVDVLVIGAGPTGLGAAKRLNQIDGPSWMIVDSNETPGGLASTDVTPEGFLYDVGGAVIFSHYKYFDDCLD
EALPKEDDWYTHQRISYVRCQGQWVPYPFQNNISMLPKEEQVKCIDGMIDAALEARVANTKPKTFDEWIVRMMGTGIADL
FMRPYNFKVWAVPTTKMQCAWLGERVAAPNLKAVTTNVILGKTAGNWGPNATFRFPARGGTGGIWIAVANTLPKEKTRFG
EKGKVTKVNANNKTVTLQDGTTIGYKKLVSTMAVDFLAEAMNDQELVGLTKQLFYSSTHVIGVGVRGSRPERIGDKCWLY
FPEDNCPFYRATIFSNYSPYNQPEASAALPTMQLADGSRPQSTEAKEGPYWSIMLEVSESSMKPVNQETILADCIQGLVN
TEMLKPTDEIVSTYHRRFDHGYPTPTLEREGTLTQILPKLQDKDIWSRGRFGSWRYEVGNQDHSFMLGVEAVDNIVNGAV
ELTLNYPDFVNGRQNTERRLVDGAQVFAKSKAQ
;
_entity_poly.pdbx_strand_id   A,B,C,D
#
# COMPACT_ATOMS: atom_id res chain seq x y z
N HIS A 6 13.46 -4.57 68.00
CA HIS A 6 13.76 -3.28 67.40
C HIS A 6 15.15 -3.24 66.75
N PRO A 7 15.24 -2.66 65.56
CA PRO A 7 16.53 -2.60 64.85
C PRO A 7 17.41 -1.46 65.36
N ASP A 8 18.66 -1.47 64.89
CA ASP A 8 19.62 -0.47 65.33
C ASP A 8 19.22 0.94 64.88
N ILE A 9 18.72 1.06 63.65
CA ILE A 9 18.29 2.34 63.08
C ILE A 9 16.93 2.16 62.44
N SER A 10 16.11 3.21 62.51
CA SER A 10 14.81 3.26 61.83
C SER A 10 14.68 4.54 61.04
N VAL A 11 14.33 4.42 59.76
CA VAL A 11 14.05 5.58 58.90
C VAL A 11 12.79 5.27 58.11
N ASP A 12 12.10 6.33 57.68
CA ASP A 12 10.93 6.13 56.83
C ASP A 12 11.31 5.57 55.47
N VAL A 13 12.37 6.12 54.86
CA VAL A 13 12.80 5.73 53.52
C VAL A 13 14.29 5.42 53.57
N LEU A 14 14.66 4.18 53.24
CA LEU A 14 16.05 3.80 53.12
C LEU A 14 16.43 3.72 51.65
N VAL A 15 17.58 4.29 51.31
CA VAL A 15 18.09 4.28 49.94
C VAL A 15 19.33 3.40 49.94
N ILE A 16 19.35 2.39 49.08
CA ILE A 16 20.53 1.55 48.91
C ILE A 16 21.24 1.97 47.64
N GLY A 17 22.48 2.40 47.78
CA GLY A 17 23.27 2.80 46.62
C GLY A 17 23.38 4.31 46.49
N ALA A 18 24.57 4.80 46.22
CA ALA A 18 24.85 6.22 46.08
C ALA A 18 25.50 6.50 44.72
N GLY A 19 25.08 5.76 43.70
CA GLY A 19 25.32 6.19 42.35
C GLY A 19 24.36 7.32 42.03
N PRO A 20 24.29 7.73 40.78
CA PRO A 20 23.33 8.79 40.39
C PRO A 20 21.89 8.52 40.83
N THR A 21 21.40 7.28 40.72
CA THR A 21 20.01 6.99 41.10
C THR A 21 19.79 7.23 42.59
N GLY A 22 20.59 6.59 43.44
CA GLY A 22 20.41 6.75 44.87
C GLY A 22 20.64 8.18 45.34
N LEU A 23 21.59 8.87 44.71
CA LEU A 23 21.81 10.27 45.06
C LEU A 23 20.61 11.12 44.66
N GLY A 24 19.94 10.77 43.56
CA GLY A 24 18.70 11.43 43.20
C GLY A 24 17.63 11.24 44.26
N ALA A 25 17.45 10.00 44.71
CA ALA A 25 16.54 9.74 45.82
C ALA A 25 16.93 10.56 47.03
N ALA A 26 18.23 10.57 47.38
CA ALA A 26 18.67 11.32 48.56
C ALA A 26 18.41 12.81 48.38
N LYS A 27 18.68 13.36 47.20
CA LYS A 27 18.50 14.78 46.99
C LYS A 27 17.03 15.19 47.11
N ARG A 28 16.14 14.38 46.55
CA ARG A 28 14.71 14.71 46.65
C ARG A 28 14.22 14.56 48.09
N LEU A 29 14.65 13.50 48.79
CA LEU A 29 14.29 13.34 50.20
C LEU A 29 14.80 14.49 51.03
N ASN A 30 16.01 14.94 50.75
CA ASN A 30 16.61 16.04 51.48
C ASN A 30 15.88 17.35 51.21
N GLN A 31 15.43 17.56 49.98
CA GLN A 31 14.67 18.75 49.61
C GLN A 31 13.31 18.75 50.28
N ILE A 32 12.58 17.64 50.18
CA ILE A 32 11.26 17.56 50.79
C ILE A 32 11.38 17.71 52.30
N ASP A 33 12.36 17.04 52.90
CA ASP A 33 12.67 17.19 54.33
C ASP A 33 11.44 16.91 55.19
N GLY A 34 10.71 15.85 54.85
CA GLY A 34 9.59 15.43 55.63
C GLY A 34 9.91 14.10 56.30
N PRO A 35 9.64 13.01 55.60
CA PRO A 35 10.03 11.69 56.11
C PRO A 35 11.52 11.60 56.40
N SER A 36 11.84 10.87 57.46
CA SER A 36 13.22 10.55 57.78
C SER A 36 13.80 9.59 56.74
N TRP A 37 15.11 9.62 56.60
CA TRP A 37 15.75 8.82 55.57
C TRP A 37 17.25 8.70 55.84
N MET A 38 17.87 7.74 55.17
CA MET A 38 19.32 7.63 55.09
C MET A 38 19.68 6.88 53.82
N ILE A 39 20.94 7.05 53.38
CA ILE A 39 21.45 6.41 52.18
C ILE A 39 22.74 5.66 52.51
N VAL A 40 22.89 4.45 51.98
CA VAL A 40 24.07 3.62 52.21
C VAL A 40 24.69 3.23 50.87
N ASP A 41 26.01 3.03 50.89
CA ASP A 41 26.74 2.51 49.74
C ASP A 41 27.97 1.77 50.28
N SER A 42 28.33 0.68 49.59
CA SER A 42 29.49 -0.11 50.01
C SER A 42 30.82 0.55 49.68
N ASN A 43 30.83 1.55 48.81
CA ASN A 43 32.03 2.30 48.47
C ASN A 43 32.06 3.62 49.25
N GLU A 44 33.24 3.97 49.77
CA GLU A 44 33.36 5.21 50.53
C GLU A 44 33.15 6.43 49.64
N THR A 45 33.40 6.28 48.34
CA THR A 45 33.28 7.38 47.42
C THR A 45 31.98 7.21 46.66
N PRO A 46 31.03 8.13 46.80
CA PRO A 46 29.77 7.99 46.05
C PRO A 46 30.03 8.16 44.56
N GLY A 47 29.08 7.70 43.76
CA GLY A 47 29.20 7.86 42.32
C GLY A 47 28.89 6.63 41.50
N GLY A 48 29.00 5.44 42.11
CA GLY A 48 28.69 4.20 41.41
C GLY A 48 29.49 4.06 40.13
N LEU A 49 28.81 3.59 39.07
CA LEU A 49 29.38 3.50 37.73
C LEU A 49 29.62 4.84 37.08
N ALA A 50 29.39 5.95 37.77
CA ALA A 50 29.78 7.25 37.24
C ALA A 50 31.02 7.77 37.93
N SER A 51 31.72 6.90 38.66
CA SER A 51 32.96 7.26 39.34
C SER A 51 34.11 7.45 38.35
N THR A 52 35.23 7.94 38.86
CA THR A 52 36.41 8.19 38.05
C THR A 52 37.62 7.59 38.74
N ASP A 53 38.34 6.71 38.02
CA ASP A 53 39.62 6.21 38.49
C ASP A 53 40.73 7.10 37.94
N VAL A 54 41.90 7.01 38.56
CA VAL A 54 43.07 7.73 38.08
C VAL A 54 44.26 6.79 38.18
N THR A 55 45.06 6.71 37.12
CA THR A 55 46.22 5.85 37.12
C THR A 55 47.32 6.45 37.98
N PRO A 56 48.31 5.63 38.41
CA PRO A 56 49.43 6.18 39.19
C PRO A 56 50.16 7.29 38.48
N GLU A 57 50.07 7.35 37.15
CA GLU A 57 50.73 8.39 36.37
C GLU A 57 49.87 9.66 36.24
N GLY A 58 48.66 9.66 36.77
CA GLY A 58 47.85 10.85 36.79
C GLY A 58 46.86 11.03 35.65
N PHE A 59 46.45 9.95 34.99
CA PHE A 59 45.44 9.99 33.93
C PHE A 59 44.11 9.55 34.51
N LEU A 60 43.09 10.37 34.31
CA LEU A 60 41.75 10.06 34.77
C LEU A 60 41.05 9.21 33.71
N TYR A 61 40.28 8.23 34.15
CA TYR A 61 39.39 7.49 33.26
C TYR A 61 38.06 7.27 33.95
N ASP A 62 36.98 7.67 33.26
CA ASP A 62 35.60 7.42 33.63
C ASP A 62 35.20 5.98 33.32
N VAL A 63 34.09 5.55 33.89
CA VAL A 63 33.48 4.28 33.49
C VAL A 63 32.66 4.56 32.23
N GLY A 64 33.22 4.21 31.07
CA GLY A 64 32.62 4.55 29.80
C GLY A 64 32.96 5.97 29.36
N GLY A 65 32.41 6.35 28.21
CA GLY A 65 32.61 7.70 27.70
C GLY A 65 31.59 8.70 28.24
N ALA A 66 31.33 8.64 29.55
CA ALA A 66 30.28 9.42 30.19
C ALA A 66 30.41 10.91 29.89
N VAL A 67 29.37 11.46 29.25
CA VAL A 67 29.21 12.89 28.98
C VAL A 67 27.84 13.31 29.48
N ILE A 68 27.74 14.57 29.92
CA ILE A 68 26.52 15.06 30.55
C ILE A 68 25.65 15.74 29.50
N PHE A 69 24.43 15.22 29.33
CA PHE A 69 23.39 15.89 28.56
C PHE A 69 22.05 15.52 29.18
N SER A 70 21.18 16.51 29.37
CA SER A 70 20.12 16.46 30.37
C SER A 70 18.74 16.65 29.75
N HIS A 71 17.78 15.83 30.17
CA HIS A 71 16.38 16.04 29.82
C HIS A 71 15.58 16.75 30.91
N TYR A 72 16.21 17.17 32.02
CA TYR A 72 15.46 17.62 33.20
C TYR A 72 16.09 18.83 33.86
N LYS A 73 15.27 19.86 34.10
CA LYS A 73 15.73 21.00 34.88
C LYS A 73 16.15 20.60 36.29
N TYR A 74 15.50 19.60 36.88
CA TYR A 74 15.85 19.20 38.24
C TYR A 74 17.28 18.72 38.32
N PHE A 75 17.67 17.86 37.38
CA PHE A 75 19.04 17.39 37.27
C PHE A 75 20.01 18.57 37.12
N ASP A 76 19.67 19.53 36.25
CA ASP A 76 20.52 20.71 36.07
C ASP A 76 20.68 21.45 37.38
N ASP A 77 19.57 21.69 38.09
CA ASP A 77 19.62 22.37 39.38
C ASP A 77 20.61 21.70 40.32
N CYS A 78 20.63 20.37 40.34
CA CYS A 78 21.49 19.66 41.27
C CYS A 78 22.96 19.70 40.83
N LEU A 79 23.22 19.63 39.52
CA LEU A 79 24.59 19.75 39.05
C LEU A 79 25.12 21.16 39.27
N ASP A 80 24.30 22.17 38.99
CA ASP A 80 24.70 23.55 39.17
C ASP A 80 24.87 23.90 40.65
N GLU A 81 24.05 23.33 41.54
CA GLU A 81 24.28 23.52 42.96
C GLU A 81 25.61 22.90 43.39
N ALA A 82 25.91 21.71 42.88
CA ALA A 82 27.11 20.99 43.29
C ALA A 82 28.38 21.64 42.73
N LEU A 83 28.33 22.12 41.49
CA LEU A 83 29.47 22.70 40.80
C LEU A 83 29.02 24.04 40.25
N PRO A 84 28.95 25.08 41.09
CA PRO A 84 28.25 26.31 40.69
C PRO A 84 29.07 27.28 39.86
N LYS A 85 30.39 27.17 39.85
CA LYS A 85 31.23 28.15 39.16
C LYS A 85 31.30 27.85 37.67
N GLU A 86 31.42 28.90 36.86
CA GLU A 86 31.53 28.71 35.42
C GLU A 86 32.77 27.90 35.04
N ASP A 87 33.86 28.06 35.77
CA ASP A 87 35.04 27.27 35.43
C ASP A 87 35.04 25.89 36.07
N ASP A 88 33.91 25.44 36.64
CA ASP A 88 33.78 24.04 37.00
C ASP A 88 33.45 23.17 35.80
N TRP A 89 33.18 23.76 34.64
CA TRP A 89 32.66 23.00 33.52
C TRP A 89 33.34 23.43 32.23
N TYR A 90 33.41 22.49 31.28
CA TYR A 90 33.76 22.78 29.90
C TYR A 90 32.62 22.32 29.02
N THR A 91 32.28 23.14 28.05
CA THR A 91 31.22 22.81 27.11
C THR A 91 31.86 22.41 25.79
N HIS A 92 31.30 21.41 25.13
CA HIS A 92 31.88 20.95 23.88
C HIS A 92 30.80 20.63 22.86
N GLN A 93 31.11 20.88 21.60
CA GLN A 93 30.32 20.31 20.51
C GLN A 93 30.66 18.83 20.39
N ARG A 94 29.65 17.99 20.16
CA ARG A 94 29.95 16.57 19.91
C ARG A 94 30.58 16.41 18.55
N ILE A 95 31.86 16.05 18.52
CA ILE A 95 32.52 15.69 17.28
C ILE A 95 32.64 14.17 17.35
N SER A 96 31.84 13.48 16.56
CA SER A 96 31.81 12.03 16.64
C SER A 96 31.85 11.44 15.24
N TYR A 97 32.56 10.33 15.09
CA TYR A 97 32.70 9.71 13.79
C TYR A 97 32.66 8.21 13.92
N VAL A 98 32.33 7.56 12.81
CA VAL A 98 32.36 6.12 12.68
C VAL A 98 33.57 5.79 11.83
N ARG A 99 34.45 4.95 12.36
CA ARG A 99 35.58 4.47 11.56
C ARG A 99 35.05 3.45 10.57
N CYS A 100 35.23 3.72 9.28
CA CYS A 100 34.70 2.80 8.30
C CYS A 100 35.63 2.84 7.11
N GLN A 101 36.24 1.69 6.80
CA GLN A 101 37.09 1.51 5.63
C GLN A 101 38.13 2.62 5.49
N GLY A 102 38.91 2.82 6.54
CA GLY A 102 40.00 3.78 6.55
C GLY A 102 39.60 5.23 6.64
N GLN A 103 38.30 5.53 6.74
CA GLN A 103 37.77 6.88 6.78
C GLN A 103 37.01 7.14 8.08
N TRP A 104 36.92 8.40 8.45
CA TRP A 104 36.04 8.86 9.52
C TRP A 104 34.74 9.39 8.92
N VAL A 105 33.65 8.66 9.09
CA VAL A 105 32.33 9.04 8.60
C VAL A 105 31.58 9.73 9.74
N PRO A 106 31.10 10.95 9.56
CA PRO A 106 30.40 11.62 10.65
C PRO A 106 29.20 10.83 11.13
N TYR A 107 29.01 10.84 12.44
CA TYR A 107 27.80 10.34 13.07
C TYR A 107 26.66 11.32 12.82
N PRO A 108 25.44 10.79 12.56
CA PRO A 108 25.15 9.36 12.47
C PRO A 108 25.51 8.78 11.09
N PHE A 109 26.01 7.55 11.10
CA PHE A 109 26.47 6.89 9.88
C PHE A 109 25.40 6.95 8.82
N GLN A 110 24.22 6.41 9.16
CA GLN A 110 23.07 6.22 8.27
C GLN A 110 22.55 7.53 7.68
N ASN A 111 23.11 8.66 8.09
CA ASN A 111 22.72 9.98 7.60
C ASN A 111 23.87 10.66 6.87
N ASN A 112 24.96 9.95 6.61
CA ASN A 112 26.22 10.47 6.05
C ASN A 112 26.78 9.50 5.03
N ILE A 113 25.88 8.72 4.42
CA ILE A 113 26.20 7.78 3.34
C ILE A 113 27.05 8.49 2.31
N SER A 114 26.82 9.79 2.15
CA SER A 114 27.55 10.66 1.26
C SER A 114 29.06 10.64 1.43
N MET A 115 29.58 10.03 2.50
CA MET A 115 31.02 10.03 2.76
C MET A 115 31.74 8.76 2.31
N LEU A 116 31.02 7.70 1.99
CA LEU A 116 31.56 6.38 1.61
C LEU A 116 32.00 6.36 0.15
N PRO A 117 32.73 5.32 -0.26
CA PRO A 117 32.99 5.12 -1.70
C PRO A 117 31.70 4.97 -2.49
N LYS A 118 31.74 5.38 -3.76
CA LYS A 118 30.52 5.50 -4.55
C LYS A 118 29.80 4.16 -4.73
N GLU A 119 30.55 3.07 -4.95
CA GLU A 119 29.91 1.77 -5.15
C GLU A 119 29.14 1.35 -3.90
N GLU A 120 29.65 1.73 -2.72
CA GLU A 120 28.96 1.47 -1.45
C GLU A 120 27.75 2.40 -1.25
N GLN A 121 27.84 3.64 -1.72
CA GLN A 121 26.69 4.52 -1.70
C GLN A 121 25.54 3.91 -2.49
N VAL A 122 25.85 3.32 -3.64
CA VAL A 122 24.82 2.67 -4.44
C VAL A 122 24.13 1.57 -3.64
N LYS A 123 24.92 0.71 -3.00
CA LYS A 123 24.35 -0.39 -2.22
C LYS A 123 23.52 0.15 -1.08
N CYS A 124 24.02 1.20 -0.41
CA CYS A 124 23.27 1.76 0.72
C CYS A 124 21.99 2.43 0.25
N ILE A 125 22.06 3.25 -0.80
CA ILE A 125 20.85 3.92 -1.25
C ILE A 125 19.85 2.91 -1.80
N ASP A 126 20.33 1.92 -2.57
CA ASP A 126 19.42 0.88 -3.05
C ASP A 126 18.68 0.23 -1.90
N GLY A 127 19.40 -0.09 -0.81
CA GLY A 127 18.76 -0.68 0.35
C GLY A 127 17.73 0.22 0.99
N MET A 128 18.00 1.54 1.06
CA MET A 128 17.01 2.44 1.66
C MET A 128 15.80 2.61 0.77
N ILE A 129 16.00 2.55 -0.55
CA ILE A 129 14.87 2.62 -1.46
C ILE A 129 13.93 1.43 -1.24
N ASP A 130 14.51 0.21 -1.19
CA ASP A 130 13.71 -0.97 -0.87
C ASP A 130 12.97 -0.77 0.44
N ALA A 131 13.67 -0.30 1.47
CA ALA A 131 13.02 -0.11 2.76
C ALA A 131 11.91 0.94 2.68
N ALA A 132 12.16 2.03 1.94
CA ALA A 132 11.15 3.08 1.86
C ALA A 132 9.88 2.60 1.16
N LEU A 133 10.04 1.80 0.11
CA LEU A 133 8.86 1.28 -0.59
C LEU A 133 8.09 0.29 0.28
N GLU A 134 8.79 -0.59 0.99
CA GLU A 134 8.12 -1.50 1.90
C GLU A 134 7.45 -0.74 3.03
N ALA A 135 8.10 0.31 3.54
CA ALA A 135 7.51 1.10 4.61
C ALA A 135 6.24 1.81 4.15
N ARG A 136 6.13 2.10 2.85
CA ARG A 136 4.95 2.76 2.33
C ARG A 136 3.69 1.91 2.51
N VAL A 137 3.83 0.58 2.58
CA VAL A 137 2.68 -0.31 2.75
C VAL A 137 2.72 -1.08 4.07
N ALA A 138 3.58 -0.67 5.01
CA ALA A 138 3.69 -1.36 6.29
C ALA A 138 2.46 -1.16 7.17
N ASN A 139 1.99 -2.25 7.79
CA ASN A 139 0.91 -2.13 8.77
C ASN A 139 1.20 -2.94 10.04
N THR A 140 2.46 -3.24 10.33
CA THR A 140 2.84 -3.95 11.53
C THR A 140 4.03 -3.26 12.17
N LYS A 141 4.22 -3.49 13.41
CA LYS A 141 5.43 -2.90 13.93
C LYS A 141 6.56 -3.93 13.92
N PRO A 142 7.81 -3.49 13.81
CA PRO A 142 8.92 -4.43 13.91
C PRO A 142 9.00 -4.98 15.32
N LYS A 143 9.37 -6.25 15.43
CA LYS A 143 9.45 -6.90 16.73
C LYS A 143 10.86 -6.97 17.28
N THR A 144 11.89 -7.01 16.44
CA THR A 144 13.26 -7.12 16.90
C THR A 144 14.07 -5.89 16.46
N PHE A 145 15.13 -5.61 17.22
CA PHE A 145 16.09 -4.58 16.82
C PHE A 145 16.52 -4.78 15.36
N ASP A 146 16.81 -6.02 14.96
CA ASP A 146 17.24 -6.26 13.59
C ASP A 146 16.16 -5.87 12.59
N GLU A 147 14.92 -6.34 12.81
CA GLU A 147 13.83 -5.98 11.90
C GLU A 147 13.66 -4.47 11.82
N TRP A 148 13.82 -3.78 12.94
CA TRP A 148 13.72 -2.33 12.93
C TRP A 148 14.80 -1.75 12.01
N ILE A 149 16.05 -2.24 12.16
CA ILE A 149 17.17 -1.72 11.36
C ILE A 149 16.93 -1.92 9.87
N VAL A 150 16.48 -3.12 9.48
CA VAL A 150 16.22 -3.36 8.06
C VAL A 150 15.07 -2.48 7.56
N ARG A 151 14.02 -2.33 8.37
CA ARG A 151 12.84 -1.57 7.94
C ARG A 151 13.11 -0.09 7.78
N MET A 152 13.94 0.49 8.65
CA MET A 152 14.17 1.92 8.62
C MET A 152 15.41 2.31 7.84
N MET A 153 16.25 1.35 7.46
CA MET A 153 17.56 1.65 6.90
C MET A 153 17.92 0.85 5.67
N GLY A 154 17.30 -0.29 5.44
CA GLY A 154 17.69 -1.18 4.38
C GLY A 154 18.91 -2.04 4.70
N THR A 155 19.03 -3.12 3.93
CA THR A 155 20.05 -4.13 4.16
C THR A 155 21.45 -3.56 4.03
N GLY A 156 21.68 -2.73 3.03
CA GLY A 156 23.04 -2.24 2.79
C GLY A 156 23.63 -1.57 4.01
N ILE A 157 22.86 -0.68 4.65
CA ILE A 157 23.35 -0.04 5.86
C ILE A 157 23.35 -1.03 7.03
N ALA A 158 22.39 -1.95 7.08
CA ALA A 158 22.39 -2.97 8.11
C ALA A 158 23.66 -3.82 8.05
N ASP A 159 23.94 -4.41 6.89
CA ASP A 159 25.09 -5.29 6.75
C ASP A 159 26.40 -4.52 6.87
N LEU A 160 26.43 -3.26 6.47
CA LEU A 160 27.67 -2.49 6.48
C LEU A 160 28.03 -1.97 7.85
N PHE A 161 27.05 -1.59 8.66
CA PHE A 161 27.34 -0.89 9.90
C PHE A 161 26.55 -1.40 11.09
N MET A 162 25.21 -1.31 10.97
CA MET A 162 24.34 -1.42 12.14
C MET A 162 24.42 -2.80 12.77
N ARG A 163 24.42 -3.83 11.94
CA ARG A 163 24.52 -5.20 12.46
C ARG A 163 25.86 -5.44 13.14
N PRO A 164 27.01 -5.23 12.48
CA PRO A 164 28.27 -5.52 13.19
C PRO A 164 28.53 -4.60 14.37
N TYR A 165 28.19 -3.31 14.28
CA TYR A 165 28.51 -2.45 15.42
C TYR A 165 27.70 -2.84 16.66
N ASN A 166 26.42 -3.17 16.48
CA ASN A 166 25.59 -3.42 17.66
C ASN A 166 25.93 -4.73 18.34
N PHE A 167 26.36 -5.73 17.57
CA PHE A 167 26.91 -6.90 18.21
C PHE A 167 28.14 -6.51 19.02
N LYS A 168 28.98 -5.63 18.46
CA LYS A 168 30.21 -5.25 19.15
C LYS A 168 29.92 -4.47 20.44
N VAL A 169 28.82 -3.71 20.50
CA VAL A 169 28.46 -2.99 21.72
C VAL A 169 27.71 -3.88 22.70
N TRP A 170 26.58 -4.46 22.23
CA TRP A 170 25.66 -5.14 23.12
C TRP A 170 26.11 -6.54 23.47
N ALA A 171 27.07 -7.09 22.73
CA ALA A 171 27.54 -8.47 22.91
C ALA A 171 26.40 -9.46 22.78
N VAL A 172 25.34 -9.06 22.09
CA VAL A 172 24.34 -9.98 21.56
C VAL A 172 23.94 -9.50 20.17
N PRO A 173 23.48 -10.41 19.32
CA PRO A 173 23.09 -10.01 17.96
C PRO A 173 21.79 -9.21 17.96
N THR A 174 21.65 -8.37 16.93
CA THR A 174 20.48 -7.50 16.81
C THR A 174 19.17 -8.28 16.77
N THR A 175 19.20 -9.55 16.34
CA THR A 175 17.99 -10.35 16.27
C THR A 175 17.47 -10.71 17.65
N LYS A 176 18.29 -10.58 18.69
CA LYS A 176 17.90 -10.99 20.04
C LYS A 176 17.41 -9.85 20.90
N MET A 177 17.34 -8.65 20.35
CA MET A 177 16.94 -7.48 21.11
C MET A 177 15.58 -6.97 20.63
N GLN A 178 14.85 -6.36 21.57
CA GLN A 178 13.63 -5.63 21.25
C GLN A 178 14.00 -4.28 20.60
N CYS A 179 12.97 -3.50 20.25
CA CYS A 179 13.23 -2.22 19.58
C CYS A 179 12.39 -1.07 20.14
N ALA A 180 11.70 -1.26 21.26
CA ALA A 180 10.97 -0.17 21.89
C ALA A 180 11.87 0.88 22.52
N TRP A 181 13.10 0.51 22.87
CA TRP A 181 14.03 1.36 23.59
C TRP A 181 14.73 2.43 22.76
N LEU A 182 14.67 2.38 21.43
CA LEU A 182 15.67 3.10 20.63
C LEU A 182 15.27 4.49 20.14
N GLY A 183 14.08 5.00 20.48
CA GLY A 183 13.64 6.26 19.89
C GLY A 183 14.69 7.37 19.81
N GLU A 184 15.53 7.46 20.84
CA GLU A 184 16.49 8.55 21.01
C GLU A 184 17.95 8.10 20.83
N ARG A 185 18.17 6.86 20.37
CA ARG A 185 19.50 6.29 20.23
C ARG A 185 19.89 5.96 18.79
N VAL A 186 18.95 5.57 17.94
CA VAL A 186 19.23 5.10 16.59
C VAL A 186 18.46 5.99 15.62
N ALA A 187 19.19 6.76 14.80
CA ALA A 187 18.55 7.64 13.84
C ALA A 187 17.95 6.82 12.69
N ALA A 188 16.68 7.08 12.39
CA ALA A 188 16.07 6.49 11.21
C ALA A 188 16.29 7.43 10.03
N PRO A 189 16.93 6.99 8.95
CA PRO A 189 17.26 7.91 7.85
C PRO A 189 16.05 8.27 7.00
N ASN A 190 15.94 9.57 6.72
CA ASN A 190 15.04 10.08 5.69
C ASN A 190 15.63 9.79 4.31
N LEU A 191 14.88 9.06 3.47
CA LEU A 191 15.41 8.74 2.14
C LEU A 191 15.78 9.99 1.36
N LYS A 192 14.92 11.02 1.39
CA LYS A 192 15.22 12.24 0.66
C LYS A 192 16.44 12.97 1.25
N ALA A 193 16.53 13.07 2.58
CA ALA A 193 17.67 13.77 3.18
C ALA A 193 18.98 13.04 2.88
N VAL A 194 18.99 11.71 3.02
CA VAL A 194 20.21 10.95 2.77
C VAL A 194 20.61 11.04 1.30
N THR A 195 19.65 10.88 0.39
CA THR A 195 19.94 10.99 -1.03
C THR A 195 20.38 12.41 -1.40
N THR A 196 19.75 13.41 -0.80
CA THR A 196 20.12 14.79 -1.08
C THR A 196 21.57 15.07 -0.68
N ASN A 197 21.97 14.59 0.50
CA ASN A 197 23.35 14.78 0.96
C ASN A 197 24.35 14.00 0.11
N VAL A 198 23.97 12.83 -0.40
CA VAL A 198 24.83 12.15 -1.35
C VAL A 198 25.03 13.01 -2.59
N ILE A 199 23.93 13.54 -3.13
CA ILE A 199 24.05 14.34 -4.34
C ILE A 199 24.90 15.58 -4.08
N LEU A 200 24.68 16.25 -2.95
CA LEU A 200 25.38 17.49 -2.66
C LEU A 200 26.77 17.28 -2.05
N GLY A 201 27.15 16.07 -1.67
CA GLY A 201 28.42 15.91 -0.95
C GLY A 201 28.42 16.62 0.38
N LYS A 202 27.29 16.62 1.07
CA LYS A 202 27.07 17.32 2.32
C LYS A 202 27.08 16.32 3.49
N THR A 203 27.27 16.83 4.70
CA THR A 203 27.17 16.07 5.94
C THR A 203 26.01 16.57 6.79
N ALA A 204 25.62 15.76 7.79
CA ALA A 204 24.52 16.02 8.70
C ALA A 204 24.86 15.35 10.03
N GLY A 205 25.82 15.93 10.76
CA GLY A 205 26.27 15.41 12.03
C GLY A 205 25.68 15.97 13.31
N ASN A 206 24.43 16.41 13.29
CA ASN A 206 23.84 17.07 14.46
C ASN A 206 22.75 16.27 15.15
N TRP A 207 22.48 15.05 14.69
CA TRP A 207 21.38 14.26 15.25
C TRP A 207 21.69 13.87 16.70
N GLY A 208 20.65 13.91 17.54
CA GLY A 208 20.71 13.27 18.85
C GLY A 208 20.82 14.23 20.03
N PRO A 209 20.44 13.73 21.21
CA PRO A 209 20.41 14.60 22.40
C PRO A 209 21.79 14.96 22.96
N ASN A 210 22.88 14.38 22.46
CA ASN A 210 24.22 14.71 22.96
C ASN A 210 25.07 15.47 21.94
N ALA A 211 24.44 16.11 20.96
CA ALA A 211 25.20 16.89 19.99
C ALA A 211 25.98 18.02 20.65
N THR A 212 25.53 18.52 21.81
CA THR A 212 26.37 19.35 22.68
C THR A 212 26.36 18.74 24.08
N PHE A 213 27.45 18.96 24.82
CA PHE A 213 27.55 18.49 26.19
C PHE A 213 28.51 19.36 27.00
N ARG A 214 28.40 19.24 28.31
CA ARG A 214 29.37 19.84 29.21
C ARG A 214 30.04 18.74 30.03
N PHE A 215 31.27 19.00 30.46
CA PHE A 215 32.04 18.02 31.20
C PHE A 215 32.70 18.71 32.37
N PRO A 216 32.75 18.09 33.55
CA PRO A 216 33.35 18.74 34.71
C PRO A 216 34.84 18.99 34.51
N ALA A 217 35.30 20.16 34.93
CA ALA A 217 36.69 20.55 34.75
C ALA A 217 37.63 19.66 35.54
N ARG A 218 37.20 19.16 36.70
CA ARG A 218 38.07 18.40 37.57
C ARG A 218 37.37 17.16 38.07
N GLY A 219 38.16 16.10 38.28
CA GLY A 219 37.69 14.87 38.87
C GLY A 219 36.87 13.99 37.96
N GLY A 220 36.72 14.37 36.70
CA GLY A 220 35.88 13.57 35.84
C GLY A 220 34.44 13.61 36.29
N THR A 221 33.66 12.74 35.65
CA THR A 221 32.26 12.55 36.03
C THR A 221 32.11 12.30 37.51
N GLY A 222 33.03 11.54 38.11
CA GLY A 222 32.92 11.24 39.52
C GLY A 222 32.96 12.48 40.40
N GLY A 223 33.56 13.55 39.89
CA GLY A 223 33.57 14.80 40.66
C GLY A 223 32.17 15.35 40.86
N ILE A 224 31.29 15.21 39.86
CA ILE A 224 29.91 15.63 40.04
C ILE A 224 29.32 14.96 41.27
N TRP A 225 29.40 13.62 41.32
CA TRP A 225 28.64 12.87 42.30
C TRP A 225 29.24 12.98 43.70
N ILE A 226 30.55 13.19 43.80
CA ILE A 226 31.14 13.59 45.08
C ILE A 226 30.57 14.93 45.53
N ALA A 227 30.53 15.91 44.63
CA ALA A 227 30.05 17.23 44.99
C ALA A 227 28.54 17.21 45.32
N VAL A 228 27.73 16.47 44.57
CA VAL A 228 26.30 16.36 44.87
C VAL A 228 26.11 15.69 46.23
N ALA A 229 26.82 14.58 46.47
CA ALA A 229 26.71 13.91 47.76
C ALA A 229 27.14 14.80 48.92
N ASN A 230 28.11 15.70 48.69
CA ASN A 230 28.55 16.60 49.76
C ASN A 230 27.45 17.56 50.20
N THR A 231 26.46 17.83 49.35
CA THR A 231 25.36 18.68 49.77
C THR A 231 24.39 17.98 50.72
N LEU A 232 24.54 16.67 50.91
CA LEU A 232 23.64 15.96 51.80
C LEU A 232 24.12 16.08 53.24
N PRO A 233 23.20 16.02 54.21
CA PRO A 233 23.61 16.00 55.63
C PRO A 233 24.41 14.73 55.94
N LYS A 234 25.66 14.92 56.36
CA LYS A 234 26.60 13.81 56.46
C LYS A 234 26.07 12.70 57.36
N GLU A 235 25.33 13.06 58.42
CA GLU A 235 24.86 12.03 59.35
C GLU A 235 23.77 11.14 58.74
N LYS A 236 23.16 11.53 57.61
CA LYS A 236 22.18 10.68 56.94
C LYS A 236 22.82 9.81 55.85
N THR A 237 24.14 9.79 55.76
CA THR A 237 24.87 8.97 54.81
C THR A 237 25.68 7.93 55.56
N ARG A 238 25.95 6.82 54.87
CA ARG A 238 26.74 5.73 55.44
C ARG A 238 27.46 5.06 54.26
N PHE A 239 28.63 5.58 53.92
CA PHE A 239 29.37 5.15 52.73
C PHE A 239 30.62 4.40 53.14
N GLY A 240 30.87 3.25 52.51
CA GLY A 240 32.02 2.41 52.76
C GLY A 240 31.62 1.01 53.16
N GLU A 241 32.58 0.25 53.69
CA GLU A 241 32.28 -1.08 54.22
C GLU A 241 31.21 -1.00 55.31
N LYS A 242 31.17 0.12 56.06
CA LYS A 242 30.14 0.28 57.07
C LYS A 242 28.74 0.40 56.47
N GLY A 243 28.62 0.61 55.16
CA GLY A 243 27.33 0.75 54.53
C GLY A 243 27.01 -0.32 53.50
N LYS A 244 27.76 -1.42 53.51
CA LYS A 244 27.53 -2.52 52.58
C LYS A 244 26.34 -3.33 53.06
N VAL A 245 25.31 -3.46 52.22
CA VAL A 245 24.14 -4.27 52.53
C VAL A 245 24.46 -5.73 52.26
N THR A 246 24.20 -6.59 53.23
CA THR A 246 24.40 -8.03 53.07
C THR A 246 23.11 -8.84 53.10
N LYS A 247 22.10 -8.42 53.85
CA LYS A 247 20.83 -9.12 53.88
C LYS A 247 19.70 -8.11 53.82
N VAL A 248 18.67 -8.42 53.06
CA VAL A 248 17.43 -7.65 53.05
C VAL A 248 16.31 -8.60 53.42
N ASN A 249 15.66 -8.33 54.55
CA ASN A 249 14.51 -9.11 55.03
C ASN A 249 13.26 -8.32 54.65
N ALA A 250 12.74 -8.62 53.45
CA ALA A 250 11.64 -7.81 52.95
C ALA A 250 10.39 -7.97 53.81
N ASN A 251 10.23 -9.13 54.45
CA ASN A 251 9.03 -9.36 55.24
C ASN A 251 9.03 -8.56 56.54
N ASN A 252 10.20 -8.37 57.15
CA ASN A 252 10.36 -7.56 58.36
C ASN A 252 10.72 -6.11 58.05
N LYS A 253 10.89 -5.77 56.78
CA LYS A 253 11.37 -4.44 56.37
C LYS A 253 12.62 -4.05 57.16
N THR A 254 13.59 -4.96 57.15
CA THR A 254 14.86 -4.77 57.84
C THR A 254 15.99 -5.06 56.88
N VAL A 255 17.00 -4.20 56.88
CA VAL A 255 18.22 -4.41 56.12
C VAL A 255 19.34 -4.63 57.11
N THR A 256 20.22 -5.59 56.84
CA THR A 256 21.38 -5.86 57.66
C THR A 256 22.64 -5.49 56.90
N LEU A 257 23.51 -4.71 57.53
CA LEU A 257 24.76 -4.32 56.89
C LEU A 257 25.86 -5.29 57.27
N GLN A 258 26.99 -5.18 56.58
CA GLN A 258 28.08 -6.14 56.79
C GLN A 258 28.60 -6.07 58.22
N ASP A 259 28.73 -4.88 58.78
CA ASP A 259 29.19 -4.82 60.17
C ASP A 259 28.12 -5.27 61.19
N GLY A 260 26.96 -5.78 60.77
CA GLY A 260 25.94 -6.23 61.68
C GLY A 260 24.86 -5.22 62.01
N THR A 261 25.01 -3.98 61.54
CA THR A 261 23.99 -2.97 61.78
C THR A 261 22.70 -3.33 61.06
N THR A 262 21.58 -3.21 61.77
CA THR A 262 20.26 -3.43 61.19
C THR A 262 19.52 -2.10 61.06
N ILE A 263 18.89 -1.92 59.91
CA ILE A 263 18.13 -0.70 59.59
C ILE A 263 16.71 -1.10 59.27
N GLY A 264 15.76 -0.58 60.02
CA GLY A 264 14.35 -0.74 59.72
C GLY A 264 13.87 0.40 58.83
N TYR A 265 13.00 0.06 57.87
CA TYR A 265 12.49 1.04 56.94
C TYR A 265 10.99 0.84 56.77
N LYS A 266 10.32 1.90 56.34
CA LYS A 266 8.96 1.77 55.87
C LYS A 266 8.90 1.60 54.35
N LYS A 267 9.78 2.28 53.62
CA LYS A 267 9.89 2.15 52.17
C LYS A 267 11.35 2.00 51.78
N LEU A 268 11.61 1.16 50.78
CA LEU A 268 12.99 0.88 50.34
C LEU A 268 13.17 1.36 48.90
N VAL A 269 14.16 2.21 48.68
CA VAL A 269 14.59 2.55 47.32
C VAL A 269 15.91 1.83 47.11
N SER A 270 15.88 0.77 46.32
CA SER A 270 17.06 -0.07 46.10
C SER A 270 17.60 0.24 44.72
N THR A 271 18.85 0.74 44.66
CA THR A 271 19.48 1.00 43.37
C THR A 271 20.62 0.05 43.06
N MET A 272 20.84 -0.96 43.91
CA MET A 272 21.79 -2.00 43.54
C MET A 272 21.19 -2.82 42.40
N ALA A 273 22.06 -3.58 41.72
CA ALA A 273 21.59 -4.42 40.63
C ALA A 273 20.48 -5.34 41.14
N VAL A 274 19.39 -5.45 40.38
CA VAL A 274 18.21 -6.12 40.93
C VAL A 274 18.50 -7.59 41.19
N ASP A 275 19.42 -8.19 40.44
CA ASP A 275 19.83 -9.57 40.73
C ASP A 275 20.57 -9.66 42.06
N PHE A 276 21.44 -8.69 42.36
CA PHE A 276 22.06 -8.62 43.69
C PHE A 276 21.00 -8.46 44.77
N LEU A 277 19.99 -7.63 44.52
CA LEU A 277 18.94 -7.44 45.51
C LEU A 277 18.22 -8.75 45.78
N ALA A 278 17.91 -9.49 44.71
CA ALA A 278 17.25 -10.78 44.88
C ALA A 278 18.12 -11.74 45.70
N GLU A 279 19.43 -11.77 45.42
CA GLU A 279 20.33 -12.60 46.22
C GLU A 279 20.36 -12.14 47.67
N ALA A 280 20.49 -10.82 47.88
CA ALA A 280 20.52 -10.28 49.24
C ALA A 280 19.21 -10.56 49.99
N MET A 281 18.10 -10.69 49.27
CA MET A 281 16.82 -11.00 49.90
C MET A 281 16.65 -12.48 50.22
N ASN A 282 17.54 -13.35 49.73
CA ASN A 282 17.39 -14.81 49.85
C ASN A 282 16.00 -15.25 49.42
N ASP A 283 15.53 -14.63 48.34
CA ASP A 283 14.22 -14.86 47.74
C ASP A 283 14.49 -15.63 46.46
N GLN A 284 14.38 -16.96 46.51
CA GLN A 284 14.75 -17.81 45.39
C GLN A 284 13.87 -17.56 44.17
N GLU A 285 12.57 -17.25 44.38
CA GLU A 285 11.71 -16.88 43.25
C GLU A 285 12.27 -15.67 42.51
N LEU A 286 12.66 -14.64 43.25
CA LEU A 286 13.22 -13.45 42.63
C LEU A 286 14.59 -13.73 42.02
N VAL A 287 15.38 -14.62 42.62
CA VAL A 287 16.66 -14.98 42.01
C VAL A 287 16.45 -15.58 40.63
N GLY A 288 15.51 -16.54 40.53
CA GLY A 288 15.28 -17.18 39.24
C GLY A 288 14.81 -16.21 38.18
N LEU A 289 13.93 -15.28 38.55
CA LEU A 289 13.45 -14.28 37.60
C LEU A 289 14.56 -13.34 37.17
N THR A 290 15.37 -12.85 38.12
CA THR A 290 16.43 -11.91 37.72
C THR A 290 17.47 -12.59 36.83
N LYS A 291 17.70 -13.90 37.03
CA LYS A 291 18.62 -14.65 36.19
C LYS A 291 18.12 -14.76 34.75
N GLN A 292 16.83 -14.53 34.51
CA GLN A 292 16.34 -14.50 33.14
C GLN A 292 16.65 -13.20 32.44
N LEU A 293 17.11 -12.19 33.18
CA LEU A 293 17.59 -10.96 32.59
C LEU A 293 18.96 -11.18 31.96
N PHE A 294 19.34 -10.26 31.08
CA PHE A 294 20.63 -10.37 30.42
C PHE A 294 21.38 -9.05 30.57
N TYR A 295 22.70 -9.14 30.73
CA TYR A 295 23.53 -7.95 30.75
C TYR A 295 24.88 -8.27 30.12
N SER A 296 25.55 -7.23 29.65
CA SER A 296 26.92 -7.37 29.20
C SER A 296 27.85 -6.71 30.21
N SER A 297 29.05 -7.24 30.32
CA SER A 297 30.12 -6.59 31.05
C SER A 297 30.85 -5.61 30.14
N THR A 298 31.46 -4.60 30.74
CA THR A 298 32.20 -3.57 30.02
C THR A 298 33.63 -3.55 30.52
N HIS A 299 34.57 -3.62 29.59
CA HIS A 299 35.98 -3.33 29.88
C HIS A 299 36.27 -1.90 29.47
N VAL A 300 36.80 -1.13 30.42
CA VAL A 300 37.32 0.20 30.13
C VAL A 300 38.83 0.08 30.04
N ILE A 301 39.41 0.49 28.91
CA ILE A 301 40.86 0.52 28.74
C ILE A 301 41.27 1.98 28.54
N GLY A 302 42.29 2.41 29.28
CA GLY A 302 42.81 3.77 29.18
C GLY A 302 44.25 3.76 28.71
N VAL A 303 44.57 4.65 27.78
CA VAL A 303 45.93 4.76 27.24
C VAL A 303 46.37 6.21 27.29
N GLY A 304 47.41 6.50 28.07
CA GLY A 304 48.01 7.83 28.11
C GLY A 304 49.17 7.89 27.14
N VAL A 305 49.18 8.93 26.31
CA VAL A 305 50.13 9.04 25.19
C VAL A 305 50.91 10.34 25.32
N ARG A 306 52.22 10.27 25.05
CA ARG A 306 53.06 11.46 25.01
C ARG A 306 52.90 12.16 23.69
N GLY A 307 52.84 13.48 23.75
CA GLY A 307 52.83 14.32 22.56
C GLY A 307 51.71 15.34 22.62
N SER A 308 51.91 16.46 21.94
CA SER A 308 50.80 17.36 21.66
C SER A 308 49.75 16.60 20.85
N ARG A 309 48.51 17.03 20.98
CA ARG A 309 47.40 16.35 20.31
C ARG A 309 47.65 16.25 18.80
N PRO A 310 47.70 15.06 18.23
CA PRO A 310 47.98 14.93 16.79
C PRO A 310 46.87 15.53 15.93
N GLU A 311 47.26 16.05 14.75
CA GLU A 311 46.29 16.63 13.83
C GLU A 311 45.21 15.63 13.45
N ARG A 312 45.59 14.36 13.25
CA ARG A 312 44.62 13.33 12.86
C ARG A 312 43.56 13.11 13.93
N ILE A 313 43.87 13.44 15.18
CA ILE A 313 42.90 13.33 16.27
C ILE A 313 42.02 14.58 16.34
N GLY A 314 42.66 15.76 16.40
CA GLY A 314 41.91 16.99 16.37
C GLY A 314 40.90 17.08 17.50
N ASP A 315 39.73 17.66 17.18
CA ASP A 315 38.69 17.91 18.15
C ASP A 315 37.73 16.73 18.34
N LYS A 316 38.07 15.56 17.82
CA LYS A 316 37.21 14.40 17.96
C LYS A 316 36.88 14.14 19.43
N CYS A 317 35.63 13.77 19.70
CA CYS A 317 35.22 13.46 21.06
C CYS A 317 35.11 11.95 21.26
N TRP A 318 34.15 11.30 20.63
CA TRP A 318 34.13 9.84 20.68
C TRP A 318 33.91 9.27 19.29
N LEU A 319 34.33 8.02 19.15
CA LEU A 319 34.51 7.38 17.85
C LEU A 319 33.96 5.96 17.92
N TYR A 320 33.31 5.53 16.84
CA TYR A 320 32.68 4.22 16.74
C TYR A 320 33.49 3.33 15.80
N PHE A 321 33.56 2.04 16.13
CA PHE A 321 34.40 1.08 15.40
C PHE A 321 33.59 -0.17 15.12
N PRO A 322 32.80 -0.18 14.03
CA PRO A 322 32.05 -1.39 13.65
C PRO A 322 32.92 -2.55 13.17
N GLU A 323 34.14 -2.29 12.72
CA GLU A 323 34.95 -3.27 12.03
C GLU A 323 35.75 -4.16 13.00
N ASP A 324 36.31 -5.23 12.45
CA ASP A 324 37.00 -6.25 13.24
C ASP A 324 38.51 -6.05 13.38
N ASN A 325 39.05 -4.87 13.05
CA ASN A 325 40.49 -4.67 13.23
C ASN A 325 40.83 -4.10 14.59
N CYS A 326 39.86 -4.05 15.51
CA CYS A 326 40.07 -3.58 16.87
C CYS A 326 38.98 -4.19 17.75
N PRO A 327 39.28 -4.50 19.02
CA PRO A 327 38.27 -5.13 19.89
C PRO A 327 37.28 -4.15 20.46
N PHE A 328 37.61 -2.87 20.53
CA PHE A 328 36.72 -1.90 21.16
C PHE A 328 35.65 -1.41 20.18
N TYR A 329 34.47 -1.11 20.73
CA TYR A 329 33.43 -0.54 19.90
C TYR A 329 33.47 0.97 19.91
N ARG A 330 34.05 1.58 20.95
CA ARG A 330 34.15 3.03 21.04
C ARG A 330 35.51 3.47 21.60
N ALA A 331 36.03 4.57 21.07
CA ALA A 331 37.18 5.27 21.64
C ALA A 331 36.77 6.70 21.95
N THR A 332 37.26 7.20 23.08
CA THR A 332 37.01 8.56 23.49
C THR A 332 38.34 9.30 23.61
N ILE A 333 38.42 10.47 22.98
CA ILE A 333 39.60 11.30 23.18
C ILE A 333 39.41 12.02 24.50
N PHE A 334 39.68 11.33 25.60
CA PHE A 334 39.28 11.82 26.91
C PHE A 334 40.00 13.10 27.28
N SER A 335 41.19 13.32 26.71
CA SER A 335 41.96 14.51 26.97
C SER A 335 41.35 15.75 26.34
N ASN A 336 40.43 15.58 25.38
CA ASN A 336 39.68 16.71 24.85
C ASN A 336 38.57 17.18 25.78
N TYR A 337 38.20 16.40 26.80
CA TYR A 337 37.07 16.80 27.64
C TYR A 337 37.47 17.85 28.66
N SER A 338 38.70 17.76 29.19
CA SER A 338 39.22 18.71 30.15
C SER A 338 40.74 18.61 30.15
N PRO A 339 41.46 19.72 30.29
CA PRO A 339 42.93 19.61 30.46
C PRO A 339 43.33 18.91 31.74
N TYR A 340 42.44 18.79 32.72
CA TYR A 340 42.79 18.18 33.99
C TYR A 340 42.48 16.70 34.05
N ASN A 341 42.17 16.06 32.92
CA ASN A 341 42.04 14.60 32.82
C ASN A 341 43.37 13.89 32.64
N GLN A 342 44.47 14.62 32.55
CA GLN A 342 45.79 14.05 32.32
C GLN A 342 46.82 15.04 32.82
N PRO A 343 48.07 14.61 33.01
CA PRO A 343 49.06 15.51 33.62
C PRO A 343 49.37 16.70 32.74
N GLU A 344 49.82 17.78 33.39
CA GLU A 344 50.34 18.93 32.68
C GLU A 344 51.62 18.58 31.92
N ALA A 345 51.95 19.43 30.94
CA ALA A 345 53.09 19.17 30.06
C ALA A 345 54.40 19.03 30.82
N SER A 346 54.54 19.70 31.96
CA SER A 346 55.79 19.67 32.69
C SER A 346 55.97 18.39 33.49
N ALA A 347 54.94 17.57 33.63
CA ALA A 347 55.07 16.31 34.35
C ALA A 347 55.99 15.36 33.58
N ALA A 348 56.97 14.83 34.28
CA ALA A 348 57.96 13.95 33.67
C ALA A 348 57.53 12.51 33.92
N LEU A 349 57.43 11.72 32.85
CA LEU A 349 56.97 10.36 32.92
C LEU A 349 57.79 9.54 31.96
N PRO A 350 58.22 8.35 32.36
CA PRO A 350 58.91 7.47 31.42
C PRO A 350 57.94 6.83 30.45
N THR A 351 58.48 6.44 29.29
CA THR A 351 57.69 5.69 28.33
C THR A 351 57.60 4.24 28.80
N MET A 352 56.37 3.75 28.98
CA MET A 352 56.18 2.36 29.36
C MET A 352 56.37 1.43 28.17
N GLN A 353 55.88 1.81 27.00
CA GLN A 353 56.02 1.00 25.81
C GLN A 353 55.71 1.87 24.61
N LEU A 354 56.11 1.40 23.43
CA LEU A 354 55.62 2.00 22.21
C LEU A 354 54.31 1.33 21.81
N ALA A 355 53.55 2.01 20.96
CA ALA A 355 52.23 1.49 20.59
C ALA A 355 52.33 0.16 19.85
N ASP A 356 53.46 -0.12 19.21
CA ASP A 356 53.62 -1.41 18.54
C ASP A 356 53.99 -2.53 19.52
N GLY A 357 54.02 -2.25 20.82
CA GLY A 357 54.31 -3.24 21.83
C GLY A 357 55.75 -3.31 22.29
N SER A 358 56.68 -2.70 21.56
CA SER A 358 58.08 -2.82 21.90
C SER A 358 58.44 -1.93 23.09
N ARG A 359 59.62 -2.19 23.65
CA ARG A 359 60.16 -1.41 24.75
C ARG A 359 60.72 -0.09 24.22
N PRO A 360 60.67 0.97 25.02
CA PRO A 360 61.24 2.24 24.58
C PRO A 360 62.76 2.17 24.45
N GLN A 361 63.29 3.07 23.63
CA GLN A 361 64.73 3.20 23.50
C GLN A 361 65.33 3.58 24.85
N SER A 362 64.72 4.56 25.53
CA SER A 362 65.17 5.00 26.84
C SER A 362 64.12 4.70 27.89
N THR A 363 64.59 4.45 29.10
CA THR A 363 63.76 4.37 30.30
C THR A 363 63.61 5.71 31.02
N GLU A 364 64.31 6.75 30.56
CA GLU A 364 64.33 8.03 31.24
C GLU A 364 62.96 8.72 31.20
N ALA A 365 62.61 9.38 32.29
CA ALA A 365 61.40 10.18 32.35
C ALA A 365 61.57 11.42 31.48
N LYS A 366 60.64 11.63 30.57
CA LYS A 366 60.55 12.78 29.68
C LYS A 366 59.25 13.51 29.95
N GLU A 367 59.17 14.75 29.47
CA GLU A 367 58.03 15.64 29.68
C GLU A 367 56.93 15.36 28.65
N GLY A 368 55.80 16.06 28.83
CA GLY A 368 54.69 16.01 27.89
C GLY A 368 54.82 17.00 26.73
N PRO A 369 53.70 17.55 26.25
CA PRO A 369 52.35 17.30 26.77
C PRO A 369 51.80 15.89 26.51
N TYR A 370 50.62 15.63 27.06
CA TYR A 370 50.01 14.31 27.03
C TYR A 370 48.60 14.42 26.51
N TRP A 371 48.16 13.37 25.83
CA TRP A 371 46.76 13.21 25.51
C TRP A 371 46.36 11.78 25.91
N SER A 372 45.07 11.47 25.78
CA SER A 372 44.55 10.30 26.47
C SER A 372 43.39 9.69 25.71
N ILE A 373 43.43 8.37 25.51
CA ILE A 373 42.39 7.62 24.80
C ILE A 373 41.72 6.67 25.78
N MET A 374 40.39 6.62 25.75
CA MET A 374 39.62 5.70 26.56
C MET A 374 38.79 4.78 25.67
N LEU A 375 38.92 3.48 25.90
CA LEU A 375 38.35 2.46 25.03
C LEU A 375 37.33 1.63 25.80
N GLU A 376 36.30 1.14 25.10
CA GLU A 376 35.31 0.26 25.69
C GLU A 376 35.20 -1.03 24.89
N VAL A 377 35.23 -2.16 25.58
CA VAL A 377 35.06 -3.47 24.98
C VAL A 377 33.96 -4.18 25.74
N SER A 378 33.03 -4.80 25.01
CA SER A 378 31.93 -5.48 25.65
C SER A 378 32.22 -6.97 25.75
N GLU A 379 31.61 -7.60 26.75
CA GLU A 379 31.75 -9.03 27.00
C GLU A 379 30.42 -9.59 27.47
N SER A 380 30.08 -10.79 26.99
CA SER A 380 28.91 -11.52 27.50
C SER A 380 29.10 -13.01 27.21
N SER A 381 28.15 -13.81 27.68
CA SER A 381 28.16 -15.24 27.38
C SER A 381 28.06 -15.53 25.89
N MET A 382 27.55 -14.60 25.09
CA MET A 382 27.51 -14.74 23.64
C MET A 382 28.70 -14.10 22.95
N LYS A 383 29.62 -13.52 23.70
CA LYS A 383 30.76 -12.79 23.13
C LYS A 383 31.88 -12.80 24.13
N PRO A 384 32.59 -13.91 24.24
CA PRO A 384 33.67 -14.00 25.23
C PRO A 384 34.82 -13.10 24.85
N VAL A 385 35.61 -12.79 25.87
CA VAL A 385 36.75 -11.90 25.79
C VAL A 385 37.90 -12.53 26.55
N ASN A 386 39.10 -12.50 25.98
CA ASN A 386 40.28 -12.97 26.71
C ASN A 386 40.70 -11.84 27.64
N GLN A 387 40.43 -11.99 28.94
CA GLN A 387 40.75 -10.93 29.91
C GLN A 387 42.24 -10.62 29.94
N GLU A 388 43.08 -11.63 29.68
CA GLU A 388 44.50 -11.46 29.89
C GLU A 388 45.17 -10.68 28.77
N THR A 389 44.61 -10.67 27.56
CA THR A 389 45.26 -10.00 26.45
C THR A 389 44.53 -8.75 26.00
N ILE A 390 43.42 -8.38 26.66
CA ILE A 390 42.55 -7.33 26.13
C ILE A 390 43.27 -5.98 26.10
N LEU A 391 44.12 -5.69 27.09
CA LEU A 391 44.84 -4.43 27.06
C LEU A 391 45.74 -4.33 25.83
N ALA A 392 46.54 -5.38 25.59
CA ALA A 392 47.41 -5.40 24.43
C ALA A 392 46.61 -5.42 23.13
N ASP A 393 45.48 -6.14 23.12
CA ASP A 393 44.64 -6.16 21.92
C ASP A 393 44.09 -4.78 21.61
N CYS A 394 43.71 -4.03 22.65
CA CYS A 394 43.24 -2.66 22.43
C CYS A 394 44.34 -1.77 21.85
N ILE A 395 45.54 -1.83 22.42
CA ILE A 395 46.63 -1.00 21.91
C ILE A 395 46.93 -1.34 20.46
N GLN A 396 46.96 -2.64 20.11
CA GLN A 396 47.14 -3.03 18.73
C GLN A 396 46.01 -2.53 17.84
N GLY A 397 44.78 -2.58 18.35
CA GLY A 397 43.66 -2.02 17.60
C GLY A 397 43.81 -0.53 17.36
N LEU A 398 44.43 0.19 18.31
CA LEU A 398 44.69 1.62 18.12
C LEU A 398 45.68 1.85 16.99
N VAL A 399 46.69 0.98 16.88
CA VAL A 399 47.60 1.02 15.75
C VAL A 399 46.87 0.65 14.47
N ASN A 400 46.08 -0.44 14.51
CA ASN A 400 45.38 -0.91 13.31
C ASN A 400 44.49 0.18 12.73
N THR A 401 43.84 0.95 13.60
CA THR A 401 42.92 2.00 13.15
C THR A 401 43.63 3.33 12.92
N GLU A 402 44.96 3.35 13.01
CA GLU A 402 45.79 4.53 12.81
C GLU A 402 45.50 5.63 13.83
N MET A 403 44.83 5.32 14.95
CA MET A 403 44.76 6.32 16.01
C MET A 403 46.09 6.49 16.73
N LEU A 404 46.91 5.44 16.78
CA LEU A 404 48.28 5.54 17.25
C LEU A 404 49.22 5.11 16.13
N LYS A 405 50.32 5.84 15.98
CA LYS A 405 51.43 5.39 15.15
C LYS A 405 52.20 4.31 15.90
N PRO A 406 52.82 3.37 15.19
CA PRO A 406 53.62 2.34 15.88
C PRO A 406 54.61 2.91 16.86
N THR A 407 55.15 4.09 16.58
CA THR A 407 56.17 4.69 17.44
C THR A 407 55.59 5.53 18.56
N ASP A 408 54.27 5.73 18.63
CA ASP A 408 53.75 6.58 19.70
C ASP A 408 54.13 6.02 21.06
N GLU A 409 54.40 6.91 22.00
CA GLU A 409 54.92 6.56 23.31
C GLU A 409 53.78 6.52 24.31
N ILE A 410 53.54 5.35 24.87
CA ILE A 410 52.51 5.17 25.88
C ILE A 410 53.13 5.37 27.24
N VAL A 411 52.55 6.25 28.06
CA VAL A 411 53.10 6.59 29.38
C VAL A 411 52.20 6.13 30.50
N SER A 412 51.04 5.57 30.20
CA SER A 412 50.13 5.14 31.24
C SER A 412 49.12 4.19 30.63
N THR A 413 48.81 3.11 31.33
CA THR A 413 47.75 2.21 30.90
C THR A 413 46.80 1.98 32.05
N TYR A 414 45.58 1.61 31.68
CA TYR A 414 44.49 1.37 32.61
C TYR A 414 43.56 0.33 32.00
N HIS A 415 43.13 -0.63 32.81
CA HIS A 415 42.14 -1.61 32.40
C HIS A 415 41.33 -2.00 33.61
N ARG A 416 40.01 -1.85 33.52
CA ARG A 416 39.11 -2.28 34.58
C ARG A 416 37.90 -2.92 33.94
N ARG A 417 37.43 -4.01 34.53
CA ARG A 417 36.26 -4.72 34.07
C ARG A 417 35.10 -4.42 35.00
N PHE A 418 33.98 -4.02 34.43
CA PHE A 418 32.75 -3.79 35.20
C PHE A 418 31.77 -4.90 34.85
N ASP A 419 31.46 -5.75 35.85
CA ASP A 419 30.67 -6.93 35.57
C ASP A 419 29.30 -6.56 35.02
N HIS A 420 28.58 -5.69 35.71
CA HIS A 420 27.32 -5.17 35.21
C HIS A 420 27.60 -3.87 34.47
N GLY A 421 27.68 -3.95 33.15
CA GLY A 421 27.98 -2.80 32.32
C GLY A 421 26.79 -2.19 31.60
N TYR A 422 26.08 -3.01 30.81
CA TYR A 422 24.87 -2.61 30.11
C TYR A 422 23.73 -3.56 30.46
N PRO A 423 22.55 -3.05 30.80
CA PRO A 423 21.36 -3.94 30.84
C PRO A 423 20.83 -4.11 29.43
N THR A 424 20.78 -5.34 28.97
CA THR A 424 20.52 -5.60 27.56
C THR A 424 19.02 -5.49 27.29
N PRO A 425 18.60 -4.72 26.30
CA PRO A 425 17.18 -4.78 25.87
C PRO A 425 16.87 -6.04 25.07
N THR A 426 16.93 -7.20 25.71
CA THR A 426 16.54 -8.44 25.04
C THR A 426 15.03 -8.46 24.78
N LEU A 427 14.64 -9.36 23.87
CA LEU A 427 13.21 -9.58 23.63
C LEU A 427 12.48 -9.96 24.91
N GLU A 428 13.15 -10.66 25.83
CA GLU A 428 12.50 -11.14 27.04
C GLU A 428 12.49 -10.13 28.19
N ARG A 429 13.20 -9.00 28.07
CA ARG A 429 13.40 -8.11 29.21
C ARG A 429 12.07 -7.71 29.86
N GLU A 430 11.14 -7.16 29.07
CA GLU A 430 9.92 -6.61 29.66
C GLU A 430 9.08 -7.69 30.34
N GLY A 431 8.93 -8.85 29.68
CA GLY A 431 8.17 -9.93 30.31
C GLY A 431 8.75 -10.33 31.64
N THR A 432 10.08 -10.27 31.78
CA THR A 432 10.70 -10.59 33.06
C THR A 432 10.52 -9.45 34.05
N LEU A 433 10.70 -8.20 33.60
CA LEU A 433 10.57 -7.05 34.50
C LEU A 433 9.15 -6.91 35.03
N THR A 434 8.13 -7.14 34.19
CA THR A 434 6.77 -7.02 34.73
C THR A 434 6.43 -8.15 35.71
N GLN A 435 7.28 -9.15 35.85
CA GLN A 435 7.17 -10.07 36.98
C GLN A 435 7.99 -9.65 38.18
N ILE A 436 9.13 -8.99 37.97
CA ILE A 436 10.02 -8.63 39.06
C ILE A 436 9.55 -7.37 39.77
N LEU A 437 9.46 -6.26 39.02
CA LEU A 437 9.22 -4.97 39.67
C LEU A 437 7.93 -4.92 40.46
N PRO A 438 6.78 -5.44 39.97
CA PRO A 438 5.58 -5.43 40.83
C PRO A 438 5.69 -6.35 42.03
N LYS A 439 6.38 -7.48 41.90
CA LYS A 439 6.57 -8.34 43.06
C LYS A 439 7.39 -7.63 44.14
N LEU A 440 8.40 -6.85 43.73
CA LEU A 440 9.12 -6.02 44.70
C LEU A 440 8.26 -4.85 45.19
N GLN A 441 7.44 -4.29 44.29
CA GLN A 441 6.56 -3.19 44.65
C GLN A 441 5.59 -3.57 45.77
N ASP A 442 5.07 -4.81 45.73
CA ASP A 442 4.14 -5.25 46.78
C ASP A 442 4.81 -5.35 48.14
N LYS A 443 6.13 -5.35 48.18
CA LYS A 443 6.86 -5.38 49.43
C LYS A 443 7.39 -3.99 49.80
N ASP A 444 6.87 -2.95 49.16
CA ASP A 444 7.29 -1.56 49.39
C ASP A 444 8.77 -1.36 49.06
N ILE A 445 9.23 -2.01 47.99
CA ILE A 445 10.61 -1.87 47.50
C ILE A 445 10.55 -1.24 46.12
N TRP A 446 11.11 -0.03 46.01
CA TRP A 446 11.28 0.65 44.73
C TRP A 446 12.67 0.29 44.22
N SER A 447 12.74 -0.69 43.34
CA SER A 447 14.01 -1.08 42.71
C SER A 447 14.19 -0.24 41.46
N ARG A 448 15.21 0.61 41.45
CA ARG A 448 15.34 1.63 40.42
C ARG A 448 16.81 1.86 40.08
N GLY A 449 17.06 2.15 38.81
CA GLY A 449 18.37 2.52 38.35
C GLY A 449 18.76 1.72 37.13
N ARG A 450 20.01 1.94 36.69
CA ARG A 450 20.49 1.28 35.47
C ARG A 450 20.33 -0.22 35.57
N PHE A 451 20.67 -0.80 36.73
CA PHE A 451 20.41 -2.20 37.00
C PHE A 451 19.40 -2.40 38.11
N GLY A 452 19.01 -1.33 38.81
CA GLY A 452 17.88 -1.42 39.72
C GLY A 452 16.59 -1.76 39.00
N SER A 453 16.36 -1.12 37.84
CA SER A 453 15.19 -1.42 37.03
C SER A 453 15.54 -1.81 35.61
N TRP A 454 16.83 -1.78 35.21
CA TRP A 454 17.31 -2.56 34.06
C TRP A 454 16.88 -2.03 32.70
N ARG A 455 16.49 -0.77 32.56
CA ARG A 455 16.05 -0.24 31.27
C ARG A 455 17.09 0.76 30.76
N TYR A 456 17.83 0.32 29.73
CA TYR A 456 18.94 1.10 29.19
C TYR A 456 18.47 2.46 28.66
N GLU A 457 17.28 2.51 28.05
CA GLU A 457 16.82 3.76 27.44
C GLU A 457 16.57 4.87 28.46
N VAL A 458 16.50 4.53 29.73
CA VAL A 458 16.46 5.54 30.78
C VAL A 458 17.59 5.17 31.72
N GLY A 459 18.73 4.81 31.13
CA GLY A 459 19.88 4.39 31.90
C GLY A 459 21.04 5.36 31.92
N ASN A 460 20.90 6.57 31.38
CA ASN A 460 21.95 7.59 31.47
C ASN A 460 21.95 8.21 32.87
N GLN A 461 22.89 9.14 33.10
CA GLN A 461 23.06 9.70 34.45
C GLN A 461 21.86 10.53 34.85
N ASP A 462 21.32 11.32 33.92
CA ASP A 462 20.16 12.14 34.24
C ASP A 462 18.91 11.26 34.42
N HIS A 463 18.71 10.29 33.53
CA HIS A 463 17.58 9.37 33.72
C HIS A 463 17.70 8.65 35.07
N SER A 464 18.90 8.17 35.39
CA SER A 464 19.09 7.43 36.63
C SER A 464 18.78 8.30 37.84
N PHE A 465 19.41 9.48 37.89
CA PHE A 465 19.14 10.45 38.94
C PHE A 465 17.64 10.67 39.10
N MET A 466 16.94 10.89 37.98
CA MET A 466 15.51 11.17 38.08
C MET A 466 14.70 9.94 38.46
N LEU A 467 15.16 8.74 38.09
CA LEU A 467 14.52 7.53 38.62
C LEU A 467 14.53 7.55 40.14
N GLY A 468 15.66 7.96 40.74
CA GLY A 468 15.70 8.08 42.19
C GLY A 468 14.83 9.21 42.69
N VAL A 469 14.87 10.36 42.01
CA VAL A 469 14.02 11.50 42.38
C VAL A 469 12.55 11.11 42.32
N GLU A 470 12.14 10.48 41.20
CA GLU A 470 10.73 10.16 40.99
C GLU A 470 10.25 9.03 41.90
N ALA A 471 11.10 8.07 42.22
CA ALA A 471 10.70 7.05 43.18
C ALA A 471 10.31 7.70 44.50
N VAL A 472 11.14 8.64 44.99
CA VAL A 472 10.82 9.36 46.22
C VAL A 472 9.55 10.20 46.05
N ASP A 473 9.44 10.89 44.92
CA ASP A 473 8.26 11.70 44.66
C ASP A 473 7.01 10.84 44.63
N ASN A 474 7.13 9.60 44.14
CA ASN A 474 6.01 8.68 44.19
C ASN A 474 5.72 8.22 45.61
N ILE A 475 6.77 7.94 46.40
CA ILE A 475 6.58 7.48 47.78
C ILE A 475 5.93 8.57 48.63
N VAL A 476 6.34 9.82 48.44
CA VAL A 476 5.92 10.93 49.30
C VAL A 476 4.73 11.69 48.74
N ASN A 477 4.76 12.04 47.46
CA ASN A 477 3.79 12.98 46.88
C ASN A 477 2.83 12.33 45.89
N GLY A 478 2.86 11.01 45.75
CA GLY A 478 1.97 10.36 44.82
C GLY A 478 2.26 10.64 43.35
N ALA A 479 3.48 11.04 43.04
CA ALA A 479 3.84 11.38 41.67
C ALA A 479 3.88 10.15 40.79
N VAL A 480 3.62 10.36 39.49
CA VAL A 480 3.82 9.32 38.51
C VAL A 480 5.32 9.10 38.30
N GLU A 481 5.73 7.84 38.28
CA GLU A 481 7.11 7.52 37.91
C GLU A 481 7.19 7.50 36.38
N LEU A 482 7.36 8.69 35.81
CA LEU A 482 7.29 8.85 34.37
C LEU A 482 8.52 8.25 33.68
N THR A 483 9.71 8.49 34.24
CA THR A 483 10.93 8.03 33.60
C THR A 483 10.98 6.51 33.56
N LEU A 484 10.56 5.86 34.65
CA LEU A 484 10.55 4.41 34.72
C LEU A 484 9.68 3.78 33.64
N ASN A 485 8.48 4.32 33.42
CA ASN A 485 7.50 3.60 32.63
C ASN A 485 7.23 4.21 31.26
N TYR A 486 7.66 5.45 31.01
CA TYR A 486 7.39 6.13 29.74
C TYR A 486 8.65 6.84 29.26
N PRO A 487 9.68 6.08 28.89
CA PRO A 487 10.92 6.72 28.41
C PRO A 487 10.68 7.67 27.23
N ASP A 488 9.83 7.30 26.27
CA ASP A 488 9.56 8.19 25.13
C ASP A 488 8.91 9.48 25.59
N PHE A 489 8.06 9.39 26.61
CA PHE A 489 7.39 10.58 27.11
C PHE A 489 8.40 11.59 27.66
N VAL A 490 9.26 11.16 28.59
CA VAL A 490 10.19 12.11 29.19
C VAL A 490 11.30 12.51 28.22
N ASN A 491 11.72 11.61 27.32
CA ASN A 491 12.78 11.97 26.39
C ASN A 491 12.32 12.96 25.33
N GLY A 492 11.01 13.03 25.07
CA GLY A 492 10.48 13.90 24.05
C GLY A 492 9.98 15.26 24.53
N ARG A 493 10.22 15.62 25.78
CA ARG A 493 9.70 16.88 26.29
C ARG A 493 10.78 17.55 27.12
N GLN A 494 10.59 18.83 27.37
CA GLN A 494 11.44 19.56 28.30
C GLN A 494 10.81 19.38 29.69
N ASN A 495 11.52 18.69 30.57
CA ASN A 495 11.00 18.38 31.90
C ASN A 495 11.39 19.50 32.85
N THR A 496 10.58 20.57 32.80
CA THR A 496 10.83 21.83 33.50
C THR A 496 10.07 21.95 34.81
N GLU A 497 9.09 21.09 35.09
CA GLU A 497 8.16 21.34 36.19
C GLU A 497 8.83 21.14 37.54
N ARG A 498 9.62 20.08 37.71
CA ARG A 498 10.18 19.76 39.02
C ARG A 498 11.52 20.46 39.22
N ARG A 499 11.66 21.15 40.35
CA ARG A 499 12.85 21.96 40.60
C ARG A 499 13.45 21.63 41.96
N LEU A 500 14.74 21.97 42.12
CA LEU A 500 15.38 21.79 43.42
C LEU A 500 14.74 22.68 44.49
N VAL A 501 14.11 23.79 44.10
CA VAL A 501 13.29 24.60 44.99
C VAL A 501 11.89 24.67 44.39
N ASP A 502 10.97 23.91 44.96
CA ASP A 502 9.58 23.90 44.53
C ASP A 502 8.75 24.86 45.39
N GLY A 503 7.49 25.05 44.97
CA GLY A 503 6.59 25.88 45.75
C GLY A 503 6.54 25.48 47.21
N ALA A 504 6.57 24.18 47.49
CA ALA A 504 6.54 23.69 48.87
C ALA A 504 7.58 24.41 49.72
N GLN A 505 8.82 24.51 49.23
CA GLN A 505 9.89 25.14 50.02
C GLN A 505 9.77 26.66 50.03
N VAL A 506 9.36 27.26 48.90
CA VAL A 506 9.18 28.71 48.84
C VAL A 506 8.12 29.15 49.84
N PHE A 507 6.96 28.49 49.83
CA PHE A 507 5.90 28.88 50.76
C PHE A 507 6.27 28.58 52.19
N ALA A 508 7.04 27.53 52.43
CA ALA A 508 7.43 27.20 53.80
C ALA A 508 8.33 28.27 54.40
N LYS A 509 9.26 28.86 53.60
CA LYS A 509 10.21 29.87 54.05
C LYS A 509 9.55 31.25 54.35
N SER A 510 8.22 31.34 54.43
CA SER A 510 7.53 32.57 54.81
C SER A 510 6.82 32.37 56.15
N HIS B 6 11.21 -44.02 -52.34
CA HIS B 6 9.93 -43.31 -52.37
C HIS B 6 8.87 -44.02 -51.52
N PRO B 7 8.11 -43.26 -50.73
CA PRO B 7 7.08 -43.86 -49.87
C PRO B 7 5.78 -44.12 -50.63
N ASP B 8 4.89 -44.87 -49.96
CA ASP B 8 3.65 -45.31 -50.58
C ASP B 8 2.75 -44.13 -50.95
N ILE B 9 2.64 -43.14 -50.06
CA ILE B 9 1.82 -41.96 -50.27
C ILE B 9 2.67 -40.73 -49.96
N SER B 10 2.45 -39.65 -50.71
CA SER B 10 3.11 -38.39 -50.44
C SER B 10 2.10 -37.25 -50.46
N VAL B 11 2.07 -36.45 -49.40
CA VAL B 11 1.23 -35.27 -49.30
C VAL B 11 2.05 -34.12 -48.75
N ASP B 12 1.60 -32.89 -49.05
CA ASP B 12 2.25 -31.73 -48.48
C ASP B 12 2.07 -31.68 -46.98
N VAL B 13 0.84 -31.89 -46.51
CA VAL B 13 0.48 -31.78 -45.10
C VAL B 13 -0.22 -33.06 -44.67
N LEU B 14 0.36 -33.76 -43.70
CA LEU B 14 -0.24 -34.94 -43.10
C LEU B 14 -0.81 -34.57 -41.74
N VAL B 15 -2.04 -34.99 -41.46
CA VAL B 15 -2.72 -34.73 -40.20
C VAL B 15 -2.89 -36.06 -39.47
N ILE B 16 -2.37 -36.16 -38.26
CA ILE B 16 -2.52 -37.36 -37.44
C ILE B 16 -3.58 -37.09 -36.38
N GLY B 17 -4.65 -37.87 -36.42
CA GLY B 17 -5.70 -37.70 -35.43
C GLY B 17 -6.89 -36.99 -36.05
N ALA B 18 -8.09 -37.51 -35.75
CA ALA B 18 -9.33 -36.97 -36.27
C ALA B 18 -10.30 -36.66 -35.12
N GLY B 19 -9.78 -36.24 -33.97
CA GLY B 19 -10.60 -35.54 -33.01
C GLY B 19 -10.84 -34.12 -33.50
N PRO B 20 -11.43 -33.29 -32.65
CA PRO B 20 -11.66 -31.88 -33.04
C PRO B 20 -10.42 -31.17 -33.58
N THR B 21 -9.24 -31.34 -32.97
CA THR B 21 -8.06 -30.62 -33.46
C THR B 21 -7.73 -31.04 -34.89
N GLY B 22 -7.57 -32.35 -35.12
CA GLY B 22 -7.25 -32.81 -36.47
C GLY B 22 -8.33 -32.50 -37.49
N LEU B 23 -9.61 -32.57 -37.10
CA LEU B 23 -10.68 -32.23 -38.03
C LEU B 23 -10.67 -30.74 -38.37
N GLY B 24 -10.25 -29.89 -37.42
CA GLY B 24 -10.05 -28.49 -37.75
C GLY B 24 -8.98 -28.28 -38.81
N ALA B 25 -7.84 -28.95 -38.64
CA ALA B 25 -6.79 -28.88 -39.65
C ALA B 25 -7.30 -29.35 -41.01
N ALA B 26 -8.00 -30.48 -41.03
CA ALA B 26 -8.55 -31.00 -42.30
C ALA B 26 -9.55 -30.03 -42.92
N LYS B 27 -10.42 -29.45 -42.10
CA LYS B 27 -11.40 -28.53 -42.66
C LYS B 27 -10.72 -27.32 -43.29
N ARG B 28 -9.72 -26.75 -42.61
CA ARG B 28 -9.02 -25.60 -43.18
C ARG B 28 -8.23 -26.00 -44.42
N LEU B 29 -7.55 -27.14 -44.38
CA LEU B 29 -6.85 -27.62 -45.57
C LEU B 29 -7.83 -27.84 -46.71
N ASN B 30 -8.99 -28.42 -46.41
CA ASN B 30 -10.00 -28.66 -47.44
C ASN B 30 -10.58 -27.36 -47.96
N GLN B 31 -10.74 -26.36 -47.09
CA GLN B 31 -11.24 -25.06 -47.54
C GLN B 31 -10.21 -24.37 -48.44
N ILE B 32 -8.96 -24.29 -47.97
CA ILE B 32 -7.92 -23.64 -48.78
C ILE B 32 -7.72 -24.38 -50.09
N ASP B 33 -7.64 -25.71 -50.03
CA ASP B 33 -7.58 -26.57 -51.22
C ASP B 33 -6.41 -26.19 -52.13
N GLY B 34 -5.25 -26.01 -51.52
CA GLY B 34 -4.03 -25.76 -52.24
C GLY B 34 -3.10 -26.95 -52.12
N PRO B 35 -2.28 -26.95 -51.07
CA PRO B 35 -1.42 -28.12 -50.80
C PRO B 35 -2.24 -29.39 -50.65
N SER B 36 -1.66 -30.49 -51.10
CA SER B 36 -2.26 -31.79 -50.88
C SER B 36 -2.18 -32.15 -49.41
N TRP B 37 -3.07 -33.05 -48.99
CA TRP B 37 -3.15 -33.39 -47.59
C TRP B 37 -3.92 -34.70 -47.43
N MET B 38 -3.79 -35.29 -46.25
CA MET B 38 -4.67 -36.36 -45.82
C MET B 38 -4.69 -36.40 -44.30
N ILE B 39 -5.71 -37.05 -43.76
CA ILE B 39 -5.88 -37.17 -42.32
C ILE B 39 -6.02 -38.64 -41.96
N VAL B 40 -5.33 -39.07 -40.91
CA VAL B 40 -5.38 -40.46 -40.45
C VAL B 40 -5.79 -40.49 -38.98
N ASP B 41 -6.48 -41.57 -38.62
CA ASP B 41 -6.83 -41.82 -37.22
C ASP B 41 -6.96 -43.33 -37.06
N SER B 42 -6.59 -43.82 -35.88
CA SER B 42 -6.69 -45.25 -35.60
C SER B 42 -8.13 -45.69 -35.34
N ASN B 43 -9.07 -44.78 -35.13
CA ASN B 43 -10.47 -45.15 -34.95
C ASN B 43 -11.23 -44.98 -36.25
N GLU B 44 -12.10 -45.96 -36.56
CA GLU B 44 -12.92 -45.84 -37.76
C GLU B 44 -13.92 -44.69 -37.63
N THR B 45 -14.27 -44.32 -36.40
CA THR B 45 -15.22 -43.25 -36.16
C THR B 45 -14.46 -42.01 -35.71
N PRO B 46 -14.49 -40.91 -36.45
CA PRO B 46 -13.79 -39.71 -36.00
C PRO B 46 -14.45 -39.11 -34.76
N GLY B 47 -13.67 -38.28 -34.05
CA GLY B 47 -14.16 -37.60 -32.87
C GLY B 47 -13.26 -37.58 -31.65
N GLY B 48 -12.33 -38.53 -31.56
CA GLY B 48 -11.38 -38.56 -30.45
C GLY B 48 -12.09 -38.57 -29.10
N LEU B 49 -11.59 -37.79 -28.16
CA LEU B 49 -12.22 -37.64 -26.86
C LEU B 49 -13.56 -36.89 -26.90
N ALA B 50 -14.07 -36.49 -28.06
CA ALA B 50 -15.41 -35.93 -28.14
C ALA B 50 -16.41 -36.92 -28.73
N SER B 51 -16.05 -38.21 -28.78
CA SER B 51 -16.94 -39.26 -29.27
C SER B 51 -18.04 -39.54 -28.24
N THR B 52 -18.99 -40.36 -28.66
CA THR B 52 -20.13 -40.73 -27.84
C THR B 52 -20.28 -42.24 -27.85
N ASP B 53 -20.36 -42.83 -26.67
CA ASP B 53 -20.70 -44.24 -26.53
C ASP B 53 -22.20 -44.38 -26.27
N VAL B 54 -22.71 -45.59 -26.50
CA VAL B 54 -24.09 -45.91 -26.19
C VAL B 54 -24.09 -47.27 -25.49
N THR B 55 -24.81 -47.37 -24.38
CA THR B 55 -24.91 -48.65 -23.69
C THR B 55 -25.83 -49.59 -24.46
N PRO B 56 -25.76 -50.91 -24.18
CA PRO B 56 -26.70 -51.83 -24.83
C PRO B 56 -28.16 -51.48 -24.58
N GLU B 57 -28.48 -50.75 -23.52
CA GLU B 57 -29.86 -50.38 -23.24
C GLU B 57 -30.27 -49.07 -23.93
N GLY B 58 -29.36 -48.41 -24.64
CA GLY B 58 -29.71 -47.23 -25.40
C GLY B 58 -29.48 -45.90 -24.71
N PHE B 59 -28.60 -45.84 -23.72
CA PHE B 59 -28.23 -44.58 -23.10
C PHE B 59 -26.91 -44.12 -23.68
N LEU B 60 -26.89 -42.87 -24.17
CA LEU B 60 -25.68 -42.26 -24.71
C LEU B 60 -24.87 -41.65 -23.58
N TYR B 61 -23.54 -41.76 -23.67
CA TYR B 61 -22.66 -41.02 -22.79
C TYR B 61 -21.49 -40.45 -23.60
N ASP B 62 -21.28 -39.15 -23.46
CA ASP B 62 -20.12 -38.43 -23.97
C ASP B 62 -18.90 -38.72 -23.09
N VAL B 63 -17.72 -38.40 -23.60
CA VAL B 63 -16.53 -38.41 -22.75
C VAL B 63 -16.54 -37.10 -21.96
N GLY B 64 -17.10 -37.16 -20.75
CA GLY B 64 -17.25 -35.99 -19.91
C GLY B 64 -18.31 -35.02 -20.37
N GLY B 65 -18.88 -34.27 -19.42
CA GLY B 65 -19.99 -33.37 -19.67
C GLY B 65 -19.77 -32.31 -20.73
N ALA B 66 -19.56 -32.73 -21.97
CA ALA B 66 -19.20 -31.82 -23.07
C ALA B 66 -20.42 -31.03 -23.53
N VAL B 67 -20.34 -29.70 -23.41
CA VAL B 67 -21.30 -28.75 -23.94
C VAL B 67 -20.56 -27.84 -24.94
N ILE B 68 -21.29 -27.38 -25.95
CA ILE B 68 -20.71 -26.60 -27.04
C ILE B 68 -20.88 -25.12 -26.74
N PHE B 69 -19.76 -24.40 -26.62
CA PHE B 69 -19.78 -22.94 -26.51
C PHE B 69 -18.50 -22.37 -27.14
N SER B 70 -18.66 -21.35 -27.95
CA SER B 70 -17.70 -21.04 -29.00
C SER B 70 -17.16 -19.63 -28.89
N HIS B 71 -15.84 -19.50 -29.01
CA HIS B 71 -15.18 -18.21 -29.11
C HIS B 71 -14.90 -17.80 -30.56
N TYR B 72 -15.32 -18.60 -31.54
CA TYR B 72 -14.87 -18.38 -32.91
C TYR B 72 -16.00 -18.62 -33.90
N LYS B 73 -16.21 -17.66 -34.79
CA LYS B 73 -17.18 -17.86 -35.87
C LYS B 73 -16.78 -19.01 -36.78
N TYR B 74 -15.48 -19.26 -36.97
CA TYR B 74 -15.07 -20.33 -37.86
C TYR B 74 -15.62 -21.67 -37.37
N PHE B 75 -15.45 -21.94 -36.08
CA PHE B 75 -16.00 -23.12 -35.44
C PHE B 75 -17.52 -23.20 -35.63
N ASP B 76 -18.23 -22.08 -35.45
CA ASP B 76 -19.68 -22.06 -35.67
C ASP B 76 -20.01 -22.43 -37.10
N ASP B 77 -19.30 -21.84 -38.08
CA ASP B 77 -19.53 -22.17 -39.48
C ASP B 77 -19.44 -23.66 -39.73
N CYS B 78 -18.44 -24.32 -39.13
CA CYS B 78 -18.26 -25.73 -39.43
C CYS B 78 -19.32 -26.58 -38.73
N LEU B 79 -19.73 -26.20 -37.53
CA LEU B 79 -20.82 -26.94 -36.89
C LEU B 79 -22.12 -26.74 -37.63
N ASP B 80 -22.40 -25.49 -38.05
CA ASP B 80 -23.64 -25.24 -38.77
C ASP B 80 -23.62 -25.92 -40.13
N GLU B 81 -22.46 -25.98 -40.79
CA GLU B 81 -22.37 -26.74 -42.03
C GLU B 81 -22.63 -28.21 -41.77
N ALA B 82 -22.08 -28.72 -40.67
CA ALA B 82 -22.20 -30.14 -40.37
C ALA B 82 -23.63 -30.50 -39.96
N LEU B 83 -24.27 -29.66 -39.17
CA LEU B 83 -25.61 -29.90 -38.62
C LEU B 83 -26.48 -28.68 -38.91
N PRO B 84 -27.00 -28.56 -40.13
CA PRO B 84 -27.61 -27.29 -40.55
C PRO B 84 -29.05 -27.08 -40.12
N LYS B 85 -29.79 -28.11 -39.72
CA LYS B 85 -31.20 -27.92 -39.41
C LYS B 85 -31.39 -27.41 -37.99
N GLU B 86 -32.43 -26.59 -37.79
CA GLU B 86 -32.69 -26.05 -36.46
C GLU B 86 -32.97 -27.17 -35.46
N ASP B 87 -33.64 -28.24 -35.89
CA ASP B 87 -33.90 -29.34 -34.98
C ASP B 87 -32.73 -30.32 -34.88
N ASP B 88 -31.56 -29.98 -35.42
CA ASP B 88 -30.34 -30.70 -35.11
C ASP B 88 -29.74 -30.29 -33.77
N TRP B 89 -30.27 -29.26 -33.13
CA TRP B 89 -29.66 -28.68 -31.95
C TRP B 89 -30.70 -28.36 -30.90
N TYR B 90 -30.29 -28.45 -29.64
CA TYR B 90 -31.05 -27.90 -28.53
C TYR B 90 -30.20 -26.85 -27.81
N THR B 91 -30.83 -25.73 -27.46
CA THR B 91 -30.19 -24.67 -26.71
C THR B 91 -30.63 -24.77 -25.26
N HIS B 92 -29.70 -24.56 -24.32
CA HIS B 92 -30.05 -24.60 -22.90
C HIS B 92 -29.34 -23.46 -22.18
N GLN B 93 -29.98 -22.96 -21.13
CA GLN B 93 -29.27 -22.11 -20.19
C GLN B 93 -28.38 -23.01 -19.34
N ARG B 94 -27.19 -22.53 -19.00
CA ARG B 94 -26.40 -23.26 -18.01
C ARG B 94 -27.06 -23.16 -16.65
N ILE B 95 -27.58 -24.27 -16.16
CA ILE B 95 -28.04 -24.37 -14.77
C ILE B 95 -26.98 -25.21 -14.06
N SER B 96 -26.16 -24.58 -13.23
CA SER B 96 -25.06 -25.30 -12.57
C SER B 96 -25.02 -24.97 -11.08
N TYR B 97 -24.70 -25.98 -10.26
CA TYR B 97 -24.71 -25.81 -8.81
C TYR B 97 -23.56 -26.57 -8.16
N VAL B 98 -23.21 -26.13 -6.95
CA VAL B 98 -22.22 -26.79 -6.13
C VAL B 98 -22.95 -27.43 -4.95
N ARG B 99 -22.72 -28.72 -4.76
CA ARG B 99 -23.27 -29.42 -3.61
C ARG B 99 -22.43 -29.09 -2.38
N CYS B 100 -23.06 -28.47 -1.37
CA CYS B 100 -22.33 -28.07 -0.17
C CYS B 100 -23.26 -28.14 1.03
N GLN B 101 -22.91 -28.97 2.01
CA GLN B 101 -23.62 -29.08 3.29
C GLN B 101 -25.13 -29.18 3.09
N GLY B 102 -25.53 -30.15 2.29
CA GLY B 102 -26.92 -30.46 2.04
C GLY B 102 -27.62 -29.51 1.11
N GLN B 103 -26.93 -28.51 0.58
CA GLN B 103 -27.55 -27.50 -0.27
C GLN B 103 -26.95 -27.50 -1.67
N TRP B 104 -27.75 -27.04 -2.61
CA TRP B 104 -27.30 -26.71 -3.95
C TRP B 104 -26.97 -25.22 -4.03
N VAL B 105 -25.68 -24.90 -4.08
CA VAL B 105 -25.22 -23.51 -4.14
C VAL B 105 -24.99 -23.15 -5.60
N PRO B 106 -25.63 -22.09 -6.13
CA PRO B 106 -25.43 -21.72 -7.53
C PRO B 106 -23.98 -21.44 -7.85
N TYR B 107 -23.58 -21.88 -9.04
CA TYR B 107 -22.28 -21.55 -9.59
C TYR B 107 -22.29 -20.11 -10.08
N PRO B 108 -21.19 -19.38 -9.86
CA PRO B 108 -19.99 -19.83 -9.15
C PRO B 108 -20.15 -19.77 -7.64
N PHE B 109 -19.60 -20.76 -6.94
CA PHE B 109 -19.75 -20.87 -5.50
C PHE B 109 -19.38 -19.56 -4.84
N GLN B 110 -18.16 -19.12 -5.13
CA GLN B 110 -17.48 -17.97 -4.56
C GLN B 110 -18.21 -16.67 -4.78
N ASN B 111 -19.34 -16.72 -5.50
CA ASN B 111 -20.14 -15.55 -5.80
C ASN B 111 -21.58 -15.71 -5.30
N ASN B 112 -21.85 -16.74 -4.49
CA ASN B 112 -23.16 -17.17 -4.00
C ASN B 112 -23.12 -17.61 -2.55
N ILE B 113 -22.15 -17.08 -1.80
CA ILE B 113 -21.92 -17.32 -0.37
C ILE B 113 -23.22 -17.12 0.40
N SER B 114 -24.13 -16.33 -0.19
CA SER B 114 -25.45 -16.04 0.38
C SER B 114 -26.26 -17.28 0.70
N MET B 115 -25.95 -18.42 0.07
CA MET B 115 -26.77 -19.62 0.25
C MET B 115 -26.37 -20.47 1.45
N LEU B 116 -25.13 -20.36 1.92
CA LEU B 116 -24.59 -21.15 3.04
C LEU B 116 -25.24 -20.72 4.35
N PRO B 117 -25.08 -21.49 5.43
CA PRO B 117 -25.51 -21.00 6.76
C PRO B 117 -24.80 -19.71 7.15
N LYS B 118 -25.47 -18.90 7.98
CA LYS B 118 -24.93 -17.57 8.28
C LYS B 118 -23.53 -17.67 8.89
N GLU B 119 -23.29 -18.68 9.72
CA GLU B 119 -21.99 -18.87 10.36
C GLU B 119 -20.89 -19.18 9.36
N GLU B 120 -21.18 -19.90 8.27
CA GLU B 120 -20.19 -20.12 7.22
C GLU B 120 -19.96 -18.86 6.41
N GLN B 121 -21.02 -18.06 6.23
CA GLN B 121 -20.89 -16.78 5.54
C GLN B 121 -19.87 -15.90 6.24
N VAL B 122 -19.91 -15.85 7.58
CA VAL B 122 -18.94 -15.06 8.34
C VAL B 122 -17.52 -15.50 8.02
N LYS B 123 -17.25 -16.81 8.09
CA LYS B 123 -15.92 -17.32 7.82
C LYS B 123 -15.50 -16.97 6.39
N CYS B 124 -16.43 -17.11 5.45
CA CYS B 124 -16.10 -16.84 4.05
C CYS B 124 -15.82 -15.36 3.81
N ILE B 125 -16.67 -14.47 4.34
CA ILE B 125 -16.51 -13.05 4.09
C ILE B 125 -15.26 -12.53 4.81
N ASP B 126 -15.03 -12.97 6.04
CA ASP B 126 -13.82 -12.59 6.77
C ASP B 126 -12.58 -12.91 5.95
N GLY B 127 -12.51 -14.12 5.38
CA GLY B 127 -11.36 -14.47 4.58
C GLY B 127 -11.26 -13.61 3.34
N MET B 128 -12.39 -13.26 2.77
CA MET B 128 -12.38 -12.43 1.58
C MET B 128 -12.01 -10.98 1.91
N ILE B 129 -12.33 -10.52 3.13
CA ILE B 129 -11.87 -9.21 3.57
C ILE B 129 -10.33 -9.21 3.66
N ASP B 130 -9.76 -10.24 4.31
CA ASP B 130 -8.31 -10.38 4.39
C ASP B 130 -7.68 -10.36 3.00
N ALA B 131 -8.24 -11.14 2.08
CA ALA B 131 -7.68 -11.17 0.73
C ALA B 131 -7.78 -9.80 0.05
N ALA B 132 -8.88 -9.09 0.26
CA ALA B 132 -9.04 -7.78 -0.40
C ALA B 132 -8.06 -6.74 0.16
N LEU B 133 -7.82 -6.77 1.47
CA LEU B 133 -6.87 -5.82 2.03
C LEU B 133 -5.45 -6.12 1.55
N GLU B 134 -5.05 -7.40 1.51
CA GLU B 134 -3.73 -7.72 0.98
C GLU B 134 -3.65 -7.41 -0.51
N ALA B 135 -4.73 -7.64 -1.26
CA ALA B 135 -4.74 -7.33 -2.68
C ALA B 135 -4.58 -5.84 -2.95
N ARG B 136 -4.98 -4.99 -2.01
CA ARG B 136 -4.81 -3.54 -2.20
C ARG B 136 -3.34 -3.12 -2.26
N VAL B 137 -2.42 -3.89 -1.64
CA VAL B 137 -0.99 -3.59 -1.64
C VAL B 137 -0.17 -4.65 -2.35
N ALA B 138 -0.82 -5.56 -3.09
CA ALA B 138 -0.09 -6.60 -3.82
C ALA B 138 0.64 -5.99 -5.00
N ASN B 139 1.90 -6.37 -5.17
CA ASN B 139 2.70 -5.96 -6.34
C ASN B 139 3.42 -7.14 -6.97
N THR B 140 2.92 -8.36 -6.77
CA THR B 140 3.48 -9.56 -7.38
C THR B 140 2.34 -10.41 -7.93
N LYS B 141 2.68 -11.29 -8.85
CA LYS B 141 1.58 -12.15 -9.23
C LYS B 141 1.63 -13.46 -8.42
N PRO B 142 0.51 -14.10 -8.15
CA PRO B 142 0.57 -15.40 -7.47
C PRO B 142 1.31 -16.42 -8.34
N LYS B 143 2.07 -17.31 -7.70
CA LYS B 143 2.85 -18.27 -8.45
C LYS B 143 2.16 -19.63 -8.60
N THR B 144 1.30 -20.01 -7.67
CA THR B 144 0.59 -21.28 -7.76
C THR B 144 -0.91 -21.04 -7.80
N PHE B 145 -1.60 -22.03 -8.38
CA PHE B 145 -3.07 -22.07 -8.33
C PHE B 145 -3.58 -21.84 -6.91
N ASP B 146 -2.92 -22.44 -5.92
CA ASP B 146 -3.36 -22.26 -4.55
C ASP B 146 -3.23 -20.80 -4.12
N GLU B 147 -2.07 -20.19 -4.35
CA GLU B 147 -1.87 -18.79 -4.00
C GLU B 147 -2.87 -17.91 -4.70
N TRP B 148 -3.19 -18.22 -5.94
CA TRP B 148 -4.21 -17.48 -6.67
C TRP B 148 -5.56 -17.58 -5.95
N ILE B 149 -5.95 -18.80 -5.57
CA ILE B 149 -7.23 -19.01 -4.89
C ILE B 149 -7.29 -18.20 -3.60
N VAL B 150 -6.25 -18.27 -2.79
CA VAL B 150 -6.26 -17.54 -1.53
C VAL B 150 -6.27 -16.04 -1.77
N ARG B 151 -5.46 -15.55 -2.73
CA ARG B 151 -5.34 -14.11 -2.93
C ARG B 151 -6.62 -13.50 -3.47
N MET B 152 -7.41 -14.27 -4.19
CA MET B 152 -8.61 -13.75 -4.82
C MET B 152 -9.88 -14.19 -4.12
N MET B 153 -9.81 -15.10 -3.14
CA MET B 153 -11.00 -15.60 -2.47
C MET B 153 -10.90 -15.64 -0.96
N GLY B 154 -9.70 -15.66 -0.40
CA GLY B 154 -9.54 -15.87 1.01
C GLY B 154 -9.65 -17.33 1.41
N THR B 155 -9.14 -17.60 2.60
CA THR B 155 -9.02 -18.96 3.10
C THR B 155 -10.38 -19.65 3.22
N GLY B 156 -11.39 -18.93 3.72
CA GLY B 156 -12.67 -19.57 4.00
C GLY B 156 -13.26 -20.24 2.78
N ILE B 157 -13.30 -19.54 1.65
CA ILE B 157 -13.80 -20.12 0.41
C ILE B 157 -12.81 -21.14 -0.16
N ALA B 158 -11.51 -20.90 -0.01
CA ALA B 158 -10.53 -21.90 -0.42
C ALA B 158 -10.76 -23.23 0.30
N ASP B 159 -10.90 -23.20 1.63
CA ASP B 159 -11.06 -24.44 2.38
C ASP B 159 -12.40 -25.11 2.15
N LEU B 160 -13.46 -24.34 1.91
CA LEU B 160 -14.80 -24.92 1.75
C LEU B 160 -15.01 -25.51 0.38
N PHE B 161 -14.40 -24.94 -0.65
CA PHE B 161 -14.74 -25.37 -1.98
C PHE B 161 -13.53 -25.60 -2.88
N MET B 162 -12.74 -24.54 -3.13
CA MET B 162 -11.79 -24.55 -4.25
C MET B 162 -10.68 -25.57 -4.05
N ARG B 163 -10.15 -25.67 -2.83
CA ARG B 163 -9.08 -26.62 -2.57
C ARG B 163 -9.56 -28.06 -2.68
N PRO B 164 -10.59 -28.51 -1.93
CA PRO B 164 -10.98 -29.92 -2.07
C PRO B 164 -11.55 -30.22 -3.45
N TYR B 165 -12.27 -29.28 -4.06
CA TYR B 165 -12.83 -29.56 -5.37
C TYR B 165 -11.73 -29.74 -6.41
N ASN B 166 -10.71 -28.89 -6.37
CA ASN B 166 -9.71 -28.94 -7.43
C ASN B 166 -8.81 -30.16 -7.32
N PHE B 167 -8.53 -30.66 -6.11
CA PHE B 167 -7.88 -31.95 -6.01
C PHE B 167 -8.76 -33.04 -6.61
N LYS B 168 -10.09 -33.02 -6.34
CA LYS B 168 -10.95 -34.06 -6.92
C LYS B 168 -11.02 -34.00 -8.45
N VAL B 169 -10.86 -32.81 -9.04
CA VAL B 169 -10.86 -32.71 -10.51
C VAL B 169 -9.50 -33.04 -11.08
N TRP B 170 -8.48 -32.32 -10.62
CA TRP B 170 -7.17 -32.38 -11.25
C TRP B 170 -6.36 -33.58 -10.81
N ALA B 171 -6.76 -34.23 -9.70
CA ALA B 171 -6.01 -35.31 -9.09
C ALA B 171 -4.58 -34.88 -8.72
N VAL B 172 -4.38 -33.57 -8.53
CA VAL B 172 -3.20 -33.01 -7.85
C VAL B 172 -3.65 -31.85 -6.97
N PRO B 173 -2.90 -31.57 -5.92
CA PRO B 173 -3.27 -30.45 -5.03
C PRO B 173 -3.06 -29.12 -5.72
N THR B 174 -3.81 -28.12 -5.25
CA THR B 174 -3.73 -26.79 -5.85
C THR B 174 -2.32 -26.21 -5.76
N THR B 175 -1.53 -26.65 -4.78
CA THR B 175 -0.16 -26.14 -4.62
C THR B 175 0.75 -26.57 -5.75
N LYS B 176 0.37 -27.57 -6.54
CA LYS B 176 1.25 -28.12 -7.57
C LYS B 176 0.96 -27.57 -8.96
N MET B 177 0.01 -26.66 -9.09
CA MET B 177 -0.39 -26.15 -10.39
C MET B 177 -0.04 -24.68 -10.53
N GLN B 178 0.22 -24.28 -11.77
CA GLN B 178 0.38 -22.87 -12.10
C GLN B 178 -1.01 -22.22 -12.10
N CYS B 179 -1.05 -20.91 -12.38
CA CYS B 179 -2.32 -20.16 -12.37
C CYS B 179 -2.51 -19.23 -13.55
N ALA B 180 -1.61 -19.23 -14.54
CA ALA B 180 -1.79 -18.41 -15.74
C ALA B 180 -2.94 -18.91 -16.62
N TRP B 181 -3.30 -20.18 -16.50
CA TRP B 181 -4.29 -20.81 -17.36
C TRP B 181 -5.73 -20.42 -17.08
N LEU B 182 -6.03 -19.80 -15.93
CA LEU B 182 -7.42 -19.78 -15.45
C LEU B 182 -8.22 -18.51 -15.71
N GLY B 183 -7.75 -17.59 -16.55
CA GLY B 183 -8.56 -16.42 -16.85
C GLY B 183 -10.06 -16.66 -17.05
N GLU B 184 -10.43 -17.76 -17.72
CA GLU B 184 -11.78 -18.01 -18.18
C GLU B 184 -12.48 -19.17 -17.45
N ARG B 185 -11.83 -19.75 -16.44
CA ARG B 185 -12.37 -20.93 -15.74
C ARG B 185 -12.76 -20.65 -14.29
N VAL B 186 -12.02 -19.77 -13.61
CA VAL B 186 -12.21 -19.51 -12.18
C VAL B 186 -12.62 -18.06 -12.02
N ALA B 187 -13.79 -17.82 -11.42
CA ALA B 187 -14.23 -16.48 -11.11
C ALA B 187 -13.46 -15.96 -9.91
N ALA B 188 -12.80 -14.79 -10.08
CA ALA B 188 -12.30 -14.18 -8.85
C ALA B 188 -13.39 -13.24 -8.29
N PRO B 189 -13.75 -13.37 -7.01
CA PRO B 189 -14.93 -12.64 -6.50
C PRO B 189 -14.65 -11.20 -6.07
N ASN B 190 -15.63 -10.36 -6.41
CA ASN B 190 -15.69 -8.97 -5.96
C ASN B 190 -16.23 -8.91 -4.54
N LEU B 191 -15.45 -8.33 -3.61
CA LEU B 191 -15.87 -8.26 -2.21
C LEU B 191 -17.21 -7.56 -2.06
N LYS B 192 -17.40 -6.43 -2.73
CA LYS B 192 -18.67 -5.70 -2.61
C LYS B 192 -19.83 -6.50 -3.19
N ALA B 193 -19.66 -7.09 -4.38
CA ALA B 193 -20.74 -7.86 -4.99
C ALA B 193 -21.11 -9.06 -4.12
N VAL B 194 -20.10 -9.77 -3.61
CA VAL B 194 -20.37 -10.94 -2.77
C VAL B 194 -21.03 -10.55 -1.46
N THR B 195 -20.53 -9.50 -0.81
CA THR B 195 -21.14 -9.04 0.44
C THR B 195 -22.55 -8.50 0.20
N THR B 196 -22.75 -7.77 -0.90
CA THR B 196 -24.07 -7.25 -1.19
C THR B 196 -25.08 -8.39 -1.37
N ASN B 197 -24.72 -9.43 -2.11
CA ASN B 197 -25.64 -10.55 -2.29
C ASN B 197 -25.89 -11.30 -0.99
N VAL B 198 -24.90 -11.35 -0.09
CA VAL B 198 -25.15 -11.93 1.22
C VAL B 198 -26.18 -11.10 1.97
N ILE B 199 -26.01 -9.79 2.00
CA ILE B 199 -26.95 -8.94 2.73
C ILE B 199 -28.34 -9.02 2.11
N LEU B 200 -28.43 -9.00 0.78
CA LEU B 200 -29.70 -8.99 0.09
C LEU B 200 -30.31 -10.38 -0.07
N GLY B 201 -29.58 -11.44 0.23
CA GLY B 201 -30.08 -12.78 -0.03
C GLY B 201 -30.28 -13.10 -1.50
N LYS B 202 -29.40 -12.61 -2.36
CA LYS B 202 -29.50 -12.78 -3.81
C LYS B 202 -28.47 -13.80 -4.30
N THR B 203 -28.70 -14.30 -5.51
CA THR B 203 -27.81 -15.21 -6.22
C THR B 203 -27.25 -14.55 -7.49
N ALA B 204 -26.21 -15.17 -8.07
CA ALA B 204 -25.61 -14.68 -9.32
C ALA B 204 -25.00 -15.89 -10.03
N GLY B 205 -25.79 -16.45 -10.95
CA GLY B 205 -25.44 -17.62 -11.75
C GLY B 205 -24.94 -17.43 -13.16
N ASN B 206 -24.61 -16.21 -13.59
CA ASN B 206 -24.37 -15.98 -15.02
C ASN B 206 -22.89 -15.90 -15.41
N TRP B 207 -21.96 -16.13 -14.48
CA TRP B 207 -20.54 -15.95 -14.80
C TRP B 207 -20.05 -17.01 -15.76
N GLY B 208 -19.21 -16.59 -16.72
CA GLY B 208 -18.44 -17.52 -17.53
C GLY B 208 -18.90 -17.65 -18.98
N PRO B 209 -18.09 -18.34 -19.79
CA PRO B 209 -18.39 -18.46 -21.23
C PRO B 209 -19.38 -19.56 -21.60
N ASN B 210 -19.75 -20.46 -20.68
CA ASN B 210 -20.71 -21.52 -20.97
C ASN B 210 -22.06 -21.28 -20.31
N ALA B 211 -22.39 -20.03 -19.99
CA ALA B 211 -23.65 -19.78 -19.30
C ALA B 211 -24.85 -20.09 -20.20
N THR B 212 -24.67 -20.05 -21.53
CA THR B 212 -25.62 -20.66 -22.45
C THR B 212 -24.85 -21.61 -23.36
N PHE B 213 -25.52 -22.66 -23.82
CA PHE B 213 -24.90 -23.62 -24.71
C PHE B 213 -25.93 -24.30 -25.58
N ARG B 214 -25.44 -24.94 -26.65
CA ARG B 214 -26.27 -25.79 -27.47
C ARG B 214 -25.70 -27.21 -27.47
N PHE B 215 -26.59 -28.18 -27.67
CA PHE B 215 -26.18 -29.58 -27.65
C PHE B 215 -26.85 -30.26 -28.83
N PRO B 216 -26.14 -31.16 -29.52
CA PRO B 216 -26.73 -31.81 -30.69
C PRO B 216 -27.93 -32.66 -30.28
N ALA B 217 -28.97 -32.63 -31.10
CA ALA B 217 -30.20 -33.36 -30.80
C ALA B 217 -29.97 -34.87 -30.81
N ARG B 218 -29.08 -35.37 -31.66
CA ARG B 218 -28.89 -36.81 -31.81
C ARG B 218 -27.41 -37.14 -31.84
N GLY B 219 -27.06 -38.33 -31.35
CA GLY B 219 -25.71 -38.83 -31.44
C GLY B 219 -24.72 -38.23 -30.47
N GLY B 220 -25.17 -37.38 -29.55
CA GLY B 220 -24.23 -36.75 -28.64
C GLY B 220 -23.24 -35.85 -29.38
N THR B 221 -22.25 -35.39 -28.62
CA THR B 221 -21.15 -34.62 -29.18
C THR B 221 -20.51 -35.34 -30.37
N GLY B 222 -20.40 -36.66 -30.30
CA GLY B 222 -19.78 -37.40 -31.37
C GLY B 222 -20.50 -37.28 -32.69
N GLY B 223 -21.80 -36.96 -32.66
CA GLY B 223 -22.52 -36.74 -33.89
C GLY B 223 -21.99 -35.53 -34.65
N ILE B 224 -21.60 -34.49 -33.91
CA ILE B 224 -21.00 -33.31 -34.54
C ILE B 224 -19.81 -33.73 -35.40
N TRP B 225 -18.88 -34.45 -34.80
CA TRP B 225 -17.61 -34.69 -35.46
C TRP B 225 -17.73 -35.72 -36.58
N ILE B 226 -18.67 -36.67 -36.44
CA ILE B 226 -19.01 -37.53 -37.56
C ILE B 226 -19.51 -36.69 -38.72
N ALA B 227 -20.43 -35.76 -38.44
CA ALA B 227 -20.99 -34.92 -39.49
C ALA B 227 -19.93 -34.00 -40.10
N VAL B 228 -19.03 -33.45 -39.26
CA VAL B 228 -17.96 -32.61 -39.77
C VAL B 228 -17.03 -33.41 -40.69
N ALA B 229 -16.60 -34.58 -40.22
CA ALA B 229 -15.71 -35.40 -41.03
C ALA B 229 -16.37 -35.81 -42.34
N ASN B 230 -17.69 -35.98 -42.34
CA ASN B 230 -18.37 -36.35 -43.57
C ASN B 230 -18.25 -35.30 -44.65
N THR B 231 -18.00 -34.03 -44.29
CA THR B 231 -17.85 -33.01 -45.33
C THR B 231 -16.50 -33.09 -46.03
N LEU B 232 -15.57 -33.91 -45.53
CA LEU B 232 -14.25 -34.03 -46.13
C LEU B 232 -14.27 -35.01 -47.31
N PRO B 233 -13.36 -34.85 -48.27
CA PRO B 233 -13.23 -35.86 -49.34
C PRO B 233 -12.77 -37.18 -48.75
N LYS B 234 -13.61 -38.22 -48.88
CA LYS B 234 -13.36 -39.50 -48.21
C LYS B 234 -12.00 -40.07 -48.59
N GLU B 235 -11.56 -39.85 -49.82
CA GLU B 235 -10.28 -40.40 -50.27
C GLU B 235 -9.09 -39.74 -49.59
N LYS B 236 -9.28 -38.61 -48.92
CA LYS B 236 -8.21 -37.97 -48.17
C LYS B 236 -8.23 -38.37 -46.70
N THR B 237 -9.08 -39.33 -46.32
CA THR B 237 -9.16 -39.82 -44.95
C THR B 237 -8.75 -41.28 -44.88
N ARG B 238 -8.26 -41.68 -43.72
CA ARG B 238 -7.83 -43.07 -43.51
C ARG B 238 -8.07 -43.39 -42.03
N PHE B 239 -9.30 -43.84 -41.73
CA PHE B 239 -9.76 -44.03 -40.36
C PHE B 239 -9.90 -45.52 -40.06
N GLY B 240 -9.36 -45.95 -38.92
CA GLY B 240 -9.38 -47.35 -38.50
C GLY B 240 -7.97 -47.86 -38.32
N GLU B 241 -7.86 -49.19 -38.20
CA GLU B 241 -6.55 -49.82 -38.12
C GLU B 241 -5.69 -49.48 -39.34
N LYS B 242 -6.32 -49.26 -40.48
CA LYS B 242 -5.58 -48.86 -41.67
C LYS B 242 -4.96 -47.47 -41.54
N GLY B 243 -5.37 -46.68 -40.55
CA GLY B 243 -4.81 -45.35 -40.35
C GLY B 243 -4.11 -45.18 -39.01
N LYS B 244 -3.80 -46.28 -38.33
CA LYS B 244 -3.07 -46.20 -37.07
C LYS B 244 -1.60 -45.95 -37.35
N VAL B 245 -1.06 -44.86 -36.80
CA VAL B 245 0.35 -44.52 -36.94
C VAL B 245 1.17 -45.32 -35.93
N THR B 246 2.22 -45.98 -36.40
CA THR B 246 3.12 -46.71 -35.51
C THR B 246 4.53 -46.15 -35.45
N LYS B 247 5.01 -45.53 -36.53
CA LYS B 247 6.34 -44.95 -36.55
C LYS B 247 6.28 -43.57 -37.18
N VAL B 248 7.00 -42.63 -36.57
CA VAL B 248 7.22 -41.31 -37.15
C VAL B 248 8.73 -41.14 -37.32
N ASN B 249 9.18 -41.01 -38.55
CA ASN B 249 10.59 -40.76 -38.86
C ASN B 249 10.73 -39.29 -39.20
N ALA B 250 11.02 -38.49 -38.17
CA ALA B 250 11.06 -37.03 -38.34
C ALA B 250 12.19 -36.58 -39.27
N ASN B 251 13.28 -37.33 -39.37
CA ASN B 251 14.39 -36.91 -40.22
C ASN B 251 14.08 -37.14 -41.70
N ASN B 252 13.40 -38.22 -42.03
CA ASN B 252 12.99 -38.49 -43.40
C ASN B 252 11.62 -37.94 -43.73
N LYS B 253 10.94 -37.33 -42.75
CA LYS B 253 9.57 -36.85 -42.94
C LYS B 253 8.71 -37.95 -43.55
N THR B 254 8.72 -39.10 -42.85
CA THR B 254 7.98 -40.30 -43.22
C THR B 254 7.23 -40.81 -42.01
N VAL B 255 5.97 -41.19 -42.22
CA VAL B 255 5.15 -41.86 -41.22
C VAL B 255 4.88 -43.27 -41.69
N THR B 256 4.93 -44.23 -40.77
CA THR B 256 4.59 -45.61 -41.07
C THR B 256 3.32 -45.99 -40.32
N LEU B 257 2.37 -46.58 -41.04
CA LEU B 257 1.11 -47.00 -40.45
C LEU B 257 1.18 -48.47 -40.03
N GLN B 258 0.16 -48.89 -39.27
CA GLN B 258 0.17 -50.26 -38.75
C GLN B 258 0.17 -51.30 -39.87
N ASP B 259 -0.59 -51.06 -40.93
CA ASP B 259 -0.59 -51.97 -42.07
C ASP B 259 0.66 -51.88 -42.94
N GLY B 260 1.66 -51.08 -42.57
CA GLY B 260 2.87 -50.97 -43.36
C GLY B 260 2.88 -49.85 -44.37
N THR B 261 1.78 -49.13 -44.54
CA THR B 261 1.75 -48.01 -45.45
C THR B 261 2.69 -46.92 -44.94
N THR B 262 3.50 -46.36 -45.84
CA THR B 262 4.35 -45.22 -45.53
C THR B 262 3.80 -43.97 -46.20
N ILE B 263 3.81 -42.87 -45.45
CA ILE B 263 3.35 -41.58 -45.93
C ILE B 263 4.49 -40.59 -45.77
N GLY B 264 4.92 -40.01 -46.87
CA GLY B 264 5.87 -38.89 -46.81
C GLY B 264 5.09 -37.59 -46.74
N TYR B 265 5.60 -36.66 -45.94
CA TYR B 265 4.97 -35.35 -45.76
C TYR B 265 6.03 -34.26 -45.86
N LYS B 266 5.57 -33.06 -46.20
CA LYS B 266 6.43 -31.89 -46.04
C LYS B 266 6.19 -31.20 -44.71
N LYS B 267 4.95 -31.17 -44.24
CA LYS B 267 4.60 -30.63 -42.94
C LYS B 267 3.66 -31.61 -42.24
N LEU B 268 3.88 -31.80 -40.94
CA LEU B 268 3.09 -32.73 -40.14
C LEU B 268 2.33 -31.96 -39.08
N VAL B 269 1.02 -32.17 -39.04
CA VAL B 269 0.18 -31.70 -37.94
C VAL B 269 -0.19 -32.91 -37.10
N SER B 270 0.44 -33.01 -35.93
CA SER B 270 0.23 -34.17 -35.07
C SER B 270 -0.67 -33.77 -33.91
N THR B 271 -1.83 -34.42 -33.82
CA THR B 271 -2.75 -34.17 -32.72
C THR B 271 -2.84 -35.35 -31.75
N MET B 272 -2.05 -36.40 -31.96
CA MET B 272 -1.99 -37.43 -30.94
C MET B 272 -1.27 -36.84 -29.72
N ALA B 273 -1.43 -37.48 -28.58
CA ALA B 273 -0.75 -37.03 -27.37
C ALA B 273 0.75 -36.94 -27.62
N VAL B 274 1.37 -35.84 -27.18
CA VAL B 274 2.75 -35.59 -27.60
C VAL B 274 3.68 -36.65 -27.01
N ASP B 275 3.34 -37.23 -25.87
CA ASP B 275 4.16 -38.32 -25.31
C ASP B 275 4.08 -39.56 -26.20
N PHE B 276 2.89 -39.87 -26.76
CA PHE B 276 2.79 -40.93 -27.76
C PHE B 276 3.64 -40.60 -28.97
N LEU B 277 3.61 -39.34 -29.42
CA LEU B 277 4.39 -38.95 -30.58
C LEU B 277 5.88 -39.17 -30.33
N ALA B 278 6.36 -38.80 -29.14
CA ALA B 278 7.78 -38.97 -28.83
C ALA B 278 8.19 -40.44 -28.91
N GLU B 279 7.33 -41.34 -28.42
CA GLU B 279 7.57 -42.78 -28.53
C GLU B 279 7.55 -43.24 -29.98
N ALA B 280 6.54 -42.81 -30.74
CA ALA B 280 6.47 -43.18 -32.15
C ALA B 280 7.67 -42.64 -32.92
N MET B 281 8.26 -41.54 -32.44
CA MET B 281 9.44 -40.98 -33.09
C MET B 281 10.72 -41.72 -32.70
N ASN B 282 10.66 -42.60 -31.71
CA ASN B 282 11.84 -43.25 -31.14
C ASN B 282 12.92 -42.22 -30.83
N ASP B 283 12.47 -41.10 -30.27
CA ASP B 283 13.33 -39.98 -29.89
C ASP B 283 13.40 -39.96 -28.37
N GLN B 284 14.47 -40.56 -27.83
CA GLN B 284 14.55 -40.74 -26.37
C GLN B 284 14.62 -39.40 -25.65
N GLU B 285 15.31 -38.43 -26.22
CA GLU B 285 15.33 -37.11 -25.60
C GLU B 285 13.91 -36.58 -25.43
N LEU B 286 13.11 -36.66 -26.49
CA LEU B 286 11.73 -36.18 -26.40
C LEU B 286 10.86 -37.08 -25.51
N VAL B 287 11.10 -38.39 -25.51
CA VAL B 287 10.37 -39.26 -24.59
C VAL B 287 10.62 -38.82 -23.15
N GLY B 288 11.90 -38.59 -22.81
CA GLY B 288 12.20 -38.14 -21.46
C GLY B 288 11.53 -36.83 -21.12
N LEU B 289 11.53 -35.88 -22.06
CA LEU B 289 10.89 -34.59 -21.83
C LEU B 289 9.38 -34.74 -21.68
N THR B 290 8.75 -35.50 -22.58
CA THR B 290 7.29 -35.63 -22.48
C THR B 290 6.89 -36.34 -21.19
N LYS B 291 7.75 -37.24 -20.69
CA LYS B 291 7.48 -37.90 -19.42
C LYS B 291 7.51 -36.94 -18.23
N GLN B 292 8.06 -35.74 -18.40
CA GLN B 292 7.99 -34.71 -17.35
C GLN B 292 6.67 -33.96 -17.34
N LEU B 293 5.82 -34.14 -18.35
CA LEU B 293 4.48 -33.57 -18.31
C LEU B 293 3.62 -34.41 -17.37
N PHE B 294 2.52 -33.83 -16.96
CA PHE B 294 1.61 -34.53 -16.06
C PHE B 294 0.21 -34.51 -16.66
N TYR B 295 -0.51 -35.62 -16.50
CA TYR B 295 -1.90 -35.68 -16.92
C TYR B 295 -2.69 -36.56 -15.96
N SER B 296 -3.98 -36.34 -15.88
CA SER B 296 -4.87 -37.22 -15.14
C SER B 296 -5.69 -38.05 -16.10
N SER B 297 -6.04 -39.26 -15.66
CA SER B 297 -7.02 -40.09 -16.35
C SER B 297 -8.43 -39.74 -15.87
N THR B 298 -9.41 -39.99 -16.74
CA THR B 298 -10.81 -39.69 -16.45
C THR B 298 -11.64 -40.96 -16.55
N HIS B 299 -12.37 -41.29 -15.50
CA HIS B 299 -13.39 -42.33 -15.52
C HIS B 299 -14.74 -41.67 -15.79
N VAL B 300 -15.43 -42.10 -16.83
CA VAL B 300 -16.80 -41.67 -17.08
C VAL B 300 -17.74 -42.77 -16.61
N ILE B 301 -18.66 -42.45 -15.71
CA ILE B 301 -19.68 -43.38 -15.27
C ILE B 301 -21.03 -42.86 -15.74
N GLY B 302 -21.83 -43.75 -16.32
CA GLY B 302 -23.18 -43.42 -16.76
C GLY B 302 -24.18 -44.25 -16.01
N VAL B 303 -25.27 -43.59 -15.57
CA VAL B 303 -26.34 -44.27 -14.84
C VAL B 303 -27.67 -43.89 -15.48
N GLY B 304 -28.36 -44.87 -16.02
CA GLY B 304 -29.71 -44.69 -16.56
C GLY B 304 -30.72 -45.09 -15.50
N VAL B 305 -31.70 -44.22 -15.27
CA VAL B 305 -32.67 -44.36 -14.17
C VAL B 305 -34.09 -44.36 -14.73
N ARG B 306 -34.96 -45.21 -14.19
CA ARG B 306 -36.36 -45.20 -14.55
C ARG B 306 -37.12 -44.09 -13.81
N GLY B 307 -38.01 -43.44 -14.52
CA GLY B 307 -38.91 -42.48 -13.92
C GLY B 307 -38.92 -41.19 -14.71
N SER B 308 -40.04 -40.47 -14.63
CA SER B 308 -40.02 -39.08 -15.08
C SER B 308 -38.99 -38.33 -14.24
N ARG B 309 -38.45 -37.28 -14.83
CA ARG B 309 -37.41 -36.49 -14.18
C ARG B 309 -37.86 -35.99 -12.80
N PRO B 310 -37.17 -36.35 -11.73
CA PRO B 310 -37.59 -35.93 -10.38
C PRO B 310 -37.54 -34.42 -10.21
N GLU B 311 -38.46 -33.91 -9.38
CA GLU B 311 -38.50 -32.48 -9.10
C GLU B 311 -37.17 -31.99 -8.51
N ARG B 312 -36.53 -32.80 -7.66
CA ARG B 312 -35.26 -32.41 -7.04
C ARG B 312 -34.14 -32.24 -8.07
N ILE B 313 -34.26 -32.91 -9.22
CA ILE B 313 -33.29 -32.76 -10.31
C ILE B 313 -33.64 -31.54 -11.15
N GLY B 314 -34.88 -31.47 -11.63
CA GLY B 314 -35.36 -30.30 -12.35
C GLY B 314 -34.50 -30.04 -13.58
N ASP B 315 -34.26 -28.75 -13.85
CA ASP B 315 -33.51 -28.32 -15.03
C ASP B 315 -32.00 -28.31 -14.82
N LYS B 316 -31.48 -28.89 -13.74
CA LYS B 316 -30.04 -28.89 -13.50
C LYS B 316 -29.29 -29.48 -14.69
N CYS B 317 -28.16 -28.87 -15.03
CA CYS B 317 -27.35 -29.33 -16.15
C CYS B 317 -26.11 -30.07 -15.68
N TRP B 318 -25.17 -29.38 -15.04
CA TRP B 318 -24.05 -30.06 -14.41
C TRP B 318 -23.85 -29.50 -13.02
N LEU B 319 -23.19 -30.31 -12.20
CA LEU B 319 -23.12 -30.14 -10.76
C LEU B 319 -21.73 -30.45 -10.26
N TYR B 320 -21.27 -29.68 -9.27
CA TYR B 320 -19.93 -29.82 -8.71
C TYR B 320 -20.00 -30.42 -7.30
N PHE B 321 -19.02 -31.26 -6.97
CA PHE B 321 -19.04 -31.98 -5.71
C PHE B 321 -17.68 -31.88 -5.03
N PRO B 322 -17.45 -30.81 -4.26
CA PRO B 322 -16.20 -30.71 -3.49
C PRO B 322 -16.08 -31.70 -2.34
N GLU B 323 -17.20 -32.24 -1.84
CA GLU B 323 -17.17 -32.98 -0.59
C GLU B 323 -16.74 -34.42 -0.82
N ASP B 324 -16.36 -35.10 0.27
CA ASP B 324 -15.77 -36.42 0.19
C ASP B 324 -16.79 -37.53 0.41
N ASN B 325 -18.08 -37.22 0.27
CA ASN B 325 -19.10 -38.24 0.38
C ASN B 325 -19.45 -38.87 -0.96
N CYS B 326 -18.67 -38.59 -2.01
CA CYS B 326 -18.89 -39.18 -3.32
C CYS B 326 -17.59 -39.10 -4.08
N PRO B 327 -17.30 -40.07 -4.97
CA PRO B 327 -15.99 -40.06 -5.66
C PRO B 327 -15.92 -39.11 -6.84
N PHE B 328 -17.05 -38.76 -7.43
CA PHE B 328 -17.04 -37.94 -8.63
C PHE B 328 -16.93 -36.46 -8.28
N TYR B 329 -16.27 -35.71 -9.16
CA TYR B 329 -16.19 -34.26 -9.00
C TYR B 329 -17.32 -33.54 -9.75
N ARG B 330 -17.86 -34.16 -10.80
CA ARG B 330 -18.95 -33.57 -11.56
C ARG B 330 -20.02 -34.61 -11.91
N ALA B 331 -21.28 -34.18 -11.89
CA ALA B 331 -22.41 -34.94 -12.41
C ALA B 331 -23.12 -34.11 -13.47
N THR B 332 -23.54 -34.77 -14.54
CA THR B 332 -24.30 -34.11 -15.59
C THR B 332 -25.65 -34.81 -15.72
N ILE B 333 -26.72 -34.02 -15.71
CA ILE B 333 -28.03 -34.57 -16.01
C ILE B 333 -28.11 -34.70 -17.53
N PHE B 334 -27.50 -35.75 -18.06
CA PHE B 334 -27.30 -35.86 -19.50
C PHE B 334 -28.63 -35.96 -20.24
N SER B 335 -29.67 -36.45 -19.56
CA SER B 335 -30.98 -36.53 -20.16
C SER B 335 -31.62 -35.17 -20.34
N ASN B 336 -31.15 -34.13 -19.65
CA ASN B 336 -31.66 -32.78 -19.92
C ASN B 336 -31.08 -32.17 -21.19
N TYR B 337 -30.01 -32.73 -21.76
CA TYR B 337 -29.38 -32.12 -22.92
C TYR B 337 -30.13 -32.45 -24.21
N SER B 338 -30.72 -33.65 -24.30
CA SER B 338 -31.51 -34.03 -25.47
C SER B 338 -32.42 -35.17 -25.08
N PRO B 339 -33.66 -35.22 -25.58
CA PRO B 339 -34.48 -36.41 -25.36
C PRO B 339 -33.90 -37.66 -26.01
N TYR B 340 -32.99 -37.52 -26.98
CA TYR B 340 -32.45 -38.69 -27.66
C TYR B 340 -31.15 -39.20 -27.06
N ASN B 341 -30.78 -38.70 -25.88
CA ASN B 341 -29.67 -39.27 -25.14
C ASN B 341 -30.05 -40.52 -24.36
N GLN B 342 -31.32 -40.92 -24.41
CA GLN B 342 -31.80 -42.08 -23.65
C GLN B 342 -33.06 -42.59 -24.33
N PRO B 343 -33.50 -43.81 -24.03
CA PRO B 343 -34.62 -44.40 -24.78
C PRO B 343 -35.91 -43.63 -24.56
N GLU B 344 -36.81 -43.80 -25.54
CA GLU B 344 -38.19 -43.34 -25.42
C GLU B 344 -38.87 -43.98 -24.22
N ALA B 345 -39.93 -43.34 -23.76
CA ALA B 345 -40.64 -43.80 -22.57
C ALA B 345 -41.25 -45.18 -22.78
N SER B 346 -41.63 -45.53 -24.01
CA SER B 346 -42.26 -46.83 -24.24
C SER B 346 -41.24 -47.96 -24.31
N ALA B 347 -39.95 -47.65 -24.38
CA ALA B 347 -38.97 -48.72 -24.40
C ALA B 347 -39.01 -49.47 -23.08
N ALA B 348 -39.10 -50.79 -23.16
CA ALA B 348 -39.22 -51.63 -21.98
C ALA B 348 -37.83 -52.13 -21.59
N LEU B 349 -37.50 -51.99 -20.31
CA LEU B 349 -36.21 -52.34 -19.78
C LEU B 349 -36.39 -52.91 -18.38
N PRO B 350 -35.71 -53.99 -18.05
CA PRO B 350 -35.72 -54.47 -16.67
C PRO B 350 -34.85 -53.60 -15.77
N THR B 351 -35.14 -53.66 -14.49
CA THR B 351 -34.32 -52.99 -13.50
C THR B 351 -33.05 -53.81 -13.26
N MET B 352 -31.89 -53.21 -13.47
CA MET B 352 -30.65 -53.93 -13.19
C MET B 352 -30.35 -53.95 -11.69
N GLN B 353 -30.56 -52.83 -11.03
CA GLN B 353 -30.33 -52.77 -9.60
C GLN B 353 -31.09 -51.55 -9.09
N LEU B 354 -31.27 -51.52 -7.78
CA LEU B 354 -31.71 -50.31 -7.11
C LEU B 354 -30.50 -49.47 -6.74
N ALA B 355 -30.75 -48.19 -6.50
CA ALA B 355 -29.66 -47.27 -6.19
C ALA B 355 -28.95 -47.66 -4.91
N ASP B 356 -29.64 -48.36 -4.00
CA ASP B 356 -29.01 -48.79 -2.76
C ASP B 356 -28.16 -50.04 -2.93
N GLY B 357 -28.00 -50.53 -4.16
CA GLY B 357 -27.18 -51.70 -4.42
C GLY B 357 -27.93 -53.02 -4.51
N SER B 358 -29.19 -53.09 -4.08
CA SER B 358 -29.84 -54.39 -4.08
C SER B 358 -30.28 -54.77 -5.50
N ARG B 359 -30.54 -56.07 -5.66
CA ARG B 359 -31.10 -56.61 -6.88
C ARG B 359 -32.61 -56.41 -6.86
N PRO B 360 -33.22 -56.22 -8.03
CA PRO B 360 -34.68 -56.15 -8.08
C PRO B 360 -35.26 -57.54 -7.84
N GLN B 361 -36.52 -57.56 -7.41
CA GLN B 361 -37.21 -58.84 -7.23
C GLN B 361 -37.35 -59.58 -8.57
N SER B 362 -37.85 -58.89 -9.59
CA SER B 362 -38.18 -59.49 -10.87
C SER B 362 -37.31 -58.99 -12.01
N THR B 363 -37.23 -59.82 -13.05
CA THR B 363 -36.64 -59.47 -14.32
C THR B 363 -37.64 -58.82 -15.29
N GLU B 364 -38.79 -58.37 -14.79
CA GLU B 364 -39.82 -57.79 -15.65
C GLU B 364 -39.29 -56.54 -16.36
N ALA B 365 -39.43 -56.50 -17.68
CA ALA B 365 -39.11 -55.28 -18.41
C ALA B 365 -40.29 -54.31 -18.24
N LYS B 366 -40.00 -53.13 -17.73
CA LYS B 366 -41.03 -52.12 -17.55
C LYS B 366 -40.68 -50.92 -18.41
N GLU B 367 -41.68 -50.07 -18.64
CA GLU B 367 -41.47 -48.92 -19.49
C GLU B 367 -40.84 -47.78 -18.71
N GLY B 368 -40.51 -46.71 -19.43
CA GLY B 368 -39.98 -45.50 -18.83
C GLY B 368 -41.03 -44.55 -18.29
N PRO B 369 -40.82 -43.23 -18.41
CA PRO B 369 -39.66 -42.64 -19.07
C PRO B 369 -38.36 -42.84 -18.30
N TYR B 370 -37.29 -42.35 -18.88
CA TYR B 370 -35.95 -42.55 -18.34
C TYR B 370 -35.23 -41.21 -18.24
N TRP B 371 -34.39 -41.08 -17.24
CA TRP B 371 -33.44 -39.99 -17.19
C TRP B 371 -32.06 -40.58 -16.93
N SER B 372 -31.02 -39.73 -16.98
CA SER B 372 -29.67 -40.25 -17.13
C SER B 372 -28.65 -39.32 -16.50
N ILE B 373 -27.73 -39.88 -15.69
CA ILE B 373 -26.71 -39.13 -15.00
C ILE B 373 -25.34 -39.57 -15.52
N MET B 374 -24.49 -38.61 -15.85
CA MET B 374 -23.13 -38.89 -16.29
C MET B 374 -22.15 -38.27 -15.31
N LEU B 375 -21.23 -39.08 -14.79
CA LEU B 375 -20.33 -38.73 -13.70
C LEU B 375 -18.89 -38.83 -14.18
N GLU B 376 -18.03 -38.00 -13.59
CA GLU B 376 -16.60 -38.05 -13.88
C GLU B 376 -15.79 -38.20 -12.60
N VAL B 377 -14.83 -39.12 -12.61
CA VAL B 377 -13.91 -39.36 -11.52
C VAL B 377 -12.52 -39.24 -12.09
N SER B 378 -11.63 -38.53 -11.39
CA SER B 378 -10.27 -38.36 -11.87
C SER B 378 -9.35 -39.38 -11.21
N GLU B 379 -8.26 -39.70 -11.90
CA GLU B 379 -7.24 -40.64 -11.43
C GLU B 379 -5.87 -40.11 -11.82
N SER B 380 -4.90 -40.25 -10.94
CA SER B 380 -3.52 -39.94 -11.28
C SER B 380 -2.60 -40.71 -10.36
N SER B 381 -1.29 -40.58 -10.60
CA SER B 381 -0.31 -41.20 -9.71
C SER B 381 -0.42 -40.69 -8.29
N MET B 382 -1.01 -39.51 -8.09
CA MET B 382 -1.28 -38.98 -6.77
C MET B 382 -2.69 -39.28 -6.27
N LYS B 383 -3.49 -40.01 -7.04
CA LYS B 383 -4.89 -40.21 -6.66
C LYS B 383 -5.38 -41.49 -7.31
N PRO B 384 -5.06 -42.65 -6.73
CA PRO B 384 -5.49 -43.91 -7.33
C PRO B 384 -7.00 -44.09 -7.22
N VAL B 385 -7.51 -44.93 -8.12
CA VAL B 385 -8.93 -45.21 -8.23
C VAL B 385 -9.08 -46.73 -8.34
N ASN B 386 -9.97 -47.30 -7.54
CA ASN B 386 -10.27 -48.72 -7.61
C ASN B 386 -11.21 -48.95 -8.78
N GLN B 387 -10.67 -49.44 -9.90
CA GLN B 387 -11.47 -49.58 -11.12
C GLN B 387 -12.62 -50.56 -10.94
N GLU B 388 -12.45 -51.57 -10.08
CA GLU B 388 -13.45 -52.62 -9.95
C GLU B 388 -14.67 -52.14 -9.18
N THR B 389 -14.53 -51.15 -8.32
CA THR B 389 -15.65 -50.70 -7.49
C THR B 389 -16.15 -49.31 -7.85
N ILE B 390 -15.51 -48.63 -8.81
CA ILE B 390 -15.80 -47.21 -8.99
C ILE B 390 -17.26 -47.00 -9.38
N LEU B 391 -17.84 -47.95 -10.14
CA LEU B 391 -19.25 -47.82 -10.51
C LEU B 391 -20.15 -47.84 -9.28
N ALA B 392 -19.98 -48.84 -8.42
CA ALA B 392 -20.78 -48.93 -7.21
C ALA B 392 -20.51 -47.76 -6.27
N ASP B 393 -19.25 -47.31 -6.20
CA ASP B 393 -18.95 -46.15 -5.37
C ASP B 393 -19.65 -44.90 -5.92
N CYS B 394 -19.70 -44.76 -7.24
CA CYS B 394 -20.42 -43.63 -7.82
C CYS B 394 -21.91 -43.70 -7.48
N ILE B 395 -22.52 -44.87 -7.62
CA ILE B 395 -23.95 -45.00 -7.34
C ILE B 395 -24.23 -44.70 -5.88
N GLN B 396 -23.41 -45.21 -4.97
CA GLN B 396 -23.55 -44.87 -3.55
C GLN B 396 -23.36 -43.38 -3.33
N GLY B 397 -22.42 -42.75 -4.05
CA GLY B 397 -22.26 -41.31 -3.96
C GLY B 397 -23.50 -40.57 -4.42
N LEU B 398 -24.22 -41.12 -5.41
CA LEU B 398 -25.48 -40.53 -5.84
C LEU B 398 -26.52 -40.60 -4.73
N VAL B 399 -26.53 -41.70 -3.98
CA VAL B 399 -27.43 -41.79 -2.82
C VAL B 399 -27.01 -40.81 -1.73
N ASN B 400 -25.70 -40.74 -1.43
CA ASN B 400 -25.19 -39.84 -0.38
C ASN B 400 -25.56 -38.38 -0.66
N THR B 401 -25.54 -37.98 -1.93
CA THR B 401 -25.83 -36.60 -2.30
C THR B 401 -27.32 -36.37 -2.59
N GLU B 402 -28.16 -37.38 -2.36
CA GLU B 402 -29.61 -37.34 -2.57
C GLU B 402 -29.99 -37.11 -4.03
N MET B 403 -29.06 -37.34 -4.96
CA MET B 403 -29.46 -37.31 -6.36
C MET B 403 -30.27 -38.54 -6.73
N LEU B 404 -30.01 -39.67 -6.09
CA LEU B 404 -30.84 -40.86 -6.21
C LEU B 404 -31.39 -41.24 -4.84
N LYS B 405 -32.63 -41.64 -4.80
CA LYS B 405 -33.20 -42.28 -3.64
C LYS B 405 -32.75 -43.73 -3.59
N PRO B 406 -32.67 -44.32 -2.39
CA PRO B 406 -32.30 -45.75 -2.30
C PRO B 406 -33.14 -46.65 -3.19
N THR B 407 -34.41 -46.30 -3.41
CA THR B 407 -35.36 -47.11 -4.16
C THR B 407 -35.32 -46.86 -5.67
N ASP B 408 -34.55 -45.88 -6.13
CA ASP B 408 -34.55 -45.59 -7.56
C ASP B 408 -34.10 -46.82 -8.35
N GLU B 409 -34.69 -47.00 -9.52
CA GLU B 409 -34.45 -48.18 -10.36
C GLU B 409 -33.47 -47.83 -11.46
N ILE B 410 -32.30 -48.45 -11.42
CA ILE B 410 -31.25 -48.24 -12.41
C ILE B 410 -31.41 -49.29 -13.52
N VAL B 411 -31.47 -48.82 -14.76
CA VAL B 411 -31.74 -49.71 -15.89
C VAL B 411 -30.57 -49.83 -16.85
N SER B 412 -29.49 -49.09 -16.61
CA SER B 412 -28.33 -49.12 -17.50
C SER B 412 -27.15 -48.52 -16.76
N THR B 413 -25.99 -49.13 -16.91
CA THR B 413 -24.76 -48.59 -16.35
C THR B 413 -23.69 -48.55 -17.44
N TYR B 414 -22.72 -47.68 -17.21
CA TYR B 414 -21.64 -47.44 -18.15
C TYR B 414 -20.43 -47.00 -17.34
N HIS B 415 -19.26 -47.53 -17.69
CA HIS B 415 -18.02 -47.11 -17.08
C HIS B 415 -16.92 -47.26 -18.10
N ARG B 416 -16.19 -46.17 -18.34
CA ARG B 416 -15.04 -46.26 -19.23
C ARG B 416 -13.94 -45.37 -18.68
N ARG B 417 -12.70 -45.86 -18.76
CA ARG B 417 -11.53 -45.13 -18.31
C ARG B 417 -10.77 -44.60 -19.53
N PHE B 418 -10.50 -43.31 -19.53
CA PHE B 418 -9.72 -42.67 -20.58
C PHE B 418 -8.36 -42.27 -19.99
N ASP B 419 -7.30 -42.90 -20.48
CA ASP B 419 -5.99 -42.73 -19.85
C ASP B 419 -5.54 -41.27 -19.86
N HIS B 420 -5.55 -40.63 -21.03
CA HIS B 420 -5.29 -39.20 -21.13
C HIS B 420 -6.62 -38.46 -21.07
N GLY B 421 -6.96 -37.93 -19.88
CA GLY B 421 -8.20 -37.20 -19.71
C GLY B 421 -8.00 -35.70 -19.65
N TYR B 422 -7.17 -35.24 -18.71
CA TYR B 422 -6.85 -33.82 -18.61
C TYR B 422 -5.34 -33.62 -18.69
N PRO B 423 -4.86 -32.69 -19.51
CA PRO B 423 -3.47 -32.25 -19.40
C PRO B 423 -3.35 -31.28 -18.22
N THR B 424 -2.49 -31.61 -17.28
CA THR B 424 -2.49 -30.89 -16.01
C THR B 424 -1.66 -29.61 -16.14
N PRO B 425 -2.23 -28.39 -15.76
CA PRO B 425 -1.37 -27.20 -15.71
C PRO B 425 -0.49 -27.19 -14.46
N THR B 426 0.49 -28.10 -14.41
CA THR B 426 1.46 -28.09 -13.32
C THR B 426 2.37 -26.87 -13.41
N LEU B 427 3.06 -26.59 -12.28
CA LEU B 427 4.09 -25.54 -12.30
C LEU B 427 5.13 -25.79 -13.38
N GLU B 428 5.43 -27.06 -13.66
CA GLU B 428 6.51 -27.40 -14.59
C GLU B 428 6.08 -27.42 -16.04
N ARG B 429 4.78 -27.35 -16.33
CA ARG B 429 4.29 -27.58 -17.70
C ARG B 429 4.98 -26.67 -18.72
N GLU B 430 4.97 -25.35 -18.48
CA GLU B 430 5.49 -24.44 -19.50
C GLU B 430 6.98 -24.63 -19.73
N GLY B 431 7.75 -24.79 -18.65
CA GLY B 431 9.18 -25.03 -18.82
C GLY B 431 9.48 -26.28 -19.63
N THR B 432 8.67 -27.32 -19.45
CA THR B 432 8.86 -28.54 -20.23
C THR B 432 8.39 -28.34 -21.67
N LEU B 433 7.25 -27.68 -21.86
CA LEU B 433 6.72 -27.47 -23.19
C LEU B 433 7.67 -26.61 -24.04
N THR B 434 8.31 -25.62 -23.43
CA THR B 434 9.21 -24.80 -24.24
C THR B 434 10.48 -25.55 -24.64
N GLN B 435 10.74 -26.73 -24.07
CA GLN B 435 11.76 -27.60 -24.61
C GLN B 435 11.19 -28.56 -25.65
N ILE B 436 9.91 -28.95 -25.55
CA ILE B 436 9.35 -29.95 -26.46
C ILE B 436 8.89 -29.31 -27.77
N LEU B 437 7.93 -28.39 -27.69
CA LEU B 437 7.29 -27.89 -28.90
C LEU B 437 8.24 -27.24 -29.90
N PRO B 438 9.21 -26.40 -29.51
CA PRO B 438 10.14 -25.85 -30.53
C PRO B 438 11.03 -26.90 -31.16
N LYS B 439 11.43 -27.95 -30.43
CA LYS B 439 12.22 -29.02 -31.04
C LYS B 439 11.41 -29.75 -32.11
N LEU B 440 10.12 -29.96 -31.86
CA LEU B 440 9.27 -30.52 -32.91
C LEU B 440 9.09 -29.53 -34.03
N GLN B 441 8.97 -28.24 -33.69
CA GLN B 441 8.81 -27.20 -34.71
C GLN B 441 9.99 -27.19 -35.68
N ASP B 442 11.21 -27.38 -35.17
CA ASP B 442 12.39 -27.39 -36.02
C ASP B 442 12.40 -28.57 -36.98
N LYS B 443 11.58 -29.59 -36.74
CA LYS B 443 11.48 -30.72 -37.65
C LYS B 443 10.19 -30.64 -38.49
N ASP B 444 9.55 -29.46 -38.53
CA ASP B 444 8.31 -29.26 -39.29
C ASP B 444 7.17 -30.14 -38.79
N ILE B 445 7.11 -30.30 -37.47
CA ILE B 445 6.03 -31.01 -36.81
C ILE B 445 5.26 -30.01 -35.97
N TRP B 446 4.00 -29.78 -36.32
CA TRP B 446 3.08 -28.97 -35.52
C TRP B 446 2.34 -29.91 -34.58
N SER B 447 2.80 -30.02 -33.35
CA SER B 447 2.11 -30.85 -32.35
C SER B 447 1.07 -29.98 -31.65
N ARG B 448 -0.20 -30.31 -31.80
CA ARG B 448 -1.28 -29.42 -31.42
C ARG B 448 -2.46 -30.22 -30.89
N GLY B 449 -3.14 -29.67 -29.90
CA GLY B 449 -4.36 -30.27 -29.41
C GLY B 449 -4.35 -30.38 -27.90
N ARG B 450 -5.41 -31.00 -27.38
CA ARG B 450 -5.55 -31.14 -25.94
C ARG B 450 -4.32 -31.81 -25.35
N PHE B 451 -3.84 -32.88 -26.00
CA PHE B 451 -2.57 -33.50 -25.64
C PHE B 451 -1.50 -33.34 -26.71
N GLY B 452 -1.86 -32.85 -27.89
CA GLY B 452 -0.83 -32.50 -28.86
C GLY B 452 0.05 -31.38 -28.35
N SER B 453 -0.54 -30.37 -27.71
CA SER B 453 0.21 -29.27 -27.13
C SER B 453 -0.06 -29.06 -25.64
N TRP B 454 -0.99 -29.80 -25.05
CA TRP B 454 -1.04 -30.05 -23.60
C TRP B 454 -1.49 -28.84 -22.77
N ARG B 455 -2.18 -27.87 -23.37
CA ARG B 455 -2.63 -26.69 -22.63
C ARG B 455 -4.15 -26.76 -22.47
N TYR B 456 -4.58 -27.09 -21.24
CA TYR B 456 -5.98 -27.27 -20.93
C TYR B 456 -6.79 -26.01 -21.24
N GLU B 457 -6.23 -24.83 -20.99
CA GLU B 457 -6.99 -23.60 -21.18
C GLU B 457 -7.34 -23.36 -22.64
N VAL B 458 -6.73 -24.08 -23.58
CA VAL B 458 -7.16 -24.07 -24.97
C VAL B 458 -7.38 -25.50 -25.39
N GLY B 459 -7.96 -26.28 -24.47
CA GLY B 459 -8.21 -27.69 -24.70
C GLY B 459 -9.66 -28.07 -24.89
N ASN B 460 -10.58 -27.10 -25.04
CA ASN B 460 -11.98 -27.38 -25.34
C ASN B 460 -12.14 -27.74 -26.81
N GLN B 461 -13.37 -28.09 -27.19
CA GLN B 461 -13.63 -28.51 -28.57
C GLN B 461 -13.40 -27.36 -29.54
N ASP B 462 -13.86 -26.15 -29.20
CA ASP B 462 -13.65 -25.03 -30.11
C ASP B 462 -12.18 -24.60 -30.14
N HIS B 463 -11.54 -24.49 -28.97
CA HIS B 463 -10.10 -24.18 -28.95
C HIS B 463 -9.29 -25.23 -29.71
N SER B 464 -9.58 -26.51 -29.45
CA SER B 464 -8.87 -27.61 -30.11
C SER B 464 -9.03 -27.55 -31.62
N PHE B 465 -10.28 -27.47 -32.08
CA PHE B 465 -10.57 -27.30 -33.49
C PHE B 465 -9.75 -26.18 -34.08
N MET B 466 -9.73 -25.03 -33.41
CA MET B 466 -9.01 -23.88 -33.94
C MET B 466 -7.51 -24.06 -33.83
N LEU B 467 -7.01 -24.81 -32.84
CA LEU B 467 -5.58 -25.14 -32.87
C LEU B 467 -5.20 -25.84 -34.17
N GLY B 468 -6.03 -26.77 -34.64
CA GLY B 468 -5.78 -27.38 -35.93
C GLY B 468 -5.97 -26.43 -37.09
N VAL B 469 -7.02 -25.61 -37.05
CA VAL B 469 -7.27 -24.64 -38.11
C VAL B 469 -6.09 -23.68 -38.21
N GLU B 470 -5.67 -23.11 -37.08
CA GLU B 470 -4.60 -22.12 -37.08
C GLU B 470 -3.25 -22.72 -37.43
N ALA B 471 -3.02 -23.98 -37.06
CA ALA B 471 -1.79 -24.66 -37.47
C ALA B 471 -1.67 -24.70 -38.99
N VAL B 472 -2.76 -25.08 -39.66
CA VAL B 472 -2.77 -25.09 -41.13
C VAL B 472 -2.60 -23.69 -41.67
N ASP B 473 -3.29 -22.73 -41.06
CA ASP B 473 -3.19 -21.33 -41.49
C ASP B 473 -1.76 -20.82 -41.34
N ASN B 474 -1.06 -21.26 -40.31
CA ASN B 474 0.36 -20.92 -40.14
C ASN B 474 1.23 -21.58 -41.21
N ILE B 475 0.96 -22.83 -41.52
CA ILE B 475 1.73 -23.57 -42.52
C ILE B 475 1.56 -22.96 -43.91
N VAL B 476 0.33 -22.59 -44.26
CA VAL B 476 -0.02 -22.19 -45.62
C VAL B 476 0.03 -20.67 -45.79
N ASN B 477 -0.54 -19.91 -44.84
CA ASN B 477 -0.78 -18.49 -45.02
C ASN B 477 0.07 -17.60 -44.11
N GLY B 478 1.00 -18.18 -43.36
CA GLY B 478 1.83 -17.37 -42.47
C GLY B 478 1.09 -16.77 -41.30
N ALA B 479 -0.02 -17.38 -40.90
CA ALA B 479 -0.85 -16.84 -39.82
C ALA B 479 -0.19 -17.02 -38.46
N VAL B 480 -0.50 -16.10 -37.55
CA VAL B 480 -0.13 -16.29 -36.15
C VAL B 480 -0.98 -17.39 -35.54
N GLU B 481 -0.34 -18.32 -34.84
CA GLU B 481 -1.06 -19.31 -34.05
C GLU B 481 -1.46 -18.65 -32.73
N LEU B 482 -2.59 -17.95 -32.77
CA LEU B 482 -3.01 -17.15 -31.63
C LEU B 482 -3.49 -18.02 -30.48
N THR B 483 -4.29 -19.05 -30.79
CA THR B 483 -4.86 -19.90 -29.74
C THR B 483 -3.78 -20.67 -28.99
N LEU B 484 -2.79 -21.18 -29.71
CA LEU B 484 -1.73 -21.96 -29.09
C LEU B 484 -1.00 -21.15 -28.02
N ASN B 485 -0.65 -19.90 -28.33
CA ASN B 485 0.26 -19.12 -27.50
C ASN B 485 -0.39 -17.99 -26.73
N TYR B 486 -1.61 -17.60 -27.06
CA TYR B 486 -2.25 -16.47 -26.37
C TYR B 486 -3.69 -16.81 -26.00
N PRO B 487 -3.89 -17.77 -25.09
CA PRO B 487 -5.27 -18.13 -24.70
C PRO B 487 -6.10 -16.94 -24.22
N ASP B 488 -5.51 -16.03 -23.43
CA ASP B 488 -6.24 -14.86 -22.96
C ASP B 488 -6.66 -13.98 -24.12
N PHE B 489 -5.82 -13.87 -25.14
CA PHE B 489 -6.15 -13.04 -26.29
C PHE B 489 -7.36 -13.59 -27.05
N VAL B 490 -7.34 -14.88 -27.40
CA VAL B 490 -8.50 -15.38 -28.15
C VAL B 490 -9.73 -15.49 -27.27
N ASN B 491 -9.56 -15.80 -25.97
CA ASN B 491 -10.73 -15.93 -25.12
C ASN B 491 -11.39 -14.60 -24.80
N GLY B 492 -10.67 -13.49 -24.93
CA GLY B 492 -11.23 -12.20 -24.56
C GLY B 492 -11.85 -11.40 -25.67
N ARG B 493 -12.02 -11.96 -26.87
CA ARG B 493 -12.53 -11.22 -28.01
C ARG B 493 -13.52 -12.10 -28.77
N GLN B 494 -14.27 -11.49 -29.69
CA GLN B 494 -15.06 -12.26 -30.63
C GLN B 494 -14.16 -12.52 -31.84
N ASN B 495 -13.86 -13.79 -32.09
CA ASN B 495 -12.97 -14.16 -33.19
C ASN B 495 -13.80 -14.35 -34.46
N THR B 496 -14.08 -13.23 -35.11
CA THR B 496 -15.00 -13.20 -36.23
C THR B 496 -14.31 -13.21 -37.59
N GLU B 497 -12.99 -12.99 -37.65
CA GLU B 497 -12.36 -12.70 -38.94
C GLU B 497 -12.31 -13.91 -39.86
N ARG B 498 -11.96 -15.07 -39.33
CA ARG B 498 -11.73 -16.25 -40.15
C ARG B 498 -13.05 -17.00 -40.33
N ARG B 499 -13.39 -17.30 -41.58
CA ARG B 499 -14.67 -17.90 -41.89
C ARG B 499 -14.44 -19.14 -42.73
N LEU B 500 -15.46 -20.01 -42.76
CA LEU B 500 -15.41 -21.19 -43.62
C LEU B 500 -15.39 -20.80 -45.10
N VAL B 501 -15.93 -19.64 -45.45
CA VAL B 501 -15.78 -19.07 -46.79
C VAL B 501 -15.11 -17.71 -46.62
N ASP B 502 -13.82 -17.65 -46.94
CA ASP B 502 -13.05 -16.41 -46.88
C ASP B 502 -13.04 -15.75 -48.26
N GLY B 503 -12.51 -14.52 -48.32
CA GLY B 503 -12.41 -13.84 -49.59
C GLY B 503 -11.74 -14.68 -50.66
N ALA B 504 -10.68 -15.40 -50.28
CA ALA B 504 -9.96 -16.26 -51.23
C ALA B 504 -10.92 -17.16 -52.00
N GLN B 505 -11.85 -17.79 -51.30
CA GLN B 505 -12.78 -18.70 -51.98
C GLN B 505 -13.85 -17.91 -52.75
N VAL B 506 -14.31 -16.78 -52.21
CA VAL B 506 -15.28 -15.95 -52.91
C VAL B 506 -14.70 -15.46 -54.23
N PHE B 507 -13.50 -14.87 -54.18
CA PHE B 507 -12.91 -14.32 -55.41
C PHE B 507 -12.56 -15.40 -56.41
N ALA B 508 -12.14 -16.58 -55.93
CA ALA B 508 -11.78 -17.65 -56.84
C ALA B 508 -12.99 -18.13 -57.64
N LYS B 509 -14.18 -18.16 -57.01
CA LYS B 509 -15.38 -18.64 -57.67
C LYS B 509 -15.87 -17.70 -58.76
N SER B 510 -15.36 -16.48 -58.83
CA SER B 510 -15.69 -15.57 -59.93
C SER B 510 -14.79 -15.84 -61.14
N HIS C 6 -1.36 47.17 51.47
CA HIS C 6 -1.69 45.80 51.83
C HIS C 6 -3.18 45.51 51.61
N PRO C 7 -3.48 44.35 51.02
CA PRO C 7 -4.88 43.98 50.75
C PRO C 7 -5.55 43.39 51.99
N ASP C 8 -6.88 43.21 51.87
CA ASP C 8 -7.68 42.75 53.01
C ASP C 8 -7.29 41.34 53.46
N ILE C 9 -7.07 40.43 52.51
CA ILE C 9 -6.72 39.05 52.79
C ILE C 9 -5.51 38.70 51.94
N SER C 10 -4.60 37.88 52.50
CA SER C 10 -3.44 37.40 51.77
C SER C 10 -3.33 35.89 51.93
N VAL C 11 -3.21 35.18 50.80
CA VAL C 11 -3.00 33.75 50.78
C VAL C 11 -1.93 33.43 49.75
N ASP C 12 -1.30 32.27 49.92
CA ASP C 12 -0.31 31.83 48.94
C ASP C 12 -0.97 31.48 47.61
N VAL C 13 -2.08 30.74 47.66
CA VAL C 13 -2.77 30.26 46.47
C VAL C 13 -4.25 30.61 46.59
N LEU C 14 -4.75 31.40 45.64
CA LEU C 14 -6.16 31.73 45.56
C LEU C 14 -6.80 30.92 44.45
N VAL C 15 -7.96 30.32 44.74
CA VAL C 15 -8.73 29.54 43.78
C VAL C 15 -10.02 30.29 43.48
N ILE C 16 -10.25 30.58 42.20
CA ILE C 16 -11.50 31.18 41.75
C ILE C 16 -12.36 30.10 41.14
N GLY C 17 -13.54 29.88 41.73
CA GLY C 17 -14.48 28.90 41.21
C GLY C 17 -14.53 27.62 42.02
N ALA C 18 -15.74 27.16 42.30
CA ALA C 18 -15.98 25.96 43.10
C ALA C 18 -16.86 24.96 42.36
N GLY C 19 -16.69 24.88 41.05
CA GLY C 19 -17.09 23.72 40.29
C GLY C 19 -16.10 22.59 40.55
N PRO C 20 -16.22 21.50 39.79
CA PRO C 20 -15.26 20.39 39.97
C PRO C 20 -13.80 20.80 39.92
N THR C 21 -13.41 21.69 39.01
CA THR C 21 -12.01 22.07 38.88
C THR C 21 -11.51 22.77 40.14
N GLY C 22 -12.19 23.83 40.56
CA GLY C 22 -11.74 24.54 41.76
C GLY C 22 -11.78 23.67 43.00
N LEU C 23 -12.79 22.80 43.12
CA LEU C 23 -12.86 21.91 44.27
C LEU C 23 -11.72 20.90 44.23
N GLY C 24 -11.29 20.50 43.03
CA GLY C 24 -10.09 19.69 42.94
C GLY C 24 -8.87 20.42 43.48
N ALA C 25 -8.69 21.69 43.07
CA ALA C 25 -7.61 22.50 43.61
C ALA C 25 -7.70 22.61 45.13
N ALA C 26 -8.90 22.91 45.64
CA ALA C 26 -9.09 23.04 47.08
C ALA C 26 -8.79 21.74 47.81
N LYS C 27 -9.22 20.60 47.24
CA LYS C 27 -9.01 19.32 47.91
C LYS C 27 -7.52 18.99 48.01
N ARG C 28 -6.77 19.24 46.95
CA ARG C 28 -5.34 18.99 47.00
C ARG C 28 -4.66 19.95 47.96
N LEU C 29 -5.05 21.23 47.92
CA LEU C 29 -4.49 22.21 48.86
C LEU C 29 -4.81 21.82 50.30
N ASN C 30 -6.04 21.39 50.55
CA ASN C 30 -6.40 21.01 51.92
C ASN C 30 -5.67 19.76 52.35
N GLN C 31 -5.45 18.84 51.43
CA GLN C 31 -4.71 17.63 51.74
C GLN C 31 -3.25 17.95 52.06
N ILE C 32 -2.59 18.73 51.21
CA ILE C 32 -1.18 19.07 51.44
C ILE C 32 -1.04 19.85 52.74
N ASP C 33 -1.93 20.82 52.95
CA ASP C 33 -1.99 21.62 54.17
C ASP C 33 -0.65 22.29 54.46
N GLY C 34 -0.06 22.86 53.40
CA GLY C 34 1.17 23.61 53.54
C GLY C 34 0.93 25.10 53.30
N PRO C 35 1.05 25.53 52.06
CA PRO C 35 0.73 26.93 51.73
C PRO C 35 -0.70 27.29 52.11
N SER C 36 -0.89 28.53 52.54
CA SER C 36 -2.21 29.04 52.82
C SER C 36 -3.01 29.20 51.52
N TRP C 37 -4.34 29.18 51.66
CA TRP C 37 -5.18 29.24 50.48
C TRP C 37 -6.60 29.61 50.88
N MET C 38 -7.38 30.00 49.86
CA MET C 38 -8.82 30.11 50.01
C MET C 38 -9.44 29.92 48.63
N ILE C 39 -10.73 29.58 48.62
CA ILE C 39 -11.48 29.39 47.39
C ILE C 39 -12.71 30.27 47.43
N VAL C 40 -13.02 30.91 46.30
CA VAL C 40 -14.19 31.78 46.18
C VAL C 40 -15.06 31.30 45.04
N ASP C 41 -16.35 31.56 45.15
CA ASP C 41 -17.31 31.34 44.07
C ASP C 41 -18.43 32.33 44.26
N SER C 42 -18.98 32.83 43.14
CA SER C 42 -20.08 33.80 43.21
C SER C 42 -21.40 33.13 43.56
N ASN C 43 -21.48 31.81 43.51
CA ASN C 43 -22.67 31.06 43.89
C ASN C 43 -22.52 30.56 45.33
N GLU C 44 -23.62 30.62 46.07
CA GLU C 44 -23.63 30.13 47.45
C GLU C 44 -23.48 28.62 47.53
N THR C 45 -23.84 27.90 46.46
CA THR C 45 -23.79 26.45 46.41
C THR C 45 -22.65 26.02 45.51
N PRO C 46 -21.69 25.24 46.01
CA PRO C 46 -20.61 24.76 45.15
C PRO C 46 -21.15 23.80 44.10
N GLY C 47 -20.37 23.62 43.03
CA GLY C 47 -20.74 22.67 42.00
C GLY C 47 -20.65 23.19 40.58
N GLY C 48 -20.74 24.51 40.41
CA GLY C 48 -20.64 25.08 39.07
C GLY C 48 -21.64 24.47 38.12
N LEU C 49 -21.19 24.21 36.89
CA LEU C 49 -21.96 23.54 35.86
C LEU C 49 -22.20 22.07 36.15
N ALA C 50 -21.77 21.56 37.31
CA ALA C 50 -22.13 20.21 37.73
C ALA C 50 -23.19 20.24 38.83
N SER C 51 -23.85 21.38 39.00
CA SER C 51 -24.94 21.51 39.96
C SER C 51 -26.20 20.82 39.47
N THR C 52 -27.20 20.79 40.35
CA THR C 52 -28.50 20.17 40.09
C THR C 52 -29.60 21.13 40.50
N ASP C 53 -30.51 21.41 39.56
CA ASP C 53 -31.72 22.16 39.86
C ASP C 53 -32.88 21.21 40.16
N VAL C 54 -33.92 21.76 40.76
CA VAL C 54 -35.13 21.00 41.04
C VAL C 54 -36.34 21.88 40.69
N THR C 55 -37.30 21.31 39.95
CA THR C 55 -38.48 22.06 39.58
C THR C 55 -39.38 22.22 40.80
N PRO C 56 -40.30 23.20 40.77
CA PRO C 56 -41.25 23.33 41.88
C PRO C 56 -42.04 22.06 42.12
N GLU C 57 -42.18 21.20 41.13
CA GLU C 57 -42.92 19.96 41.26
C GLU C 57 -42.05 18.82 41.80
N GLY C 58 -40.76 19.06 42.02
CA GLY C 58 -39.89 18.08 42.66
C GLY C 58 -39.11 17.18 41.73
N PHE C 59 -38.88 17.60 40.49
CA PHE C 59 -38.06 16.84 39.55
C PHE C 59 -36.66 17.48 39.47
N LEU C 60 -35.64 16.66 39.67
CA LEU C 60 -34.25 17.13 39.58
C LEU C 60 -33.78 17.09 38.14
N TYR C 61 -32.99 18.09 37.74
CA TYR C 61 -32.31 18.02 36.46
C TYR C 61 -30.88 18.52 36.64
N ASP C 62 -29.91 17.73 36.18
CA ASP C 62 -28.52 18.13 36.14
C ASP C 62 -28.28 19.14 35.05
N VAL C 63 -27.17 19.87 35.18
CA VAL C 63 -26.71 20.79 34.16
C VAL C 63 -25.89 20.13 33.04
N ALA C 66 -23.76 14.49 33.86
CA ALA C 66 -24.59 13.41 34.41
C ALA C 66 -23.79 12.14 34.73
N VAL C 67 -23.31 11.41 33.70
CA VAL C 67 -22.69 10.11 33.93
C VAL C 67 -21.19 10.29 34.12
N ILE C 68 -20.64 9.59 35.11
CA ILE C 68 -19.24 9.67 35.50
C ILE C 68 -18.51 8.42 35.03
N PHE C 69 -17.40 8.60 34.31
CA PHE C 69 -16.37 7.57 34.19
C PHE C 69 -15.07 8.16 34.72
N SER C 70 -14.47 7.49 35.70
CA SER C 70 -13.30 8.03 36.38
C SER C 70 -12.00 7.40 35.86
N HIS C 71 -11.03 8.24 35.51
CA HIS C 71 -9.71 7.78 35.15
C HIS C 71 -8.70 7.86 36.28
N TYR C 72 -9.14 8.23 37.49
CA TYR C 72 -8.18 8.56 38.55
C TYR C 72 -8.64 8.04 39.91
N LYS C 73 -7.74 7.31 40.58
CA LYS C 73 -8.02 6.90 41.96
C LYS C 73 -8.22 8.10 42.85
N TYR C 74 -7.53 9.21 42.57
CA TYR C 74 -7.65 10.39 43.43
C TYR C 74 -9.08 10.92 43.41
N PHE C 75 -9.66 11.03 42.23
CA PHE C 75 -11.06 11.40 42.08
C PHE C 75 -11.98 10.43 42.83
N ASP C 76 -11.73 9.12 42.69
CA ASP C 76 -12.53 8.13 43.42
C ASP C 76 -12.43 8.35 44.93
N ASP C 77 -11.21 8.55 45.43
CA ASP C 77 -11.02 8.79 46.86
C ASP C 77 -11.87 9.95 47.36
N CYS C 78 -11.95 11.03 46.57
CA CYS C 78 -12.69 12.20 47.03
C CYS C 78 -14.20 11.95 46.96
N LEU C 79 -14.65 11.24 45.93
CA LEU C 79 -16.07 10.92 45.87
C LEU C 79 -16.46 9.95 46.98
N ASP C 80 -15.59 8.96 47.26
CA ASP C 80 -15.88 8.01 48.33
C ASP C 80 -15.86 8.69 49.69
N GLU C 81 -14.96 9.67 49.88
CA GLU C 81 -14.97 10.43 51.12
C GLU C 81 -16.25 11.24 51.25
N ALA C 82 -16.69 11.85 50.16
CA ALA C 82 -17.86 12.71 50.23
C ALA C 82 -19.14 11.91 50.45
N LEU C 83 -19.25 10.75 49.81
CA LEU C 83 -20.47 9.94 49.85
C LEU C 83 -20.06 8.49 50.16
N PRO C 84 -19.79 8.18 51.43
CA PRO C 84 -19.13 6.90 51.75
C PRO C 84 -20.05 5.69 51.89
N LYS C 85 -21.36 5.88 52.04
CA LYS C 85 -22.24 4.74 52.26
C LYS C 85 -22.59 4.08 50.93
N GLU C 86 -22.76 2.75 50.97
CA GLU C 86 -23.11 2.03 49.75
C GLU C 86 -24.45 2.51 49.18
N ASP C 87 -25.37 2.90 50.03
CA ASP C 87 -26.65 3.43 49.58
C ASP C 87 -26.60 4.92 49.26
N ASP C 88 -25.41 5.54 49.24
CA ASP C 88 -25.28 6.88 48.68
C ASP C 88 -25.26 6.88 47.16
N TRP C 89 -25.17 5.71 46.53
CA TRP C 89 -24.97 5.61 45.09
C TRP C 89 -25.84 4.50 44.52
N TYR C 90 -26.22 4.65 43.25
CA TYR C 90 -26.84 3.59 42.46
C TYR C 90 -25.96 3.30 41.26
N THR C 91 -25.79 2.02 40.95
CA THR C 91 -24.98 1.57 39.82
C THR C 91 -25.88 1.13 38.68
N HIS C 92 -25.50 1.47 37.46
CA HIS C 92 -26.28 1.11 36.29
C HIS C 92 -25.31 0.73 35.18
N GLN C 93 -25.78 -0.11 34.26
CA GLN C 93 -25.01 -0.33 33.05
C GLN C 93 -25.10 0.88 32.11
N ARG C 94 -24.05 1.04 31.29
CA ARG C 94 -23.92 2.18 30.38
C ARG C 94 -24.73 1.92 29.10
N ILE C 95 -26.04 1.97 29.24
CA ILE C 95 -26.99 1.58 28.18
C ILE C 95 -27.37 2.80 27.34
N SER C 96 -26.95 2.81 26.07
CA SER C 96 -27.21 3.95 25.19
C SER C 96 -27.62 3.47 23.79
N TYR C 97 -28.43 4.28 23.13
CA TYR C 97 -28.97 3.96 21.81
C TYR C 97 -28.99 5.19 20.92
N VAL C 98 -28.96 4.93 19.63
CA VAL C 98 -29.08 5.96 18.60
C VAL C 98 -30.46 5.81 17.98
N ARG C 99 -31.24 6.90 17.97
CA ARG C 99 -32.52 6.92 17.28
C ARG C 99 -32.26 7.10 15.78
N CYS C 100 -32.67 6.13 14.97
CA CYS C 100 -32.43 6.19 13.54
C CYS C 100 -33.58 5.50 12.81
N GLN C 101 -34.28 6.26 11.98
CA GLN C 101 -35.32 5.72 11.10
C GLN C 101 -36.25 4.75 11.83
N GLY C 102 -36.85 5.26 12.90
CA GLY C 102 -37.82 4.51 13.67
C GLY C 102 -37.26 3.44 14.59
N GLN C 103 -35.93 3.29 14.69
CA GLN C 103 -35.33 2.24 15.50
C GLN C 103 -34.51 2.84 16.62
N TRP C 104 -34.44 2.12 17.75
CA TRP C 104 -33.44 2.39 18.77
C TRP C 104 -32.27 1.46 18.46
N VAL C 105 -31.20 2.03 17.92
CA VAL C 105 -30.03 1.26 17.48
C VAL C 105 -29.00 1.29 18.59
N PRO C 106 -28.57 0.13 19.11
CA PRO C 106 -27.58 0.13 20.20
C PRO C 106 -26.29 0.81 19.78
N TYR C 107 -25.70 1.56 20.71
CA TYR C 107 -24.40 2.15 20.52
C TYR C 107 -23.36 1.02 20.78
N PRO C 108 -22.28 0.94 19.97
CA PRO C 108 -21.95 1.85 18.85
C PRO C 108 -22.76 1.54 17.59
N PHE C 109 -23.13 2.63 16.91
CA PHE C 109 -24.06 2.56 15.77
C PHE C 109 -23.62 1.52 14.74
N GLN C 110 -22.35 1.54 14.37
CA GLN C 110 -21.92 0.75 13.23
C GLN C 110 -22.01 -0.76 13.49
N ASN C 111 -21.97 -1.20 14.76
CA ASN C 111 -22.12 -2.62 15.03
C ASN C 111 -23.57 -3.06 15.02
N ASN C 112 -24.50 -2.18 14.64
CA ASN C 112 -25.89 -2.55 14.80
C ASN C 112 -26.73 -2.12 13.61
N ILE C 113 -26.10 -1.77 12.49
CA ILE C 113 -26.83 -1.39 11.29
C ILE C 113 -27.73 -2.50 10.76
N SER C 114 -27.57 -3.75 11.24
CA SER C 114 -28.49 -4.81 10.84
C SER C 114 -29.96 -4.46 11.14
N MET C 115 -30.20 -3.49 12.03
CA MET C 115 -31.55 -2.99 12.29
C MET C 115 -32.10 -2.13 11.15
N LEU C 116 -31.26 -1.66 10.24
CA LEU C 116 -31.68 -0.75 9.17
C LEU C 116 -32.17 -1.55 7.97
N PRO C 117 -32.86 -0.88 7.04
CA PRO C 117 -33.24 -1.58 5.81
C PRO C 117 -32.02 -2.10 5.06
N LYS C 118 -32.23 -3.21 4.34
CA LYS C 118 -31.13 -3.91 3.69
C LYS C 118 -30.40 -3.02 2.70
N GLU C 119 -31.15 -2.19 1.97
CA GLU C 119 -30.52 -1.32 0.98
C GLU C 119 -29.53 -0.37 1.65
N GLU C 120 -29.83 0.05 2.88
CA GLU C 120 -28.91 0.92 3.63
C GLU C 120 -27.74 0.13 4.19
N GLN C 121 -27.96 -1.11 4.61
CA GLN C 121 -26.84 -1.93 5.05
C GLN C 121 -25.82 -2.06 3.92
N VAL C 122 -26.31 -2.30 2.69
CA VAL C 122 -25.43 -2.38 1.53
C VAL C 122 -24.62 -1.09 1.39
N LYS C 123 -25.30 0.06 1.42
CA LYS C 123 -24.62 1.34 1.28
C LYS C 123 -23.59 1.54 2.39
N CYS C 124 -23.96 1.17 3.62
CA CYS C 124 -23.05 1.34 4.75
C CYS C 124 -21.83 0.45 4.62
N ILE C 125 -22.05 -0.83 4.30
CA ILE C 125 -20.94 -1.75 4.20
C ILE C 125 -20.02 -1.38 3.05
N ASP C 126 -20.61 -1.02 1.90
CA ASP C 126 -19.81 -0.55 0.77
C ASP C 126 -18.93 0.63 1.16
N GLY C 127 -19.50 1.59 1.90
CA GLY C 127 -18.70 2.72 2.33
C GLY C 127 -17.61 2.32 3.29
N MET C 128 -17.90 1.38 4.20
CA MET C 128 -16.88 0.95 5.13
C MET C 128 -15.80 0.11 4.45
N ILE C 129 -16.16 -0.63 3.40
CA ILE C 129 -15.14 -1.32 2.60
C ILE C 129 -14.20 -0.30 1.98
N ASP C 130 -14.75 0.75 1.35
CA ASP C 130 -13.93 1.83 0.79
C ASP C 130 -12.98 2.39 1.84
N ALA C 131 -13.51 2.68 3.03
CA ALA C 131 -12.69 3.23 4.11
C ALA C 131 -11.61 2.25 4.54
N ALA C 132 -11.94 0.95 4.59
CA ALA C 132 -10.93 -0.01 5.04
C ALA C 132 -9.80 -0.13 4.02
N LEU C 133 -10.12 -0.10 2.73
CA LEU C 133 -9.09 -0.18 1.71
C LEU C 133 -8.23 1.08 1.72
N GLU C 134 -8.83 2.25 1.90
CA GLU C 134 -8.05 3.48 2.01
C GLU C 134 -7.21 3.47 3.29
N ALA C 135 -7.75 2.95 4.40
CA ALA C 135 -6.95 2.91 5.61
C ALA C 135 -5.74 2.00 5.45
N ARG C 136 -5.84 1.00 4.56
CA ARG C 136 -4.73 0.08 4.37
C ARG C 136 -3.52 0.77 3.76
N VAL C 137 -3.72 1.85 2.99
CA VAL C 137 -2.61 2.57 2.36
C VAL C 137 -2.47 3.98 2.89
N ALA C 138 -3.14 4.30 4.01
CA ALA C 138 -3.09 5.64 4.57
C ALA C 138 -1.70 5.94 5.12
N ASN C 139 -1.21 7.15 4.84
CA ASN C 139 0.05 7.58 5.44
C ASN C 139 -0.02 9.01 5.98
N THR C 140 -1.22 9.51 6.29
CA THR C 140 -1.38 10.83 6.89
C THR C 140 -2.39 10.72 8.01
N LYS C 141 -2.36 11.69 8.87
CA LYS C 141 -3.38 11.71 9.91
C LYS C 141 -4.58 12.54 9.45
N PRO C 142 -5.79 12.24 9.90
CA PRO C 142 -6.92 13.11 9.55
C PRO C 142 -6.73 14.49 10.17
N LYS C 143 -7.15 15.51 9.42
CA LYS C 143 -6.96 16.89 9.87
C LYS C 143 -8.22 17.49 10.46
N THR C 144 -9.40 17.02 10.08
CA THR C 144 -10.67 17.50 10.61
C THR C 144 -11.44 16.36 11.24
N PHE C 145 -12.33 16.73 12.17
CA PHE C 145 -13.30 15.80 12.73
C PHE C 145 -14.04 15.06 11.62
N ASP C 146 -14.43 15.77 10.55
CA ASP C 146 -15.14 15.12 9.46
C ASP C 146 -14.27 14.02 8.82
N GLU C 147 -13.00 14.33 8.50
CA GLU C 147 -12.14 13.30 7.92
C GLU C 147 -11.98 12.11 8.86
N TRP C 148 -11.84 12.38 10.15
CA TRP C 148 -11.74 11.30 11.12
C TRP C 148 -12.99 10.42 11.09
N ILE C 149 -14.17 11.04 11.01
CA ILE C 149 -15.41 10.27 10.98
C ILE C 149 -15.45 9.38 9.74
N VAL C 150 -15.15 9.94 8.57
CA VAL C 150 -15.24 9.18 7.33
C VAL C 150 -14.25 8.02 7.35
N ARG C 151 -13.04 8.26 7.85
CA ARG C 151 -12.04 7.21 7.84
C ARG C 151 -12.39 6.08 8.79
N MET C 152 -13.05 6.38 9.91
CA MET C 152 -13.52 5.38 10.85
C MET C 152 -14.73 4.60 10.33
N MET C 153 -15.66 5.31 9.67
CA MET C 153 -16.98 4.76 9.41
C MET C 153 -17.31 4.54 7.95
N GLY C 154 -16.64 5.24 7.02
CA GLY C 154 -17.10 5.27 5.66
C GLY C 154 -18.27 6.24 5.49
N THR C 155 -18.52 6.62 4.24
CA THR C 155 -19.49 7.69 3.95
C THR C 155 -20.91 7.33 4.44
N GLY C 156 -21.37 6.12 4.13
CA GLY C 156 -22.75 5.75 4.45
C GLY C 156 -23.05 5.84 5.94
N ILE C 157 -22.17 5.28 6.75
CA ILE C 157 -22.39 5.30 8.19
C ILE C 157 -22.17 6.70 8.76
N ALA C 158 -21.19 7.42 8.24
CA ALA C 158 -20.99 8.82 8.64
C ALA C 158 -22.27 9.63 8.42
N ASP C 159 -22.86 9.51 7.24
CA ASP C 159 -24.05 10.30 6.89
C ASP C 159 -25.26 9.94 7.75
N LEU C 160 -25.32 8.70 8.25
CA LEU C 160 -26.49 8.31 9.02
C LEU C 160 -26.42 8.81 10.47
N PHE C 161 -25.24 8.89 11.06
CA PHE C 161 -25.20 9.19 12.48
C PHE C 161 -24.21 10.30 12.84
N MET C 162 -22.90 10.03 12.74
CA MET C 162 -21.94 10.93 13.35
C MET C 162 -21.91 12.31 12.68
N ARG C 163 -22.09 12.39 11.36
CA ARG C 163 -22.10 13.73 10.75
C ARG C 163 -23.29 14.56 11.21
N PRO C 164 -24.55 14.14 10.98
CA PRO C 164 -25.66 15.01 11.41
C PRO C 164 -25.74 15.14 12.91
N TYR C 165 -25.39 14.09 13.66
CA TYR C 165 -25.44 14.18 15.11
C TYR C 165 -24.46 15.22 15.66
N ASN C 166 -23.24 15.25 15.14
CA ASN C 166 -22.25 16.15 15.73
C ASN C 166 -22.53 17.61 15.39
N PHE C 167 -23.15 17.89 14.25
CA PHE C 167 -23.63 19.25 14.05
C PHE C 167 -24.67 19.63 15.11
N LYS C 168 -25.59 18.74 15.42
CA LYS C 168 -26.59 19.02 16.45
C LYS C 168 -25.95 19.16 17.83
N VAL C 169 -24.82 18.49 18.07
CA VAL C 169 -24.13 18.58 19.35
C VAL C 169 -23.33 19.87 19.44
N TRP C 170 -22.41 20.07 18.50
CA TRP C 170 -21.42 21.13 18.57
C TRP C 170 -21.92 22.46 18.03
N ALA C 171 -23.01 22.45 17.26
CA ALA C 171 -23.51 23.64 16.58
C ALA C 171 -22.48 24.23 15.63
N VAL C 172 -21.53 23.41 15.19
CA VAL C 172 -20.69 23.70 14.04
C VAL C 172 -20.54 22.42 13.23
N PRO C 173 -20.30 22.56 11.93
CA PRO C 173 -20.18 21.35 11.10
C PRO C 173 -18.88 20.63 11.40
N THR C 174 -18.89 19.32 11.17
CA THR C 174 -17.73 18.49 11.49
C THR C 174 -16.49 18.92 10.72
N THR C 175 -16.65 19.56 9.57
CA THR C 175 -15.51 19.99 8.77
C THR C 175 -14.74 21.12 9.43
N LYS C 176 -15.33 21.80 10.40
CA LYS C 176 -14.73 22.94 11.08
C LYS C 176 -14.08 22.57 12.40
N MET C 177 -14.06 21.29 12.77
CA MET C 177 -13.48 20.89 14.04
C MET C 177 -12.19 20.11 13.81
N GLN C 178 -11.26 20.22 14.76
CA GLN C 178 -10.09 19.37 14.75
C GLN C 178 -10.52 17.98 15.21
N CYS C 179 -9.59 17.03 15.21
CA CYS C 179 -9.90 15.67 15.64
C CYS C 179 -8.88 15.07 16.59
N ALA C 180 -7.83 15.82 16.97
CA ALA C 180 -6.86 15.31 17.93
C ALA C 180 -7.51 15.10 19.29
N TRP C 181 -8.58 15.85 19.59
CA TRP C 181 -9.23 15.77 20.90
C TRP C 181 -9.87 14.41 21.13
N LEU C 182 -9.96 13.58 20.09
CA LEU C 182 -10.60 12.28 20.19
C LEU C 182 -9.62 11.19 20.60
N GLY C 183 -8.32 11.46 20.57
CA GLY C 183 -7.32 10.49 20.99
C GLY C 183 -6.40 10.09 19.86
N GLU C 184 -5.42 9.27 20.20
CA GLU C 184 -4.34 8.91 19.27
C GLU C 184 -4.66 7.66 18.44
N ARG C 185 -5.76 6.96 18.76
CA ARG C 185 -6.14 5.76 18.03
C ARG C 185 -6.31 6.05 16.54
N VAL C 186 -5.77 5.17 15.70
CA VAL C 186 -5.79 5.36 14.27
C VAL C 186 -7.24 5.36 13.76
N ALA C 187 -7.53 6.28 12.84
CA ALA C 187 -8.88 6.40 12.27
C ALA C 187 -9.01 5.40 11.12
N ALA C 188 -9.66 4.27 11.41
CA ALA C 188 -9.75 3.14 10.51
C ALA C 188 -10.93 2.28 10.94
N PRO C 189 -11.60 1.61 10.01
CA PRO C 189 -12.78 0.81 10.38
C PRO C 189 -12.45 -0.60 10.84
N ASN C 190 -13.31 -1.13 11.72
CA ASN C 190 -13.28 -2.57 12.00
C ASN C 190 -14.30 -3.21 11.07
N LEU C 191 -13.86 -3.43 9.84
CA LEU C 191 -14.76 -3.91 8.80
C LEU C 191 -15.33 -5.28 9.17
N LYS C 192 -14.49 -6.17 9.72
CA LYS C 192 -14.95 -7.52 10.06
C LYS C 192 -16.02 -7.51 11.14
N ALA C 193 -15.84 -6.69 12.18
CA ALA C 193 -16.85 -6.65 13.23
C ALA C 193 -18.19 -6.17 12.67
N VAL C 194 -18.16 -5.12 11.86
CA VAL C 194 -19.38 -4.54 11.32
C VAL C 194 -20.05 -5.52 10.35
N THR C 195 -19.27 -6.11 9.45
CA THR C 195 -19.85 -7.09 8.53
C THR C 195 -20.36 -8.33 9.25
N THR C 196 -19.65 -8.77 10.29
CA THR C 196 -20.09 -9.97 10.99
C THR C 196 -21.48 -9.77 11.59
N ASN C 197 -21.72 -8.62 12.25
CA ASN C 197 -23.03 -8.39 12.83
C ASN C 197 -24.10 -8.25 11.75
N VAL C 198 -23.76 -7.68 10.60
CA VAL C 198 -24.73 -7.64 9.50
C VAL C 198 -25.06 -9.07 9.02
N ILE C 199 -24.02 -9.88 8.78
CA ILE C 199 -24.25 -11.24 8.29
C ILE C 199 -25.06 -12.05 9.32
N LEU C 200 -24.73 -11.90 10.60
CA LEU C 200 -25.42 -12.66 11.62
C LEU C 200 -26.79 -12.06 11.98
N GLY C 201 -27.09 -10.85 11.51
CA GLY C 201 -28.34 -10.24 11.94
C GLY C 201 -28.39 -9.99 13.43
N LYS C 202 -27.25 -9.64 14.02
CA LYS C 202 -27.11 -9.44 15.46
C LYS C 202 -27.07 -7.94 15.82
N THR C 203 -27.46 -7.66 17.06
CA THR C 203 -27.23 -6.37 17.69
C THR C 203 -26.41 -6.62 18.95
N ALA C 204 -25.64 -5.60 19.34
CA ALA C 204 -24.79 -5.72 20.52
C ALA C 204 -24.37 -4.34 20.97
N GLY C 205 -24.71 -3.96 22.19
CA GLY C 205 -24.24 -2.69 22.72
C GLY C 205 -22.94 -2.86 23.49
N ASN C 206 -22.21 -1.75 23.67
CA ASN C 206 -20.94 -1.78 24.40
C ASN C 206 -21.14 -1.73 25.92
N TRP C 207 -22.11 -2.48 26.44
CA TRP C 207 -22.32 -2.50 27.87
C TRP C 207 -22.54 -3.94 28.31
N GLY C 208 -22.63 -4.11 29.62
CA GLY C 208 -22.71 -5.40 30.22
C GLY C 208 -22.40 -5.24 31.69
N PRO C 209 -22.32 -6.35 32.41
CA PRO C 209 -22.25 -6.29 33.88
C PRO C 209 -21.07 -5.49 34.42
N ASN C 210 -20.00 -5.32 33.65
CA ASN C 210 -18.82 -4.59 34.11
C ASN C 210 -18.65 -3.22 33.46
N ALA C 211 -19.51 -2.85 32.52
CA ALA C 211 -19.47 -1.53 31.89
C ALA C 211 -20.59 -0.72 32.56
N THR C 212 -20.26 -0.11 33.69
CA THR C 212 -21.21 0.54 34.56
C THR C 212 -20.78 1.96 34.87
N PHE C 213 -21.70 2.69 35.51
CA PHE C 213 -21.42 3.99 36.10
C PHE C 213 -22.24 4.05 37.37
N ARG C 214 -21.86 4.94 38.26
CA ARG C 214 -22.64 5.16 39.46
C ARG C 214 -23.13 6.59 39.50
N PHE C 215 -24.29 6.77 40.12
CA PHE C 215 -24.94 8.06 40.17
C PHE C 215 -25.41 8.30 41.59
N PRO C 216 -25.33 9.53 42.09
CA PRO C 216 -25.70 9.78 43.48
C PRO C 216 -27.17 9.47 43.74
N ALA C 217 -27.42 8.84 44.89
CA ALA C 217 -28.79 8.47 45.26
C ALA C 217 -29.64 9.71 45.46
N ARG C 218 -29.05 10.79 45.98
CA ARG C 218 -29.80 11.98 46.34
C ARG C 218 -29.08 13.23 45.86
N GLY C 219 -29.88 14.26 45.54
CA GLY C 219 -29.33 15.55 45.19
C GLY C 219 -28.71 15.65 43.81
N GLY C 220 -28.82 14.60 43.00
CA GLY C 220 -28.22 14.63 41.68
C GLY C 220 -26.69 14.75 41.75
N THR C 221 -26.13 14.96 40.56
CA THR C 221 -24.70 15.23 40.44
C THR C 221 -24.27 16.34 41.39
N GLY C 222 -25.11 17.36 41.58
CA GLY C 222 -24.78 18.45 42.46
C GLY C 222 -24.59 18.05 43.91
N GLY C 223 -25.16 16.91 44.32
CA GLY C 223 -24.95 16.42 45.67
C GLY C 223 -23.51 16.05 45.95
N ILE C 224 -22.83 15.49 44.94
CA ILE C 224 -21.40 15.18 45.07
C ILE C 224 -20.61 16.41 45.49
N TRP C 225 -20.77 17.50 44.74
CA TRP C 225 -19.90 18.64 44.93
C TRP C 225 -20.23 19.42 46.19
N ILE C 226 -21.49 19.39 46.64
CA ILE C 226 -21.81 19.89 47.96
C ILE C 226 -21.09 19.06 49.01
N ALA C 227 -21.17 17.74 48.90
CA ALA C 227 -20.55 16.88 49.90
C ALA C 227 -19.03 17.02 49.88
N VAL C 228 -18.43 17.11 48.69
CA VAL C 228 -16.98 17.30 48.60
C VAL C 228 -16.60 18.62 49.22
N ALA C 229 -17.28 19.70 48.85
CA ALA C 229 -16.97 21.01 49.40
C ALA C 229 -17.15 21.06 50.90
N ASN C 230 -18.12 20.30 51.44
CA ASN C 230 -18.33 20.27 52.89
C ASN C 230 -17.10 19.76 53.65
N THR C 231 -16.24 18.96 53.02
CA THR C 231 -15.04 18.48 53.70
C THR C 231 -13.97 19.55 53.84
N LEU C 232 -14.13 20.70 53.22
CA LEU C 232 -13.14 21.76 53.33
C LEU C 232 -13.36 22.56 54.60
N PRO C 233 -12.30 23.15 55.14
CA PRO C 233 -12.48 24.06 56.29
C PRO C 233 -13.29 25.28 55.86
N LYS C 234 -14.48 25.43 56.47
CA LYS C 234 -15.43 26.45 56.02
C LYS C 234 -14.83 27.84 55.99
N GLU C 235 -13.90 28.15 56.90
CA GLU C 235 -13.34 29.49 56.95
C GLU C 235 -12.44 29.79 55.76
N LYS C 236 -12.03 28.80 54.98
CA LYS C 236 -11.22 29.02 53.80
C LYS C 236 -12.05 29.13 52.53
N THR C 237 -13.38 29.14 52.65
CA THR C 237 -14.28 29.25 51.51
C THR C 237 -15.05 30.55 51.59
N ARG C 238 -15.47 31.04 50.43
CA ARG C 238 -16.20 32.31 50.37
C ARG C 238 -17.15 32.21 49.18
N PHE C 239 -18.35 31.68 49.43
CA PHE C 239 -19.32 31.36 48.40
C PHE C 239 -20.54 32.27 48.51
N GLY C 240 -20.97 32.81 47.36
CA GLY C 240 -22.11 33.71 47.29
C GLY C 240 -21.71 35.04 46.70
N GLU C 241 -22.59 36.03 46.86
CA GLU C 241 -22.24 37.37 46.42
C GLU C 241 -20.96 37.84 47.10
N LYS C 242 -20.69 37.38 48.33
CA LYS C 242 -19.45 37.74 49.01
C LYS C 242 -18.21 37.16 48.34
N GLY C 243 -18.37 36.23 47.41
CA GLY C 243 -17.22 35.63 46.73
C GLY C 243 -17.17 35.88 45.24
N LYS C 244 -17.94 36.85 44.74
CA LYS C 244 -17.93 37.18 43.32
C LYS C 244 -16.68 37.99 43.01
N VAL C 245 -15.87 37.51 42.07
CA VAL C 245 -14.69 38.26 41.64
C VAL C 245 -15.13 39.30 40.61
N THR C 246 -14.72 40.54 40.80
CA THR C 246 -15.02 41.59 39.83
C THR C 246 -13.77 42.18 39.17
N LYS C 247 -12.62 42.16 39.83
CA LYS C 247 -11.40 42.66 39.22
C LYS C 247 -10.28 41.68 39.53
N VAL C 248 -9.43 41.43 38.53
CA VAL C 248 -8.20 40.68 38.73
C VAL C 248 -7.06 41.59 38.29
N ASN C 249 -6.19 41.96 39.23
CA ASN C 249 -5.03 42.80 38.94
C ASN C 249 -3.82 41.88 38.90
N ALA C 250 -3.49 41.39 37.70
CA ALA C 250 -2.43 40.40 37.57
C ALA C 250 -1.06 40.98 37.93
N ASN C 251 -0.86 42.28 37.75
CA ASN C 251 0.44 42.87 38.05
C ASN C 251 0.67 43.03 39.55
N ASN C 252 -0.36 43.37 40.32
CA ASN C 252 -0.25 43.45 41.76
C ASN C 252 -0.60 42.14 42.45
N LYS C 253 -0.99 41.13 41.67
CA LYS C 253 -1.46 39.86 42.21
C LYS C 253 -2.53 40.10 43.27
N THR C 254 -3.55 40.87 42.86
CA THR C 254 -4.68 41.23 43.70
C THR C 254 -5.98 40.93 42.98
N VAL C 255 -6.92 40.34 43.71
CA VAL C 255 -8.28 40.12 43.25
C VAL C 255 -9.19 41.02 44.08
N THR C 256 -10.17 41.63 43.41
CA THR C 256 -11.18 42.44 44.08
C THR C 256 -12.53 41.76 43.95
N LEU C 257 -13.23 41.63 45.06
CA LEU C 257 -14.55 41.01 45.08
C LEU C 257 -15.65 42.08 44.97
N GLN C 258 -16.88 41.60 44.75
CA GLN C 258 -18.00 42.52 44.54
C GLN C 258 -18.23 43.39 45.76
N ASP C 259 -18.14 42.81 46.96
CA ASP C 259 -18.29 43.65 48.16
C ASP C 259 -17.08 44.53 48.43
N GLY C 260 -16.07 44.59 47.57
CA GLY C 260 -14.93 45.46 47.77
C GLY C 260 -13.74 44.82 48.46
N THR C 261 -13.86 43.59 48.93
CA THR C 261 -12.73 42.92 49.55
C THR C 261 -11.62 42.65 48.54
N THR C 262 -10.38 42.91 48.95
CA THR C 262 -9.22 42.63 48.13
C THR C 262 -8.47 41.44 48.69
N ILE C 263 -8.04 40.55 47.80
CA ILE C 263 -7.30 39.34 48.16
C ILE C 263 -5.98 39.35 47.42
N GLY C 264 -4.88 39.31 48.18
CA GLY C 264 -3.56 39.14 47.59
C GLY C 264 -3.23 37.66 47.49
N TYR C 265 -2.57 37.31 46.38
CA TYR C 265 -2.20 35.92 46.13
C TYR C 265 -0.76 35.90 45.65
N LYS C 266 -0.11 34.76 45.84
CA LYS C 266 1.16 34.51 45.15
C LYS C 266 0.96 33.72 43.87
N LYS C 267 0.03 32.75 43.88
CA LYS C 267 -0.35 31.97 42.70
C LYS C 267 -1.87 31.91 42.61
N LEU C 268 -2.39 32.04 41.40
CA LEU C 268 -3.83 32.06 41.15
C LEU C 268 -4.24 30.84 40.34
N VAL C 269 -5.21 30.08 40.85
CA VAL C 269 -5.88 29.04 40.08
C VAL C 269 -7.25 29.57 39.73
N SER C 270 -7.44 29.97 38.48
CA SER C 270 -8.68 30.55 38.01
C SER C 270 -9.43 29.49 37.22
N THR C 271 -10.62 29.13 37.67
CA THR C 271 -11.46 28.17 36.96
C THR C 271 -12.67 28.85 36.31
N MET C 272 -12.75 30.16 36.37
CA MET C 272 -13.78 30.84 35.59
C MET C 272 -13.43 30.76 34.10
N ALA C 273 -14.44 31.00 33.28
CA ALA C 273 -14.23 31.00 31.84
C ALA C 273 -13.13 32.01 31.48
N VAL C 274 -12.20 31.59 30.64
CA VAL C 274 -11.01 32.40 30.41
C VAL C 274 -11.38 33.73 29.74
N ASP C 275 -12.47 33.78 28.96
CA ASP C 275 -12.90 35.06 28.41
C ASP C 275 -13.38 36.00 29.49
N PHE C 276 -14.11 35.49 30.50
CA PHE C 276 -14.44 36.31 31.66
C PHE C 276 -13.18 36.74 32.41
N LEU C 277 -12.22 35.84 32.54
CA LEU C 277 -10.98 36.18 33.24
C LEU C 277 -10.26 37.33 32.55
N ALA C 278 -10.15 37.28 31.22
CA ALA C 278 -9.49 38.37 30.49
C ALA C 278 -10.22 39.69 30.71
N GLU C 279 -11.56 39.65 30.75
CA GLU C 279 -12.32 40.87 31.06
C GLU C 279 -12.03 41.37 32.47
N ALA C 280 -12.05 40.47 33.45
CA ALA C 280 -11.78 40.88 34.82
C ALA C 280 -10.36 41.41 34.98
N MET C 281 -9.44 40.95 34.13
CA MET C 281 -8.06 41.43 34.15
C MET C 281 -7.89 42.77 33.44
N ASN C 282 -8.90 43.24 32.72
CA ASN C 282 -8.81 44.45 31.90
C ASN C 282 -7.58 44.42 31.00
N ASP C 283 -7.30 43.23 30.45
CA ASP C 283 -6.16 42.99 29.58
C ASP C 283 -6.73 42.90 28.17
N GLN C 284 -6.66 44.01 27.43
CA GLN C 284 -7.32 44.08 26.13
C GLN C 284 -6.75 43.07 25.15
N GLU C 285 -5.44 42.82 25.23
CA GLU C 285 -4.86 41.79 24.37
C GLU C 285 -5.53 40.44 24.61
N LEU C 286 -5.65 40.06 25.88
CA LEU C 286 -6.28 38.78 26.22
C LEU C 286 -7.77 38.78 25.91
N VAL C 287 -8.44 39.93 26.03
CA VAL C 287 -9.83 39.99 25.60
C VAL C 287 -9.93 39.65 24.11
N GLY C 288 -9.04 40.25 23.32
CA GLY C 288 -9.06 40.00 21.89
C GLY C 288 -8.79 38.55 21.55
N LEU C 289 -7.80 37.95 22.21
CA LEU C 289 -7.50 36.54 21.99
C LEU C 289 -8.64 35.63 22.47
N THR C 290 -9.12 35.85 23.69
CA THR C 290 -10.16 34.96 24.21
C THR C 290 -11.45 35.08 23.41
N LYS C 291 -11.76 36.28 22.88
CA LYS C 291 -12.97 36.40 22.07
C LYS C 291 -12.87 35.61 20.77
N GLN C 292 -11.66 35.19 20.36
CA GLN C 292 -11.49 34.33 19.19
C GLN C 292 -11.72 32.86 19.49
N LEU C 293 -11.89 32.49 20.76
CA LEU C 293 -12.31 31.12 21.04
C LEU C 293 -13.78 30.97 20.67
N PHE C 294 -14.19 29.74 20.50
CA PHE C 294 -15.55 29.44 20.09
C PHE C 294 -16.18 28.53 21.13
N TYR C 295 -17.46 28.78 21.41
CA TYR C 295 -18.21 27.93 22.31
C TYR C 295 -19.66 27.89 21.88
N SER C 296 -20.35 26.85 22.31
CA SER C 296 -21.79 26.79 22.14
C SER C 296 -22.47 26.98 23.48
N SER C 297 -23.67 27.55 23.44
CA SER C 297 -24.55 27.55 24.60
C SER C 297 -25.37 26.25 24.63
N THR C 298 -25.81 25.87 25.83
CA THR C 298 -26.60 24.65 26.02
C THR C 298 -27.93 24.96 26.67
N HIS C 299 -29.01 24.49 26.07
CA HIS C 299 -30.33 24.49 26.71
C HIS C 299 -30.56 23.12 27.31
N VAL C 300 -30.82 23.06 28.61
CA VAL C 300 -31.22 21.81 29.25
C VAL C 300 -32.73 21.87 29.43
N ILE C 301 -33.45 20.89 28.86
CA ILE C 301 -34.89 20.78 28.99
C ILE C 301 -35.22 19.54 29.80
N GLY C 302 -36.10 19.69 30.80
CA GLY C 302 -36.56 18.58 31.62
C GLY C 302 -38.06 18.39 31.49
N VAL C 303 -38.47 17.12 31.40
CA VAL C 303 -39.88 16.78 31.25
C VAL C 303 -40.20 15.68 32.27
N GLY C 304 -41.11 15.98 33.19
CA GLY C 304 -41.60 15.00 34.14
C GLY C 304 -42.91 14.40 33.64
N VAL C 305 -42.98 13.08 33.64
CA VAL C 305 -44.07 12.35 33.01
C VAL C 305 -44.75 11.49 34.05
N ARG C 306 -46.08 11.42 34.01
CA ARG C 306 -46.82 10.54 34.91
C ARG C 306 -46.81 9.12 34.37
N GLY C 307 -46.63 8.15 35.27
CA GLY C 307 -46.74 6.75 34.90
C GLY C 307 -45.54 5.94 35.30
N SER C 308 -45.72 4.63 35.45
CA SER C 308 -44.57 3.73 35.50
C SER C 308 -43.79 3.81 34.20
N ARG C 309 -42.50 3.51 34.29
CA ARG C 309 -41.62 3.57 33.13
C ARG C 309 -42.17 2.71 31.99
N PRO C 310 -42.45 3.30 30.82
CA PRO C 310 -42.99 2.50 29.72
C PRO C 310 -41.97 1.48 29.22
N GLU C 311 -42.49 0.32 28.77
CA GLU C 311 -41.62 -0.75 28.28
C GLU C 311 -40.73 -0.27 27.14
N ARG C 312 -41.23 0.62 26.28
CA ARG C 312 -40.44 1.10 25.15
C ARG C 312 -39.21 1.85 25.61
N ILE C 313 -39.24 2.42 26.81
CA ILE C 313 -38.08 3.11 27.36
C ILE C 313 -37.17 2.14 28.08
N GLY C 314 -37.72 1.34 29.00
CA GLY C 314 -36.94 0.30 29.63
C GLY C 314 -35.71 0.82 30.35
N ASP C 315 -34.63 0.07 30.28
CA ASP C 315 -33.41 0.37 31.02
C ASP C 315 -32.50 1.38 30.30
N LYS C 316 -32.99 2.04 29.25
CA LYS C 316 -32.20 3.02 28.53
C LYS C 316 -31.70 4.13 29.45
N CYS C 317 -30.43 4.52 29.26
CA CYS C 317 -29.86 5.60 30.06
C CYS C 317 -29.75 6.89 29.28
N TRP C 318 -28.94 6.92 28.21
CA TRP C 318 -28.91 8.11 27.37
C TRP C 318 -29.01 7.71 25.91
N LEU C 319 -29.43 8.68 25.09
CA LEU C 319 -29.89 8.43 23.74
C LEU C 319 -29.35 9.53 22.82
N TYR C 320 -28.98 9.16 21.60
CA TYR C 320 -28.43 10.07 20.60
C TYR C 320 -29.42 10.30 19.47
N PHE C 321 -29.46 11.52 18.95
CA PHE C 321 -30.46 11.88 17.94
C PHE C 321 -29.84 12.60 16.74
N PRO C 322 -29.36 11.85 15.76
CA PRO C 322 -28.85 12.49 14.53
C PRO C 322 -29.93 13.16 13.67
N GLU C 323 -31.18 12.75 13.78
CA GLU C 323 -32.19 13.15 12.80
C GLU C 323 -32.81 14.50 13.14
N ASP C 324 -33.45 15.10 12.15
CA ASP C 324 -33.96 16.45 12.28
C ASP C 324 -35.43 16.51 12.73
N ASN C 325 -36.01 15.41 13.22
CA ASN C 325 -37.38 15.49 13.72
C ASN C 325 -37.40 15.85 15.21
N CYS C 326 -36.25 16.28 15.77
CA CYS C 326 -36.22 16.70 17.15
C CYS C 326 -35.06 17.64 17.29
N PRO C 327 -35.17 18.69 18.14
CA PRO C 327 -34.06 19.66 18.25
C PRO C 327 -32.96 19.20 19.17
N PHE C 328 -33.22 18.27 20.08
CA PHE C 328 -32.19 17.85 21.01
C PHE C 328 -31.27 16.83 20.36
N TYR C 329 -30.00 16.85 20.78
CA TYR C 329 -29.05 15.83 20.33
C TYR C 329 -28.94 14.67 21.30
N ARG C 330 -29.24 14.89 22.57
CA ARG C 330 -29.15 13.87 23.60
C ARG C 330 -30.41 13.94 24.45
N ALA C 331 -30.91 12.77 24.83
CA ALA C 331 -31.96 12.61 25.83
C ALA C 331 -31.43 11.67 26.91
N THR C 332 -31.74 11.94 28.16
CA THR C 332 -31.36 11.08 29.26
C THR C 332 -32.60 10.63 30.03
N ILE C 333 -32.74 9.32 30.24
CA ILE C 333 -33.82 8.83 31.09
C ILE C 333 -33.40 9.03 32.53
N PHE C 334 -33.51 10.27 33.01
CA PHE C 334 -32.91 10.66 34.28
C PHE C 334 -33.55 9.94 35.45
N SER C 335 -34.82 9.51 35.31
CA SER C 335 -35.47 8.74 36.36
C SER C 335 -34.90 7.34 36.50
N ASN C 336 -34.15 6.85 35.49
CA ASN C 336 -33.41 5.60 35.66
C ASN C 336 -32.13 5.77 36.47
N TYR C 337 -31.68 6.99 36.68
CA TYR C 337 -30.41 7.17 37.40
C TYR C 337 -30.61 7.05 38.91
N SER C 338 -31.76 7.47 39.43
CA SER C 338 -32.04 7.34 40.85
C SER C 338 -33.54 7.45 41.06
N PRO C 339 -34.12 6.67 41.96
CA PRO C 339 -35.55 6.88 42.26
C PRO C 339 -35.82 8.25 42.85
N TYR C 340 -34.81 8.91 43.43
CA TYR C 340 -35.05 10.18 44.08
C TYR C 340 -34.81 11.39 43.17
N ASN C 341 -34.64 11.17 41.86
CA ASN C 341 -34.59 12.27 40.92
C ASN C 341 -35.96 12.85 40.59
N GLN C 342 -37.02 12.27 41.14
CA GLN C 342 -38.39 12.67 40.87
C GLN C 342 -39.25 12.26 42.06
N PRO C 343 -40.45 12.81 42.19
CA PRO C 343 -41.22 12.55 43.42
C PRO C 343 -41.57 11.07 43.56
N GLU C 344 -41.77 10.66 44.82
CA GLU C 344 -42.27 9.32 45.07
C GLU C 344 -43.70 9.18 44.52
N ALA C 345 -44.12 7.93 44.31
CA ALA C 345 -45.39 7.65 43.65
C ALA C 345 -46.60 8.26 44.37
N SER C 346 -46.53 8.42 45.69
CA SER C 346 -47.68 8.95 46.41
C SER C 346 -47.82 10.45 46.28
N ALA C 347 -46.81 11.14 45.74
CA ALA C 347 -46.91 12.58 45.54
C ALA C 347 -47.97 12.90 44.50
N ALA C 348 -48.86 13.83 44.84
CA ALA C 348 -49.96 14.20 43.95
C ALA C 348 -49.56 15.44 43.16
N LEU C 349 -49.70 15.38 41.85
CA LEU C 349 -49.35 16.49 40.99
C LEU C 349 -50.42 16.56 39.90
N PRO C 350 -50.87 17.74 39.54
CA PRO C 350 -51.78 17.87 38.40
C PRO C 350 -51.02 17.70 37.10
N THR C 351 -51.74 17.29 36.07
CA THR C 351 -51.19 17.21 34.73
C THR C 351 -51.18 18.61 34.13
N MET C 352 -50.01 19.07 33.71
CA MET C 352 -49.88 20.39 33.09
C MET C 352 -50.34 20.37 31.64
N GLN C 353 -49.97 19.34 30.90
CA GLN C 353 -50.35 19.22 29.51
C GLN C 353 -50.12 17.77 29.09
N LEU C 354 -50.73 17.42 27.97
CA LEU C 354 -50.39 16.16 27.34
C LEU C 354 -49.23 16.39 26.37
N ALA C 355 -48.56 15.30 26.01
CA ALA C 355 -47.38 15.41 25.16
C ALA C 355 -47.71 16.01 23.80
N ASP C 356 -48.94 15.83 23.31
CA ASP C 356 -49.30 16.45 22.05
C ASP C 356 -49.67 17.92 22.19
N GLY C 357 -49.54 18.49 23.39
CA GLY C 357 -49.87 19.87 23.61
C GLY C 357 -51.27 20.13 24.13
N SER C 358 -52.14 19.12 24.12
CA SER C 358 -53.48 19.46 24.55
C SER C 358 -53.54 19.55 26.08
N ARG C 359 -54.62 20.14 26.57
CA ARG C 359 -54.87 20.34 27.99
C ARG C 359 -55.36 19.03 28.62
N PRO C 360 -55.10 18.81 29.90
CA PRO C 360 -55.61 17.60 30.56
C PRO C 360 -57.12 17.68 30.70
N GLN C 361 -57.75 16.51 30.82
CA GLN C 361 -59.19 16.48 31.05
C GLN C 361 -59.51 17.13 32.39
N SER C 362 -58.74 16.79 33.42
CA SER C 362 -58.90 17.31 34.77
C SER C 362 -57.68 18.11 35.17
N THR C 363 -57.89 19.11 36.02
CA THR C 363 -56.78 19.77 36.70
C THR C 363 -56.51 19.17 38.09
N GLU C 364 -57.22 18.10 38.44
CA GLU C 364 -57.03 17.48 39.75
C GLU C 364 -55.59 16.96 39.88
N ALA C 365 -55.04 17.10 41.07
CA ALA C 365 -53.76 16.50 41.36
C ALA C 365 -53.95 14.99 41.51
N LYS C 366 -53.19 14.22 40.74
CA LYS C 366 -53.25 12.77 40.81
C LYS C 366 -51.89 12.24 41.23
N GLU C 367 -51.90 10.98 41.66
CA GLU C 367 -50.68 10.37 42.15
C GLU C 367 -49.80 9.89 41.00
N GLY C 368 -48.61 9.43 41.35
CA GLY C 368 -47.67 8.90 40.40
C GLY C 368 -47.91 7.43 40.11
N PRO C 369 -46.83 6.65 39.86
CA PRO C 369 -45.42 7.10 39.87
C PRO C 369 -45.09 8.02 38.70
N TYR C 370 -43.84 8.48 38.69
CA TYR C 370 -43.37 9.44 37.71
C TYR C 370 -42.07 8.94 37.10
N TRP C 371 -41.84 9.31 35.85
CA TRP C 371 -40.53 9.15 35.24
C TRP C 371 -40.14 10.48 34.60
N SER C 372 -38.90 10.57 34.11
CA SER C 372 -38.33 11.87 33.82
C SER C 372 -37.30 11.81 32.70
N ILE C 373 -37.42 12.74 31.75
CA ILE C 373 -36.53 12.87 30.60
C ILE C 373 -35.77 14.19 30.70
N MET C 374 -34.46 14.15 30.47
CA MET C 374 -33.61 15.34 30.44
C MET C 374 -32.99 15.45 29.05
N LEU C 375 -33.12 16.63 28.43
CA LEU C 375 -32.75 16.86 27.04
C LEU C 375 -31.72 17.98 26.95
N GLU C 376 -30.89 17.91 25.91
CA GLU C 376 -29.92 18.97 25.63
C GLU C 376 -30.07 19.45 24.19
N VAL C 377 -30.11 20.77 24.03
CA VAL C 377 -30.12 21.43 22.74
C VAL C 377 -28.95 22.41 22.69
N SER C 378 -28.22 22.41 21.58
CA SER C 378 -27.08 23.31 21.45
C SER C 378 -27.49 24.59 20.71
N GLU C 379 -26.72 25.63 20.96
CA GLU C 379 -26.95 26.92 20.32
C GLU C 379 -25.59 27.55 20.01
N SER C 380 -25.48 28.17 18.84
CA SER C 380 -24.30 28.98 18.52
C SER C 380 -24.69 29.98 17.45
N SER C 381 -23.75 30.85 17.11
CA SER C 381 -23.93 31.81 16.02
C SER C 381 -24.18 31.11 14.68
N MET C 382 -23.80 29.84 14.56
CA MET C 382 -24.08 29.04 13.38
C MET C 382 -25.35 28.18 13.51
N LYS C 383 -26.05 28.26 14.65
CA LYS C 383 -27.20 27.40 14.91
C LYS C 383 -28.08 28.04 15.97
N PRO C 384 -28.90 29.02 15.60
CA PRO C 384 -29.69 29.75 16.60
C PRO C 384 -30.79 28.87 17.21
N VAL C 385 -31.25 29.32 18.39
CA VAL C 385 -32.29 28.63 19.14
C VAL C 385 -33.29 29.67 19.60
N ASN C 386 -34.57 29.41 19.34
CA ASN C 386 -35.64 30.28 19.79
C ASN C 386 -35.97 29.94 21.25
N GLN C 387 -35.53 30.80 22.16
CA GLN C 387 -35.74 30.55 23.58
C GLN C 387 -37.21 30.36 23.93
N GLU C 388 -38.13 31.02 23.19
CA GLU C 388 -39.53 31.03 23.58
C GLU C 388 -40.28 29.77 23.15
N THR C 389 -39.81 29.07 22.12
CA THR C 389 -40.49 27.89 21.61
C THR C 389 -39.71 26.59 21.82
N ILE C 390 -38.49 26.62 22.36
CA ILE C 390 -37.65 25.43 22.36
C ILE C 390 -38.24 24.34 23.26
N LEU C 391 -38.88 24.72 24.36
CA LEU C 391 -39.50 23.72 25.23
C LEU C 391 -40.59 22.96 24.48
N ALA C 392 -41.48 23.69 23.80
CA ALA C 392 -42.53 23.03 23.02
C ALA C 392 -41.96 22.21 21.88
N ASP C 393 -40.90 22.71 21.23
CA ASP C 393 -40.25 21.94 20.16
C ASP C 393 -39.66 20.65 20.70
N CYS C 394 -39.07 20.69 21.90
CA CYS C 394 -38.55 19.47 22.51
C CYS C 394 -39.66 18.46 22.77
N ILE C 395 -40.77 18.91 23.36
CA ILE C 395 -41.86 17.98 23.66
C ILE C 395 -42.41 17.37 22.37
N GLN C 396 -42.57 18.18 21.33
CA GLN C 396 -42.97 17.63 20.03
C GLN C 396 -41.93 16.65 19.52
N GLY C 397 -40.64 16.96 19.72
CA GLY C 397 -39.60 16.01 19.38
C GLY C 397 -39.70 14.71 20.17
N LEU C 398 -40.17 14.78 21.42
CA LEU C 398 -40.39 13.56 22.18
C LEU C 398 -41.50 12.72 21.56
N VAL C 399 -42.55 13.36 21.04
CA VAL C 399 -43.58 12.63 20.32
C VAL C 399 -43.02 12.08 19.02
N ASN C 400 -42.29 12.92 18.26
CA ASN C 400 -41.77 12.50 16.96
C ASN C 400 -40.87 11.28 17.08
N THR C 401 -40.07 11.18 18.14
CA THR C 401 -39.14 10.10 18.33
C THR C 401 -39.75 8.92 19.07
N GLU C 402 -41.05 8.98 19.36
CA GLU C 402 -41.79 7.94 20.07
C GLU C 402 -41.30 7.72 21.49
N MET C 403 -40.63 8.72 22.07
CA MET C 403 -40.32 8.63 23.48
C MET C 403 -41.55 8.86 24.33
N LEU C 404 -42.43 9.75 23.87
CA LEU C 404 -43.71 9.98 24.49
C LEU C 404 -44.81 9.70 23.47
N LYS C 405 -45.89 9.07 23.93
CA LYS C 405 -47.13 9.01 23.15
C LYS C 405 -47.89 10.33 23.29
N PRO C 406 -48.70 10.68 22.28
CA PRO C 406 -49.49 11.93 22.37
C PRO C 406 -50.26 12.07 23.66
N THR C 407 -50.66 10.95 24.28
CA THR C 407 -51.47 10.93 25.48
C THR C 407 -50.67 11.02 26.77
N ASP C 408 -49.33 10.93 26.72
CA ASP C 408 -48.56 10.93 27.97
C ASP C 408 -48.76 12.24 28.72
N GLU C 409 -48.80 12.14 30.05
CA GLU C 409 -49.15 13.28 30.90
C GLU C 409 -47.90 13.92 31.46
N ILE C 410 -47.69 15.17 31.11
CA ILE C 410 -46.54 15.92 31.59
C ILE C 410 -46.94 16.66 32.86
N VAL C 411 -46.17 16.44 33.92
CA VAL C 411 -46.46 17.00 35.23
C VAL C 411 -45.42 18.02 35.67
N SER C 412 -44.36 18.22 34.90
CA SER C 412 -43.33 19.16 35.29
C SER C 412 -42.48 19.48 34.06
N THR C 413 -42.12 20.75 33.90
CA THR C 413 -41.20 21.11 32.85
C THR C 413 -40.07 21.96 33.44
N TYR C 414 -38.95 21.97 32.72
CA TYR C 414 -37.75 22.68 33.14
C TYR C 414 -37.03 23.11 31.88
N HIS C 415 -36.56 24.35 31.87
CA HIS C 415 -35.74 24.82 30.76
C HIS C 415 -34.78 25.87 31.28
N ARG C 416 -33.48 25.64 31.09
CA ARG C 416 -32.49 26.63 31.45
C ARG C 416 -31.42 26.69 30.37
N ARG C 417 -30.99 27.91 30.05
CA ARG C 417 -29.94 28.14 29.07
C ARG C 417 -28.64 28.49 29.79
N PHE C 418 -27.58 27.78 29.43
CA PHE C 418 -26.24 28.00 29.98
C PHE C 418 -25.41 28.62 28.86
N ASP C 419 -25.01 29.89 29.05
CA ASP C 419 -24.36 30.62 27.96
C ASP C 419 -23.07 29.93 27.54
N HIS C 420 -22.19 29.62 28.48
CA HIS C 420 -21.01 28.82 28.19
C HIS C 420 -21.35 27.36 28.45
N GLY C 421 -21.67 26.62 27.38
CA GLY C 421 -22.06 25.23 27.51
C GLY C 421 -20.99 24.22 27.13
N TYR C 422 -20.51 24.28 25.89
CA TYR C 422 -19.40 23.43 25.43
C TYR C 422 -18.31 24.32 24.88
N PRO C 423 -17.04 24.14 25.27
CA PRO C 423 -15.92 24.79 24.57
C PRO C 423 -15.59 24.02 23.31
N THR C 424 -15.63 24.68 22.16
CA THR C 424 -15.63 23.95 20.89
C THR C 424 -14.23 23.56 20.45
N PRO C 425 -13.96 22.24 20.15
CA PRO C 425 -12.66 21.86 19.53
C PRO C 425 -12.62 22.22 18.05
N THR C 426 -12.64 23.52 17.77
CA THR C 426 -12.46 24.02 16.41
C THR C 426 -11.03 23.77 15.92
N LEU C 427 -10.85 23.90 14.60
CA LEU C 427 -9.49 23.89 14.03
C LEU C 427 -8.61 24.98 14.64
N GLU C 428 -9.18 26.14 14.98
CA GLU C 428 -8.40 27.28 15.46
C GLU C 428 -8.13 27.26 16.97
N ARG C 429 -8.76 26.34 17.72
CA ARG C 429 -8.68 26.36 19.18
C ARG C 429 -7.24 26.38 19.69
N GLU C 430 -6.43 25.41 19.23
CA GLU C 430 -5.08 25.27 19.79
C GLU C 430 -4.20 26.47 19.45
N GLY C 431 -4.29 26.97 18.22
CA GLY C 431 -3.51 28.14 17.86
C GLY C 431 -3.81 29.33 18.75
N THR C 432 -5.08 29.48 19.13
CA THR C 432 -5.49 30.55 20.03
C THR C 432 -5.09 30.26 21.47
N LEU C 433 -5.30 29.03 21.93
CA LEU C 433 -4.99 28.72 23.32
C LEU C 433 -3.51 28.84 23.60
N THR C 434 -2.67 28.40 22.66
CA THR C 434 -1.23 28.47 22.94
C THR C 434 -0.71 29.89 22.95
N GLN C 435 -1.50 30.88 22.56
CA GLN C 435 -1.16 32.28 22.84
C GLN C 435 -1.73 32.77 24.15
N ILE C 436 -2.87 32.24 24.58
CA ILE C 436 -3.51 32.72 25.80
C ILE C 436 -2.84 32.14 27.04
N LEU C 437 -2.79 30.80 27.13
CA LEU C 437 -2.33 30.17 28.36
C LEU C 437 -0.90 30.56 28.76
N PRO C 438 0.08 30.63 27.86
CA PRO C 438 1.42 31.07 28.30
C PRO C 438 1.44 32.50 28.81
N LYS C 439 0.61 33.39 28.26
CA LYS C 439 0.53 34.75 28.79
C LYS C 439 -0.03 34.76 30.20
N LEU C 440 -1.03 33.92 30.49
CA LEU C 440 -1.51 33.84 31.87
C LEU C 440 -0.48 33.20 32.78
N GLN C 441 0.20 32.15 32.28
CA GLN C 441 1.19 31.45 33.09
C GLN C 441 2.33 32.37 33.52
N ASP C 442 2.75 33.30 32.64
CA ASP C 442 3.81 34.24 33.00
C ASP C 442 3.43 35.19 34.11
N LYS C 443 2.13 35.30 34.42
CA LYS C 443 1.66 36.12 35.52
C LYS C 443 1.29 35.28 36.73
N ASP C 444 1.74 34.02 36.76
CA ASP C 444 1.44 33.07 37.83
C ASP C 444 -0.06 32.84 37.98
N ILE C 445 -0.75 32.76 36.84
CA ILE C 445 -2.17 32.44 36.78
C ILE C 445 -2.30 31.11 36.08
N TRP C 446 -2.78 30.10 36.83
CA TRP C 446 -3.13 28.79 36.27
C TRP C 446 -4.61 28.87 35.94
N SER C 447 -4.92 29.15 34.68
CA SER C 447 -6.31 29.15 34.21
C SER C 447 -6.65 27.74 33.76
N ARG C 448 -7.59 27.09 34.44
CA ARG C 448 -7.82 25.66 34.27
C ARG C 448 -9.31 25.35 34.39
N GLY C 449 -9.77 24.39 33.60
CA GLY C 449 -11.13 23.89 33.70
C GLY C 449 -11.80 23.82 32.34
N ARG C 450 -13.07 23.44 32.38
CA ARG C 450 -13.82 23.26 31.14
C ARG C 450 -13.77 24.52 30.29
N PHE C 451 -13.95 25.68 30.92
CA PHE C 451 -13.74 26.95 30.25
C PHE C 451 -12.56 27.72 30.80
N GLY C 452 -11.98 27.28 31.92
CA GLY C 452 -10.71 27.83 32.36
C GLY C 452 -9.58 27.57 31.38
N SER C 453 -9.54 26.35 30.82
CA SER C 453 -8.54 26.01 29.82
C SER C 453 -9.15 25.55 28.50
N TRP C 454 -10.48 25.43 28.41
CA TRP C 454 -11.21 25.42 27.14
C TRP C 454 -10.99 24.16 26.32
N ARG C 455 -10.54 23.07 26.91
CA ARG C 455 -10.32 21.82 26.19
C ARG C 455 -11.40 20.85 26.61
N TYR C 456 -12.36 20.62 25.71
CA TYR C 456 -13.52 19.79 26.03
C TYR C 456 -13.11 18.38 26.47
N GLU C 457 -12.11 17.80 25.80
CA GLU C 457 -11.72 16.41 26.08
C GLU C 457 -11.17 16.23 27.49
N VAL C 458 -10.86 17.31 28.21
CA VAL C 458 -10.56 17.18 29.62
C VAL C 458 -11.49 18.11 30.38
N GLY C 459 -12.71 18.28 29.89
CA GLY C 459 -13.67 19.20 30.49
C GLY C 459 -14.87 18.58 31.19
N ASN C 460 -14.94 17.26 31.31
CA ASN C 460 -15.94 16.59 32.16
C ASN C 460 -15.43 16.55 33.60
N GLN C 461 -16.20 15.90 34.48
CA GLN C 461 -16.01 16.07 35.93
C GLN C 461 -14.67 15.52 36.42
N ASP C 462 -14.28 14.32 36.00
CA ASP C 462 -13.06 13.76 36.58
C ASP C 462 -11.82 14.48 36.04
N HIS C 463 -11.77 14.75 34.74
CA HIS C 463 -10.66 15.53 34.19
C HIS C 463 -10.62 16.93 34.82
N SER C 464 -11.79 17.60 34.90
CA SER C 464 -11.84 18.96 35.46
C SER C 464 -11.31 18.98 36.88
N PHE C 465 -11.85 18.11 37.74
CA PHE C 465 -11.36 17.96 39.09
C PHE C 465 -9.84 17.79 39.11
N MET C 466 -9.33 16.91 38.25
CA MET C 466 -7.90 16.64 38.25
C MET C 466 -7.10 17.81 37.66
N LEU C 467 -7.71 18.59 36.77
CA LEU C 467 -7.06 19.82 36.35
C LEU C 467 -6.75 20.70 37.55
N GLY C 468 -7.70 20.82 38.47
CA GLY C 468 -7.46 21.61 39.66
C GLY C 468 -6.45 20.97 40.59
N VAL C 469 -6.56 19.66 40.79
CA VAL C 469 -5.59 18.93 41.61
C VAL C 469 -4.19 19.10 41.04
N GLU C 470 -4.05 18.87 39.74
CA GLU C 470 -2.72 18.89 39.15
C GLU C 470 -2.14 20.29 39.10
N ALA C 471 -2.99 21.30 38.95
CA ALA C 471 -2.49 22.68 39.00
C ALA C 471 -1.87 22.97 40.36
N VAL C 472 -2.56 22.58 41.44
CA VAL C 472 -2.01 22.75 42.79
C VAL C 472 -0.74 21.92 42.94
N ASP C 473 -0.77 20.67 42.49
CA ASP C 473 0.42 19.81 42.59
C ASP C 473 1.58 20.39 41.82
N ASN C 474 1.31 21.04 40.70
CA ASN C 474 2.36 21.72 39.96
C ASN C 474 2.86 22.95 40.73
N ILE C 475 1.95 23.71 41.34
CA ILE C 475 2.32 24.89 42.10
C ILE C 475 3.19 24.53 43.30
N VAL C 476 2.83 23.46 44.00
CA VAL C 476 3.44 23.12 45.27
C VAL C 476 4.58 22.12 45.11
N ASN C 477 4.35 21.06 44.32
CA ASN C 477 5.26 19.93 44.29
C ASN C 477 6.03 19.79 42.99
N GLY C 478 5.89 20.71 42.05
CA GLY C 478 6.57 20.55 40.77
C GLY C 478 6.05 19.44 39.89
N ALA C 479 4.79 19.03 40.09
CA ALA C 479 4.20 17.96 39.30
C ALA C 479 3.98 18.40 37.85
N VAL C 480 4.02 17.43 36.94
CA VAL C 480 3.60 17.69 35.57
C VAL C 480 2.08 17.80 35.52
N GLU C 481 1.59 18.82 34.82
CA GLU C 481 0.15 18.92 34.56
C GLU C 481 -0.19 18.02 33.38
N LEU C 482 -0.39 16.74 33.70
CA LEU C 482 -0.54 15.72 32.67
C LEU C 482 -1.89 15.82 31.97
N THR C 483 -2.96 16.01 32.75
CA THR C 483 -4.30 16.06 32.17
C THR C 483 -4.44 17.25 31.22
N LEU C 484 -3.87 18.40 31.60
CA LEU C 484 -3.97 19.61 30.79
C LEU C 484 -3.38 19.42 29.40
N ASN C 485 -2.19 18.81 29.33
CA ASN C 485 -1.45 18.79 28.09
C ASN C 485 -1.33 17.44 27.44
N TYR C 486 -1.68 16.36 28.13
CA TYR C 486 -1.55 15.02 27.56
C TYR C 486 -2.82 14.21 27.86
N PRO C 487 -3.97 14.63 27.30
CA PRO C 487 -5.19 13.86 27.55
C PRO C 487 -5.07 12.41 27.17
N ASP C 488 -4.41 12.12 26.03
CA ASP C 488 -4.26 10.73 25.59
C ASP C 488 -3.49 9.94 26.61
N PHE C 489 -2.47 10.55 27.20
CA PHE C 489 -1.66 9.85 28.17
C PHE C 489 -2.49 9.47 29.38
N VAL C 490 -3.22 10.42 29.96
CA VAL C 490 -3.94 10.10 31.20
C VAL C 490 -5.11 9.18 30.89
N ASN C 491 -5.74 9.32 29.72
CA ASN C 491 -6.88 8.46 29.41
C ASN C 491 -6.45 7.02 29.12
N GLY C 492 -5.21 6.80 28.75
CA GLY C 492 -4.81 5.45 28.42
C GLY C 492 -4.18 4.66 29.54
N ARG C 493 -4.23 5.14 30.78
CA ARG C 493 -3.53 4.46 31.87
C ARG C 493 -4.44 4.46 33.08
N GLN C 494 -4.05 3.65 34.05
CA GLN C 494 -4.66 3.68 35.37
C GLN C 494 -3.91 4.73 36.20
N ASN C 495 -4.57 5.83 36.55
CA ASN C 495 -3.91 6.89 37.29
C ASN C 495 -4.10 6.60 38.79
N THR C 496 -3.23 5.70 39.29
CA THR C 496 -3.33 5.17 40.65
C THR C 496 -2.35 5.79 41.64
N GLU C 497 -1.36 6.56 41.17
CA GLU C 497 -0.26 6.96 42.04
C GLU C 497 -0.72 7.98 43.08
N ARG C 498 -1.52 8.97 42.65
CA ARG C 498 -1.89 10.05 43.54
C ARG C 498 -3.14 9.68 44.32
N ARG C 499 -3.09 9.83 45.64
CA ARG C 499 -4.19 9.44 46.50
C ARG C 499 -4.57 10.59 47.44
N LEU C 500 -5.79 10.53 47.97
CA LEU C 500 -6.21 11.51 48.96
C LEU C 500 -5.36 11.44 50.22
N VAL C 501 -4.74 10.31 50.47
CA VAL C 501 -3.73 10.16 51.52
C VAL C 501 -2.44 9.66 50.86
N ASP C 502 -1.47 10.55 50.70
CA ASP C 502 -0.16 10.22 50.16
C ASP C 502 0.82 9.94 51.29
N GLY C 503 2.01 9.46 50.91
CA GLY C 503 3.05 9.22 51.90
C GLY C 503 3.31 10.43 52.77
N ALA C 504 3.29 11.62 52.19
CA ALA C 504 3.53 12.84 52.96
C ALA C 504 2.64 12.91 54.20
N GLN C 505 1.34 12.62 54.04
CA GLN C 505 0.44 12.70 55.20
C GLN C 505 0.64 11.52 56.14
N VAL C 506 0.92 10.33 55.59
CA VAL C 506 1.18 9.17 56.44
C VAL C 506 2.40 9.40 57.34
N PHE C 507 3.51 9.85 56.75
CA PHE C 507 4.72 10.04 57.55
C PHE C 507 4.56 11.16 58.56
N ALA C 508 3.79 12.19 58.23
CA ALA C 508 3.60 13.30 59.17
C ALA C 508 2.82 12.85 60.41
N LYS C 509 1.83 11.98 60.25
CA LYS C 509 1.01 11.52 61.39
C LYS C 509 1.75 10.56 62.33
N HIS D 6 -21.80 -0.44 -66.18
CA HIS D 6 -20.51 -1.09 -65.96
C HIS D 6 -19.37 -0.06 -65.96
N PRO D 7 -18.44 -0.17 -65.02
CA PRO D 7 -17.33 0.79 -64.94
C PRO D 7 -16.21 0.45 -65.92
N ASP D 8 -15.28 1.41 -66.06
CA ASP D 8 -14.19 1.26 -67.02
C ASP D 8 -13.25 0.12 -66.65
N ILE D 9 -12.92 -0.02 -65.37
CA ILE D 9 -12.05 -1.08 -64.87
C ILE D 9 -12.73 -1.76 -63.71
N SER D 10 -12.56 -3.07 -63.59
CA SER D 10 -13.07 -3.82 -62.45
C SER D 10 -11.97 -4.69 -61.87
N VAL D 11 -11.78 -4.57 -60.56
CA VAL D 11 -10.84 -5.38 -59.81
C VAL D 11 -11.53 -5.83 -58.53
N ASP D 12 -11.06 -6.94 -57.96
CA ASP D 12 -11.61 -7.39 -56.70
C ASP D 12 -11.26 -6.43 -55.57
N VAL D 13 -10.00 -6.01 -55.50
CA VAL D 13 -9.53 -5.17 -54.40
C VAL D 13 -8.84 -3.95 -55.00
N LEU D 14 -9.34 -2.76 -54.67
CA LEU D 14 -8.74 -1.51 -55.08
C LEU D 14 -8.00 -0.89 -53.90
N VAL D 15 -6.76 -0.45 -54.14
CA VAL D 15 -5.96 0.20 -53.11
C VAL D 15 -5.76 1.65 -53.55
N ILE D 16 -6.17 2.58 -52.69
CA ILE D 16 -5.97 4.01 -52.92
C ILE D 16 -4.77 4.46 -52.09
N GLY D 17 -3.74 4.94 -52.77
CA GLY D 17 -2.55 5.41 -52.10
C GLY D 17 -1.37 4.46 -52.20
N ALA D 18 -0.20 5.01 -52.49
CA ALA D 18 1.02 4.22 -52.63
C ALA D 18 2.11 4.75 -51.71
N GLY D 19 1.72 5.23 -50.53
CA GLY D 19 2.62 5.35 -49.41
C GLY D 19 2.89 3.97 -48.83
N PRO D 20 3.59 3.90 -47.71
CA PRO D 20 3.89 2.58 -47.12
C PRO D 20 2.68 1.67 -46.95
N THR D 21 1.55 2.21 -46.47
CA THR D 21 0.39 1.38 -46.22
C THR D 21 -0.13 0.73 -47.49
N GLY D 22 -0.39 1.53 -48.52
CA GLY D 22 -0.90 0.98 -49.76
C GLY D 22 0.09 0.05 -50.45
N LEU D 23 1.39 0.36 -50.35
CA LEU D 23 2.38 -0.54 -50.94
C LEU D 23 2.43 -1.86 -50.19
N GLY D 24 2.19 -1.85 -48.87
CA GLY D 24 2.03 -3.09 -48.13
C GLY D 24 0.85 -3.91 -48.63
N ALA D 25 -0.30 -3.25 -48.78
CA ALA D 25 -1.46 -3.92 -49.35
C ALA D 25 -1.14 -4.48 -50.72
N ALA D 26 -0.49 -3.68 -51.57
CA ALA D 26 -0.12 -4.14 -52.91
C ALA D 26 0.87 -5.30 -52.85
N LYS D 27 1.85 -5.23 -51.95
CA LYS D 27 2.84 -6.31 -51.90
C LYS D 27 2.18 -7.63 -51.53
N ARG D 28 1.24 -7.61 -50.57
CA ARG D 28 0.54 -8.82 -50.17
C ARG D 28 -0.41 -9.33 -51.26
N LEU D 29 -1.14 -8.41 -51.92
CA LEU D 29 -1.98 -8.81 -53.04
C LEU D 29 -1.14 -9.44 -54.14
N ASN D 30 0.02 -8.86 -54.43
CA ASN D 30 0.88 -9.40 -55.48
C ASN D 30 1.44 -10.76 -55.09
N GLN D 31 1.76 -10.95 -53.81
CA GLN D 31 2.24 -12.23 -53.31
C GLN D 31 1.15 -13.30 -53.37
N ILE D 32 -0.04 -12.97 -52.85
CA ILE D 32 -1.14 -13.93 -52.87
C ILE D 32 -1.51 -14.28 -54.30
N ASP D 33 -1.58 -13.27 -55.16
CA ASP D 33 -1.83 -13.47 -56.60
C ASP D 33 -3.10 -14.27 -56.84
N GLY D 34 -4.15 -13.95 -56.09
CA GLY D 34 -5.44 -14.55 -56.29
C GLY D 34 -6.39 -13.55 -56.87
N PRO D 35 -7.09 -12.83 -56.01
CA PRO D 35 -7.98 -11.75 -56.49
C PRO D 35 -7.25 -10.72 -57.34
N SER D 36 -7.97 -10.20 -58.34
CA SER D 36 -7.46 -9.11 -59.13
C SER D 36 -7.38 -7.84 -58.30
N TRP D 37 -6.51 -6.92 -58.72
CA TRP D 37 -6.33 -5.73 -57.91
C TRP D 37 -5.59 -4.65 -58.71
N MET D 38 -5.63 -3.43 -58.20
CA MET D 38 -4.77 -2.37 -58.69
C MET D 38 -4.58 -1.35 -57.57
N ILE D 39 -3.52 -0.56 -57.71
CA ILE D 39 -3.19 0.48 -56.75
C ILE D 39 -3.09 1.79 -57.49
N VAL D 40 -3.68 2.84 -56.93
CA VAL D 40 -3.67 4.16 -57.54
C VAL D 40 -3.08 5.15 -56.55
N ASP D 41 -2.44 6.18 -57.09
CA ASP D 41 -1.93 7.29 -56.29
C ASP D 41 -1.92 8.52 -57.20
N SER D 42 -2.20 9.69 -56.62
CA SER D 42 -2.19 10.92 -57.40
C SER D 42 -0.78 11.40 -57.70
N ASN D 43 0.22 10.87 -57.02
CA ASN D 43 1.60 11.24 -57.23
C ASN D 43 2.28 10.21 -58.14
N GLU D 44 3.08 10.70 -59.10
CA GLU D 44 3.80 9.79 -59.99
C GLU D 44 4.86 8.97 -59.26
N THR D 45 5.35 9.47 -58.13
CA THR D 45 6.41 8.81 -57.38
C THR D 45 5.82 8.10 -56.17
N PRO D 46 5.94 6.78 -56.04
CA PRO D 46 5.41 6.12 -54.85
C PRO D 46 6.19 6.55 -53.61
N GLY D 47 5.56 6.34 -52.45
CA GLY D 47 6.23 6.64 -51.21
C GLY D 47 5.42 7.47 -50.24
N GLY D 48 4.42 8.17 -50.76
CA GLY D 48 3.58 9.01 -49.93
C GLY D 48 4.40 10.00 -49.12
N LEU D 49 4.01 10.19 -47.86
CA LEU D 49 4.69 11.00 -46.85
C LEU D 49 6.00 10.35 -46.36
N ALA D 50 6.46 9.25 -46.95
CA ALA D 50 7.79 8.71 -46.70
C ALA D 50 8.71 8.94 -47.90
N SER D 51 8.32 9.86 -48.79
CA SER D 51 9.16 10.22 -49.92
C SER D 51 10.35 11.04 -49.45
N THR D 52 11.23 11.36 -50.40
CA THR D 52 12.43 12.15 -50.15
C THR D 52 12.51 13.27 -51.19
N ASP D 53 12.64 14.50 -50.71
CA ASP D 53 12.92 15.66 -51.56
C ASP D 53 14.41 15.94 -51.65
N VAL D 54 14.78 16.72 -52.66
CA VAL D 54 16.15 17.13 -52.84
C VAL D 54 16.16 18.62 -53.21
N THR D 55 17.02 19.40 -52.55
CA THR D 55 17.13 20.82 -52.87
C THR D 55 17.88 20.99 -54.18
N PRO D 56 17.75 22.15 -54.84
CA PRO D 56 18.53 22.40 -56.06
C PRO D 56 20.04 22.26 -55.86
N GLU D 57 20.54 22.38 -54.64
CA GLU D 57 21.95 22.24 -54.34
C GLU D 57 22.34 20.79 -54.08
N GLY D 58 21.40 19.87 -54.05
CA GLY D 58 21.71 18.47 -53.90
C GLY D 58 21.66 17.90 -52.51
N PHE D 59 20.90 18.50 -51.60
CA PHE D 59 20.73 17.95 -50.26
C PHE D 59 19.39 17.25 -50.18
N LEU D 60 19.40 16.00 -49.72
CA LEU D 60 18.18 15.24 -49.53
C LEU D 60 17.56 15.54 -48.18
N TYR D 61 16.24 15.60 -48.13
CA TYR D 61 15.55 15.64 -46.85
C TYR D 61 14.34 14.71 -46.89
N ASP D 62 14.27 13.81 -45.91
CA ASP D 62 13.11 12.97 -45.72
C ASP D 62 12.00 13.76 -45.05
N VAL D 63 10.77 13.24 -45.15
CA VAL D 63 9.67 13.83 -44.41
C VAL D 63 9.60 13.32 -42.96
N ALA D 66 13.51 10.10 -41.44
CA ALA D 66 12.67 9.02 -40.94
C ALA D 66 13.50 7.76 -40.60
N VAL D 67 13.61 7.44 -39.28
CA VAL D 67 14.37 6.27 -38.84
C VAL D 67 13.44 5.06 -38.78
N ILE D 68 13.95 3.91 -39.19
CA ILE D 68 13.17 2.68 -39.25
C ILE D 68 13.51 1.81 -38.04
N PHE D 69 12.47 1.19 -37.46
CA PHE D 69 12.64 0.05 -36.57
C PHE D 69 11.52 -0.95 -36.88
N SER D 70 11.90 -2.14 -37.31
CA SER D 70 10.93 -3.12 -37.80
C SER D 70 10.50 -4.11 -36.73
N HIS D 71 9.18 -4.28 -36.57
CA HIS D 71 8.64 -5.32 -35.71
C HIS D 71 8.21 -6.57 -36.48
N TYR D 72 8.49 -6.64 -37.78
CA TYR D 72 7.91 -7.69 -38.61
C TYR D 72 8.93 -8.25 -39.59
N LYS D 73 9.06 -9.59 -39.63
CA LYS D 73 9.85 -10.22 -40.68
C LYS D 73 9.32 -9.91 -42.06
N TYR D 74 8.00 -9.79 -42.21
CA TYR D 74 7.43 -9.56 -43.53
C TYR D 74 7.94 -8.25 -44.11
N PHE D 75 7.92 -7.20 -43.29
CA PHE D 75 8.50 -5.92 -43.67
C PHE D 75 9.97 -6.07 -44.05
N ASP D 76 10.74 -6.81 -43.24
CA ASP D 76 12.15 -7.05 -43.57
C ASP D 76 12.28 -7.74 -44.93
N ASP D 77 11.46 -8.78 -45.17
CA ASP D 77 11.50 -9.47 -46.45
C ASP D 77 11.30 -8.50 -47.60
N CYS D 78 10.37 -7.55 -47.46
CA CYS D 78 10.10 -6.66 -48.58
C CYS D 78 11.21 -5.64 -48.76
N LEU D 79 11.79 -5.16 -47.66
CA LEU D 79 12.92 -4.24 -47.79
C LEU D 79 14.14 -4.93 -48.37
N ASP D 80 14.42 -6.17 -47.95
CA ASP D 80 15.57 -6.91 -48.47
C ASP D 80 15.37 -7.23 -49.95
N GLU D 81 14.15 -7.55 -50.35
CA GLU D 81 13.89 -7.77 -51.76
C GLU D 81 14.12 -6.49 -52.55
N ALA D 82 13.67 -5.36 -52.01
CA ALA D 82 13.76 -4.10 -52.75
C ALA D 82 15.20 -3.63 -52.85
N LEU D 83 15.96 -3.77 -51.77
CA LEU D 83 17.34 -3.27 -51.69
C LEU D 83 18.19 -4.42 -51.14
N PRO D 84 18.58 -5.39 -52.01
CA PRO D 84 19.18 -6.65 -51.49
C PRO D 84 20.68 -6.59 -51.25
N LYS D 85 21.37 -5.62 -51.84
CA LYS D 85 22.82 -5.59 -51.71
C LYS D 85 23.22 -4.97 -50.39
N GLU D 86 24.32 -5.47 -49.82
CA GLU D 86 24.78 -4.95 -48.54
C GLU D 86 25.14 -3.48 -48.62
N ASP D 87 25.66 -3.01 -49.75
CA ASP D 87 25.98 -1.60 -49.88
C ASP D 87 24.78 -0.75 -50.29
N ASP D 88 23.58 -1.32 -50.29
CA ASP D 88 22.36 -0.51 -50.41
C ASP D 88 22.01 0.18 -49.11
N TRP D 89 22.69 -0.16 -48.02
CA TRP D 89 22.31 0.30 -46.70
C TRP D 89 23.55 0.71 -45.91
N TYR D 90 23.35 1.68 -45.01
CA TYR D 90 24.32 2.01 -43.98
C TYR D 90 23.67 1.77 -42.63
N THR D 91 24.44 1.18 -41.71
CA THR D 91 23.97 0.89 -40.37
C THR D 91 24.56 1.87 -39.38
N HIS D 92 23.75 2.30 -38.42
CA HIS D 92 24.20 3.25 -37.41
C HIS D 92 23.61 2.85 -36.08
N GLN D 93 24.32 3.20 -35.01
CA GLN D 93 23.74 3.10 -33.68
C GLN D 93 22.67 4.16 -33.46
N ARG D 94 21.71 3.84 -32.60
CA ARG D 94 20.55 4.69 -32.35
C ARG D 94 20.92 5.74 -31.31
N ILE D 95 21.71 6.73 -31.76
CA ILE D 95 22.32 7.73 -30.89
C ILE D 95 21.46 8.98 -30.84
N SER D 96 20.89 9.29 -29.67
CA SER D 96 20.02 10.44 -29.51
C SER D 96 20.31 11.15 -28.20
N TYR D 97 20.07 12.47 -28.18
CA TYR D 97 20.33 13.31 -27.02
C TYR D 97 19.20 14.33 -26.84
N VAL D 98 19.07 14.80 -25.61
CA VAL D 98 18.15 15.87 -25.26
C VAL D 98 18.97 17.11 -24.99
N ARG D 99 18.64 18.21 -25.67
CA ARG D 99 19.28 19.48 -25.38
C ARG D 99 18.66 20.07 -24.13
N CYS D 100 19.47 20.25 -23.09
CA CYS D 100 18.94 20.80 -21.84
C CYS D 100 20.00 21.64 -21.15
N GLN D 101 19.70 22.92 -20.96
CA GLN D 101 20.52 23.86 -20.19
C GLN D 101 22.00 23.79 -20.57
N GLY D 102 22.27 23.98 -21.85
CA GLY D 102 23.61 24.00 -22.37
C GLY D 102 24.27 22.64 -22.53
N GLN D 103 23.56 21.55 -22.24
CA GLN D 103 24.11 20.20 -22.28
C GLN D 103 23.41 19.35 -23.32
N TRP D 104 24.16 18.43 -23.93
CA TRP D 104 23.60 17.34 -24.71
C TRP D 104 23.50 16.16 -23.75
N VAL D 105 22.28 15.91 -23.28
CA VAL D 105 22.04 14.84 -22.29
C VAL D 105 21.68 13.57 -23.05
N PRO D 106 22.41 12.48 -22.86
CA PRO D 106 22.08 11.25 -23.59
C PRO D 106 20.65 10.81 -23.27
N TYR D 107 19.96 10.29 -24.28
CA TYR D 107 18.65 9.67 -24.08
C TYR D 107 18.88 8.24 -23.54
N PRO D 108 18.07 7.80 -22.56
CA PRO D 108 16.95 8.49 -21.92
C PRO D 108 17.36 9.51 -20.86
N PHE D 109 16.63 10.63 -20.87
CA PHE D 109 16.95 11.80 -20.07
C PHE D 109 17.17 11.44 -18.61
N GLN D 110 16.26 10.67 -18.02
CA GLN D 110 16.33 10.45 -16.57
C GLN D 110 17.58 9.69 -16.16
N ASN D 111 18.18 8.90 -17.05
CA ASN D 111 19.38 8.18 -16.66
C ASN D 111 20.63 9.02 -16.75
N ASN D 112 20.48 10.33 -17.04
CA ASN D 112 21.63 11.15 -17.34
C ASN D 112 21.54 12.53 -16.72
N ILE D 113 20.64 12.73 -15.75
CA ILE D 113 20.52 14.00 -15.07
C ILE D 113 21.78 14.38 -14.31
N SER D 114 22.73 13.44 -14.14
CA SER D 114 24.00 13.78 -13.49
C SER D 114 24.70 14.94 -14.18
N MET D 115 24.40 15.22 -15.46
CA MET D 115 24.95 16.37 -16.16
C MET D 115 24.31 17.69 -15.77
N LEU D 116 23.20 17.67 -15.05
CA LEU D 116 22.55 18.92 -14.65
C LEU D 116 23.17 19.43 -13.36
N PRO D 117 22.92 20.70 -13.01
CA PRO D 117 23.39 21.18 -11.70
C PRO D 117 22.82 20.38 -10.55
N LYS D 118 23.59 20.33 -9.46
CA LYS D 118 23.25 19.48 -8.33
C LYS D 118 21.89 19.85 -7.75
N GLU D 119 21.56 21.14 -7.69
CA GLU D 119 20.28 21.56 -7.13
C GLU D 119 19.12 20.98 -7.92
N GLU D 120 19.28 20.83 -9.24
CA GLU D 120 18.24 20.22 -10.06
C GLU D 120 18.22 18.71 -9.90
N GLN D 121 19.38 18.08 -9.74
CA GLN D 121 19.41 16.64 -9.47
C GLN D 121 18.63 16.34 -8.21
N VAL D 122 18.77 17.17 -7.18
CA VAL D 122 18.00 17.00 -5.94
C VAL D 122 16.50 17.08 -6.24
N LYS D 123 16.07 18.12 -6.95
CA LYS D 123 14.65 18.26 -7.28
C LYS D 123 14.17 17.08 -8.11
N CYS D 124 14.99 16.62 -9.06
CA CYS D 124 14.57 15.52 -9.91
C CYS D 124 14.44 14.24 -9.11
N ILE D 125 15.44 13.92 -8.28
CA ILE D 125 15.38 12.69 -7.50
C ILE D 125 14.24 12.74 -6.49
N ASP D 126 14.07 13.88 -5.81
CA ASP D 126 12.96 14.03 -4.88
C ASP D 126 11.62 13.77 -5.57
N GLY D 127 11.42 14.32 -6.76
CA GLY D 127 10.19 14.07 -7.48
C GLY D 127 10.03 12.60 -7.88
N MET D 128 11.13 11.97 -8.30
CA MET D 128 11.02 10.56 -8.69
C MET D 128 10.79 9.66 -7.47
N ILE D 129 11.31 10.05 -6.30
CA ILE D 129 10.99 9.35 -5.06
C ILE D 129 9.48 9.41 -4.79
N ASP D 130 8.90 10.61 -4.89
CA ASP D 130 7.45 10.75 -4.72
C ASP D 130 6.69 9.83 -5.65
N ALA D 131 7.07 9.82 -6.93
CA ALA D 131 6.39 8.99 -7.92
C ALA D 131 6.56 7.50 -7.61
N ALA D 132 7.75 7.09 -7.13
CA ALA D 132 7.96 5.68 -6.80
C ALA D 132 7.10 5.23 -5.63
N LEU D 133 6.97 6.09 -4.61
CA LEU D 133 6.15 5.77 -3.47
C LEU D 133 4.68 5.71 -3.87
N GLU D 134 4.25 6.64 -4.73
CA GLU D 134 2.89 6.60 -5.24
C GLU D 134 2.68 5.36 -6.10
N ALA D 135 3.66 5.00 -6.93
CA ALA D 135 3.48 3.83 -7.77
C ALA D 135 3.33 2.57 -6.93
N ARG D 136 3.91 2.55 -5.71
CA ARG D 136 3.82 1.38 -4.85
C ARG D 136 2.39 1.09 -4.41
N VAL D 137 1.53 2.11 -4.32
CA VAL D 137 0.14 1.91 -3.90
C VAL D 137 -0.86 2.26 -4.99
N ALA D 138 -0.41 2.46 -6.23
CA ALA D 138 -1.32 2.83 -7.31
C ALA D 138 -2.24 1.67 -7.66
N ASN D 139 -3.52 1.98 -7.84
CA ASN D 139 -4.49 0.99 -8.30
C ASN D 139 -5.38 1.51 -9.42
N THR D 140 -4.91 2.49 -10.18
CA THR D 140 -5.63 2.99 -11.34
C THR D 140 -4.64 3.15 -12.47
N LYS D 141 -5.14 3.17 -13.64
CA LYS D 141 -4.23 3.46 -14.73
C LYS D 141 -4.23 4.96 -15.02
N PRO D 142 -3.14 5.54 -15.52
CA PRO D 142 -3.18 6.97 -15.88
C PRO D 142 -4.16 7.19 -17.01
N LYS D 143 -4.84 8.33 -16.97
CA LYS D 143 -5.87 8.66 -17.96
C LYS D 143 -5.38 9.63 -19.03
N THR D 144 -4.38 10.46 -18.75
CA THR D 144 -3.85 11.39 -19.73
C THR D 144 -2.36 11.14 -19.92
N PHE D 145 -1.86 11.55 -21.09
CA PHE D 145 -0.43 11.55 -21.35
C PHE D 145 0.33 12.25 -20.23
N ASP D 146 -0.21 13.37 -19.73
CA ASP D 146 0.47 14.08 -18.66
C ASP D 146 0.59 13.23 -17.39
N GLU D 147 -0.50 12.57 -16.99
CA GLU D 147 -0.44 11.70 -15.82
C GLU D 147 0.57 10.58 -16.02
N TRP D 148 0.59 10.02 -17.21
CA TRP D 148 1.56 8.97 -17.52
C TRP D 148 2.98 9.49 -17.35
N ILE D 149 3.27 10.68 -17.85
CA ILE D 149 4.61 11.25 -17.75
C ILE D 149 5.01 11.40 -16.29
N VAL D 150 4.13 12.00 -15.49
CA VAL D 150 4.43 12.28 -14.09
C VAL D 150 4.65 10.99 -13.32
N ARG D 151 3.84 9.96 -13.61
CA ARG D 151 3.98 8.72 -12.87
C ARG D 151 5.27 8.01 -13.25
N MET D 152 5.73 8.16 -14.48
CA MET D 152 7.00 7.56 -14.90
C MET D 152 8.21 8.35 -14.38
N MET D 153 8.11 9.67 -14.33
CA MET D 153 9.29 10.51 -14.12
C MET D 153 9.27 11.32 -12.82
N GLY D 154 8.11 11.60 -12.25
CA GLY D 154 8.02 12.58 -11.20
C GLY D 154 8.02 13.99 -11.78
N THR D 155 7.57 14.95 -10.97
CA THR D 155 7.36 16.32 -11.43
C THR D 155 8.63 16.97 -11.99
N GLY D 156 9.73 16.88 -11.24
CA GLY D 156 10.93 17.60 -11.63
C GLY D 156 11.45 17.18 -12.99
N ILE D 157 11.57 15.87 -13.21
CA ILE D 157 12.06 15.37 -14.49
C ILE D 157 11.02 15.58 -15.58
N ALA D 158 9.74 15.44 -15.23
CA ALA D 158 8.69 15.73 -16.21
C ALA D 158 8.81 17.16 -16.74
N ASP D 159 8.99 18.13 -15.83
CA ASP D 159 9.02 19.55 -16.21
C ASP D 159 10.23 19.90 -17.07
N LEU D 160 11.33 19.16 -16.91
CA LEU D 160 12.55 19.46 -17.66
C LEU D 160 12.48 18.95 -19.10
N PHE D 161 11.79 17.82 -19.34
CA PHE D 161 11.89 17.28 -20.70
C PHE D 161 10.53 16.91 -21.30
N MET D 162 9.88 15.85 -20.80
CA MET D 162 8.74 15.31 -21.54
C MET D 162 7.55 16.26 -21.63
N ARG D 163 7.25 17.01 -20.57
CA ARG D 163 6.14 17.96 -20.68
C ARG D 163 6.41 19.04 -21.70
N PRO D 164 7.47 19.86 -21.60
CA PRO D 164 7.64 20.92 -22.61
C PRO D 164 7.96 20.38 -24.00
N TYR D 165 8.69 19.26 -24.08
CA TYR D 165 8.99 18.66 -25.38
C TYR D 165 7.72 18.15 -26.09
N ASN D 166 6.82 17.51 -25.35
CA ASN D 166 5.68 16.94 -26.05
C ASN D 166 4.69 18.01 -26.48
N PHE D 167 4.60 19.14 -25.78
CA PHE D 167 3.83 20.23 -26.34
C PHE D 167 4.44 20.69 -27.66
N LYS D 168 5.78 20.82 -27.72
CA LYS D 168 6.41 21.24 -28.97
C LYS D 168 6.25 20.17 -30.06
N VAL D 169 6.10 18.91 -29.68
CA VAL D 169 5.89 17.84 -30.65
C VAL D 169 4.46 17.83 -31.17
N TRP D 170 3.49 17.68 -30.27
CA TRP D 170 2.12 17.43 -30.67
C TRP D 170 1.35 18.69 -30.95
N ALA D 171 1.87 19.86 -30.55
CA ALA D 171 1.16 21.13 -30.64
C ALA D 171 -0.17 21.08 -29.89
N VAL D 172 -0.25 20.17 -28.92
CA VAL D 172 -1.30 20.19 -27.89
C VAL D 172 -0.66 19.86 -26.55
N PRO D 173 -1.26 20.33 -25.46
CA PRO D 173 -0.68 20.05 -24.14
C PRO D 173 -0.89 18.60 -23.75
N THR D 174 0.04 18.08 -22.94
CA THR D 174 0.03 16.68 -22.57
C THR D 174 -1.25 16.31 -21.81
N THR D 175 -1.89 17.29 -21.16
CA THR D 175 -3.13 17.05 -20.42
C THR D 175 -4.30 16.75 -21.33
N LYS D 176 -4.17 17.03 -22.63
CA LYS D 176 -5.25 16.80 -23.58
C LYS D 176 -5.07 15.53 -24.38
N MET D 177 -4.02 14.75 -24.13
CA MET D 177 -3.79 13.54 -24.91
C MET D 177 -4.04 12.31 -24.05
N GLN D 178 -4.47 11.24 -24.71
CA GLN D 178 -4.57 9.96 -24.03
C GLN D 178 -3.16 9.36 -23.87
N CYS D 179 -3.07 8.21 -23.20
CA CYS D 179 -1.77 7.57 -23.00
C CYS D 179 -1.75 6.08 -23.27
N ALA D 180 -2.89 5.48 -23.67
CA ALA D 180 -2.91 4.06 -24.02
C ALA D 180 -2.03 3.78 -25.23
N TRP D 181 -1.85 4.79 -26.11
CA TRP D 181 -1.07 4.62 -27.32
C TRP D 181 0.40 4.36 -27.02
N LEU D 182 0.82 4.53 -25.77
CA LEU D 182 2.22 4.37 -25.40
C LEU D 182 2.53 2.94 -24.98
N GLY D 183 1.52 2.10 -24.85
CA GLY D 183 1.74 0.72 -24.49
C GLY D 183 1.16 0.39 -23.12
N GLU D 184 1.28 -0.90 -22.78
CA GLU D 184 0.69 -1.43 -21.57
C GLU D 184 1.63 -1.38 -20.36
N ARG D 185 2.91 -1.06 -20.57
CA ARG D 185 3.84 -0.97 -19.46
C ARG D 185 3.30 -0.07 -18.35
N VAL D 186 3.47 -0.50 -17.10
CA VAL D 186 2.99 0.26 -15.95
C VAL D 186 3.79 1.55 -15.83
N ALA D 187 3.08 2.65 -15.56
CA ALA D 187 3.72 3.96 -15.44
C ALA D 187 4.35 4.05 -14.05
N ALA D 188 5.63 3.72 -13.95
CA ALA D 188 6.33 3.68 -12.68
C ALA D 188 7.80 4.01 -12.95
N PRO D 189 8.48 4.68 -12.03
CA PRO D 189 9.90 5.00 -12.26
C PRO D 189 10.80 3.83 -11.94
N ASN D 190 11.95 3.80 -12.61
CA ASN D 190 13.06 2.96 -12.15
C ASN D 190 13.95 3.85 -11.30
N LEU D 191 13.56 3.98 -10.03
CA LEU D 191 14.25 4.89 -9.13
C LEU D 191 15.71 4.50 -8.93
N LYS D 192 15.96 3.21 -8.74
CA LYS D 192 17.33 2.75 -8.49
C LYS D 192 18.24 3.03 -9.67
N ALA D 193 17.74 2.83 -10.90
CA ALA D 193 18.58 3.08 -12.06
C ALA D 193 18.94 4.56 -12.15
N VAL D 194 17.97 5.44 -11.89
CA VAL D 194 18.22 6.89 -11.99
C VAL D 194 19.15 7.35 -10.89
N THR D 195 18.91 6.92 -9.64
CA THR D 195 19.78 7.35 -8.55
C THR D 195 21.18 6.77 -8.70
N THR D 196 21.29 5.51 -9.16
CA THR D 196 22.60 4.92 -9.31
C THR D 196 23.48 5.73 -10.26
N ASN D 197 22.92 6.15 -11.39
CA ASN D 197 23.74 6.94 -12.30
C ASN D 197 24.08 8.29 -11.71
N VAL D 198 23.16 8.89 -10.94
CA VAL D 198 23.50 10.14 -10.25
C VAL D 198 24.62 9.89 -9.26
N ILE D 199 24.51 8.82 -8.45
CA ILE D 199 25.54 8.52 -7.46
C ILE D 199 26.87 8.26 -8.16
N LEU D 200 26.85 7.53 -9.27
CA LEU D 200 28.11 7.21 -9.92
C LEU D 200 28.63 8.39 -10.74
N GLY D 201 27.84 9.44 -10.88
CA GLY D 201 28.17 10.59 -11.69
C GLY D 201 28.35 10.26 -13.15
N LYS D 202 27.62 9.28 -13.66
CA LYS D 202 27.81 8.80 -15.02
C LYS D 202 26.65 9.16 -15.95
N THR D 203 26.98 9.08 -17.23
CA THR D 203 26.01 9.13 -18.31
C THR D 203 26.06 7.82 -19.09
N ALA D 204 24.95 7.49 -19.74
CA ALA D 204 24.88 6.30 -20.58
C ALA D 204 23.66 6.41 -21.46
N GLY D 205 23.84 6.28 -22.76
CA GLY D 205 22.70 6.26 -23.65
C GLY D 205 22.21 4.85 -23.88
N ASN D 206 21.00 4.74 -24.45
CA ASN D 206 20.38 3.44 -24.68
C ASN D 206 20.74 2.88 -26.07
N TRP D 207 21.97 3.08 -26.51
CA TRP D 207 22.41 2.57 -27.79
C TRP D 207 23.71 1.78 -27.60
N GLY D 208 24.14 1.14 -28.67
CA GLY D 208 25.31 0.32 -28.67
C GLY D 208 25.27 -0.60 -29.88
N PRO D 209 26.28 -1.48 -30.00
CA PRO D 209 26.29 -2.46 -31.10
C PRO D 209 24.97 -3.21 -31.30
N ASN D 210 24.20 -3.49 -30.24
CA ASN D 210 22.92 -4.18 -30.42
C ASN D 210 21.85 -3.22 -30.95
N ALA D 211 21.82 -1.97 -30.49
CA ALA D 211 20.74 -1.03 -30.79
C ALA D 211 21.12 -0.17 -31.98
N THR D 212 20.72 -0.64 -33.17
CA THR D 212 21.08 -0.03 -34.44
C THR D 212 19.84 0.15 -35.31
N PHE D 213 20.02 0.92 -36.38
CA PHE D 213 19.06 1.03 -37.46
C PHE D 213 19.88 1.07 -38.73
N ARG D 214 19.23 0.80 -39.85
CA ARG D 214 19.86 0.94 -41.14
C ARG D 214 19.06 1.95 -41.96
N PHE D 215 19.78 2.61 -42.86
CA PHE D 215 19.23 3.67 -43.68
C PHE D 215 19.68 3.45 -45.12
N PRO D 216 18.82 3.73 -46.10
CA PRO D 216 19.19 3.47 -47.50
C PRO D 216 20.39 4.30 -47.90
N ALA D 217 21.29 3.66 -48.64
CA ALA D 217 22.50 4.35 -49.08
C ALA D 217 22.19 5.50 -50.03
N ARG D 218 21.15 5.35 -50.87
CA ARG D 218 20.83 6.32 -51.89
C ARG D 218 19.33 6.59 -51.91
N GLY D 219 18.98 7.82 -52.29
CA GLY D 219 17.60 8.24 -52.48
C GLY D 219 16.82 8.46 -51.21
N GLY D 220 17.46 8.28 -50.03
CA GLY D 220 16.76 8.44 -48.79
C GLY D 220 15.67 7.41 -48.59
N THR D 221 14.85 7.68 -47.56
CA THR D 221 13.69 6.85 -47.28
C THR D 221 12.85 6.65 -48.53
N GLY D 222 12.69 7.69 -49.34
CA GLY D 222 11.90 7.55 -50.55
C GLY D 222 12.45 6.52 -51.52
N GLY D 223 13.75 6.24 -51.44
CA GLY D 223 14.35 5.22 -52.28
C GLY D 223 13.83 3.82 -52.00
N ILE D 224 13.57 3.50 -50.72
CA ILE D 224 12.98 2.20 -50.38
C ILE D 224 11.68 2.00 -51.15
N TRP D 225 10.79 2.99 -51.07
CA TRP D 225 9.43 2.82 -51.56
C TRP D 225 9.36 2.85 -53.07
N ILE D 226 10.27 3.57 -53.71
CA ILE D 226 10.43 3.42 -55.16
C ILE D 226 10.82 1.99 -55.48
N ALA D 227 11.81 1.44 -54.77
CA ALA D 227 12.30 0.10 -55.05
C ALA D 227 11.25 -0.97 -54.74
N VAL D 228 10.51 -0.81 -53.64
CA VAL D 228 9.44 -1.75 -53.33
C VAL D 228 8.36 -1.71 -54.42
N ALA D 229 7.94 -0.49 -54.78
CA ALA D 229 6.91 -0.35 -55.81
C ALA D 229 7.35 -0.93 -57.14
N ASN D 230 8.66 -0.85 -57.46
CA ASN D 230 9.15 -1.42 -58.72
C ASN D 230 8.94 -2.93 -58.81
N THR D 231 8.83 -3.62 -57.67
CA THR D 231 8.56 -5.06 -57.72
C THR D 231 7.11 -5.38 -58.12
N LEU D 232 6.25 -4.34 -58.20
CA LEU D 232 4.87 -4.59 -58.55
C LEU D 232 4.72 -4.66 -60.08
N PRO D 233 3.74 -5.42 -60.57
CA PRO D 233 3.47 -5.42 -62.01
C PRO D 233 2.99 -4.04 -62.45
N LYS D 234 3.76 -3.41 -63.36
CA LYS D 234 3.51 -2.01 -63.70
C LYS D 234 2.07 -1.80 -64.19
N GLU D 235 1.51 -2.79 -64.89
CA GLU D 235 0.15 -2.62 -65.43
C GLU D 235 -0.92 -2.61 -64.36
N LYS D 236 -0.61 -3.03 -63.13
CA LYS D 236 -1.56 -2.97 -62.03
C LYS D 236 -1.40 -1.69 -61.21
N THR D 237 -0.56 -0.77 -61.66
CA THR D 237 -0.35 0.48 -60.96
C THR D 237 -0.84 1.64 -61.82
N ARG D 238 -1.26 2.70 -61.15
CA ARG D 238 -1.77 3.88 -61.85
C ARG D 238 -1.39 5.09 -60.99
N PHE D 239 -0.18 5.60 -61.22
CA PHE D 239 0.42 6.64 -60.39
C PHE D 239 0.54 7.93 -61.20
N GLY D 240 0.15 9.04 -60.59
CA GLY D 240 0.19 10.36 -61.22
C GLY D 240 -1.18 10.99 -61.24
N GLU D 241 -1.29 12.07 -62.04
CA GLU D 241 -2.59 12.72 -62.21
C GLU D 241 -3.63 11.74 -62.75
N LYS D 242 -3.21 10.75 -63.54
CA LYS D 242 -4.12 9.72 -64.03
C LYS D 242 -4.65 8.81 -62.94
N GLY D 243 -4.07 8.84 -61.75
CA GLY D 243 -4.54 7.99 -60.67
C GLY D 243 -5.09 8.77 -59.49
N LYS D 244 -5.36 10.06 -59.69
CA LYS D 244 -5.94 10.87 -58.63
C LYS D 244 -7.42 10.53 -58.50
N VAL D 245 -7.83 10.08 -57.31
CA VAL D 245 -9.23 9.78 -57.03
C VAL D 245 -9.93 11.09 -56.69
N THR D 246 -11.08 11.32 -57.32
CA THR D 246 -11.90 12.49 -57.02
C THR D 246 -13.25 12.15 -56.42
N LYS D 247 -13.81 10.96 -56.71
CA LYS D 247 -15.09 10.55 -56.15
C LYS D 247 -15.01 9.10 -55.69
N VAL D 248 -15.61 8.82 -54.54
CA VAL D 248 -15.85 7.46 -54.05
C VAL D 248 -17.35 7.29 -53.84
N ASN D 249 -17.95 6.37 -54.59
CA ASN D 249 -19.38 6.03 -54.44
C ASN D 249 -19.48 4.69 -53.71
N ALA D 250 -19.59 4.74 -52.38
CA ALA D 250 -19.57 3.50 -51.60
C ALA D 250 -20.79 2.63 -51.87
N ASN D 251 -21.93 3.23 -52.23
CA ASN D 251 -23.11 2.40 -52.45
C ASN D 251 -23.01 1.62 -53.76
N ASN D 252 -22.37 2.19 -54.77
CA ASN D 252 -22.13 1.53 -56.06
C ASN D 252 -20.79 0.81 -56.13
N LYS D 253 -19.96 0.92 -55.09
CA LYS D 253 -18.58 0.39 -55.08
C LYS D 253 -17.83 0.82 -56.34
N THR D 254 -17.83 2.13 -56.59
CA THR D 254 -17.18 2.72 -57.74
C THR D 254 -16.30 3.87 -57.29
N VAL D 255 -15.10 3.94 -57.84
CA VAL D 255 -14.22 5.09 -57.68
C VAL D 255 -14.09 5.78 -59.04
N THR D 256 -14.15 7.10 -59.03
CA THR D 256 -13.97 7.90 -60.23
C THR D 256 -12.68 8.72 -60.11
N LEU D 257 -11.85 8.66 -61.14
CA LEU D 257 -10.58 9.37 -61.14
C LEU D 257 -10.70 10.75 -61.81
N GLN D 258 -9.65 11.54 -61.67
CA GLN D 258 -9.68 12.91 -62.17
C GLN D 258 -9.88 12.94 -63.68
N ASP D 259 -9.23 12.03 -64.41
CA ASP D 259 -9.42 11.96 -65.86
C ASP D 259 -10.76 11.34 -66.25
N GLY D 260 -11.64 11.03 -65.29
CA GLY D 260 -12.95 10.47 -65.58
C GLY D 260 -13.05 8.96 -65.58
N THR D 261 -11.94 8.24 -65.41
CA THR D 261 -11.96 6.78 -65.36
C THR D 261 -12.69 6.31 -64.10
N THR D 262 -13.55 5.31 -64.26
CA THR D 262 -14.25 4.69 -63.15
C THR D 262 -13.69 3.30 -62.89
N ILE D 263 -13.51 2.97 -61.62
CA ILE D 263 -12.97 1.68 -61.20
C ILE D 263 -13.99 1.03 -60.28
N GLY D 264 -14.42 -0.18 -60.65
CA GLY D 264 -15.28 -0.96 -59.77
C GLY D 264 -14.45 -1.86 -58.88
N TYR D 265 -14.89 -1.99 -57.63
CA TYR D 265 -14.20 -2.80 -56.65
C TYR D 265 -15.21 -3.67 -55.91
N LYS D 266 -14.73 -4.78 -55.38
CA LYS D 266 -15.51 -5.52 -54.39
C LYS D 266 -15.10 -5.13 -52.97
N LYS D 267 -13.80 -4.85 -52.76
CA LYS D 267 -13.30 -4.36 -51.49
C LYS D 267 -12.35 -3.19 -51.73
N LEU D 268 -12.43 -2.17 -50.87
CA LEU D 268 -11.62 -0.97 -51.02
C LEU D 268 -10.67 -0.86 -49.84
N VAL D 269 -9.37 -0.75 -50.12
CA VAL D 269 -8.37 -0.42 -49.13
C VAL D 269 -7.97 1.02 -49.40
N SER D 270 -8.42 1.94 -48.56
CA SER D 270 -8.18 3.36 -48.72
C SER D 270 -7.12 3.78 -47.72
N THR D 271 -6.00 4.30 -48.21
CA THR D 271 -4.95 4.80 -47.35
C THR D 271 -4.84 6.32 -47.36
N MET D 272 -5.71 7.02 -48.08
CA MET D 272 -5.72 8.47 -47.97
C MET D 272 -6.28 8.88 -46.61
N ALA D 273 -6.04 10.14 -46.26
CA ALA D 273 -6.54 10.68 -45.00
C ALA D 273 -8.05 10.50 -44.93
N VAL D 274 -8.53 9.99 -43.79
CA VAL D 274 -9.93 9.58 -43.72
C VAL D 274 -10.88 10.78 -43.86
N ASP D 275 -10.43 11.99 -43.48
CA ASP D 275 -11.27 13.16 -43.71
C ASP D 275 -11.41 13.47 -45.19
N PHE D 276 -10.33 13.33 -45.97
CA PHE D 276 -10.43 13.42 -47.42
C PHE D 276 -11.30 12.30 -47.98
N LEU D 277 -11.17 11.08 -47.43
CA LEU D 277 -12.00 9.98 -47.90
C LEU D 277 -13.47 10.28 -47.71
N ALA D 278 -13.84 10.81 -46.54
CA ALA D 278 -15.24 11.17 -46.30
C ALA D 278 -15.72 12.21 -47.30
N GLU D 279 -14.87 13.21 -47.61
CA GLU D 279 -15.23 14.20 -48.61
C GLU D 279 -15.44 13.56 -49.97
N ALA D 280 -14.51 12.70 -50.40
CA ALA D 280 -14.64 12.07 -51.71
C ALA D 280 -15.88 11.18 -51.76
N MET D 281 -16.33 10.67 -50.62
CA MET D 281 -17.53 9.86 -50.56
C MET D 281 -18.81 10.69 -50.58
N ASN D 282 -18.70 12.02 -50.45
CA ASN D 282 -19.85 12.91 -50.30
C ASN D 282 -20.80 12.40 -49.23
N ASP D 283 -20.22 11.94 -48.13
CA ASP D 283 -20.95 11.39 -46.99
C ASP D 283 -20.91 12.42 -45.88
N GLN D 284 -22.00 13.17 -45.74
CA GLN D 284 -22.00 14.31 -44.82
C GLN D 284 -21.78 13.85 -43.37
N GLU D 285 -22.39 12.72 -42.99
CA GLU D 285 -22.20 12.21 -41.64
C GLU D 285 -20.73 11.93 -41.35
N LEU D 286 -20.04 11.26 -42.27
CA LEU D 286 -18.62 10.96 -42.07
C LEU D 286 -17.76 12.22 -42.15
N VAL D 287 -18.16 13.19 -42.97
CA VAL D 287 -17.43 14.46 -43.01
C VAL D 287 -17.47 15.13 -41.63
N GLY D 288 -18.66 15.19 -41.03
CA GLY D 288 -18.78 15.78 -39.71
C GLY D 288 -17.99 15.03 -38.65
N LEU D 289 -18.03 13.69 -38.71
CA LEU D 289 -17.27 12.89 -37.76
C LEU D 289 -15.77 13.03 -37.96
N THR D 290 -15.30 12.94 -39.22
CA THR D 290 -13.86 13.05 -39.42
C THR D 290 -13.33 14.43 -39.08
N LYS D 291 -14.12 15.49 -39.29
CA LYS D 291 -13.66 16.81 -38.91
C LYS D 291 -13.48 16.95 -37.39
N GLN D 292 -14.05 16.03 -36.61
CA GLN D 292 -13.82 16.05 -35.17
C GLN D 292 -12.50 15.41 -34.76
N LEU D 293 -11.79 14.76 -35.70
CA LEU D 293 -10.44 14.32 -35.38
C LEU D 293 -9.52 15.52 -35.32
N PHE D 294 -8.37 15.33 -34.70
CA PHE D 294 -7.40 16.40 -34.53
C PHE D 294 -6.08 15.95 -35.13
N TYR D 295 -5.40 16.88 -35.78
CA TYR D 295 -4.08 16.59 -36.32
C TYR D 295 -3.24 17.85 -36.28
N SER D 296 -1.92 17.66 -36.29
CA SER D 296 -0.98 18.76 -36.42
C SER D 296 -0.39 18.75 -37.82
N SER D 297 -0.06 19.93 -38.32
CA SER D 297 0.77 20.06 -39.51
C SER D 297 2.24 20.06 -39.10
N THR D 298 3.10 19.65 -40.04
CA THR D 298 4.53 19.58 -39.78
C THR D 298 5.30 20.42 -40.79
N HIS D 299 6.18 21.28 -40.28
CA HIS D 299 7.16 21.94 -41.13
C HIS D 299 8.47 21.17 -41.04
N VAL D 300 8.99 20.75 -42.18
CA VAL D 300 10.32 20.15 -42.25
C VAL D 300 11.26 21.24 -42.78
N ILE D 301 12.32 21.52 -42.02
CA ILE D 301 13.34 22.46 -42.44
C ILE D 301 14.67 21.70 -42.62
N GLY D 302 15.32 21.95 -43.75
CA GLY D 302 16.62 21.35 -44.04
C GLY D 302 17.67 22.44 -44.19
N VAL D 303 18.85 22.20 -43.63
CA VAL D 303 19.95 23.16 -43.67
C VAL D 303 21.22 22.44 -44.08
N GLY D 304 21.82 22.85 -45.21
CA GLY D 304 23.08 22.31 -45.66
C GLY D 304 24.22 23.22 -45.25
N VAL D 305 25.24 22.62 -44.62
CA VAL D 305 26.32 23.36 -44.00
C VAL D 305 27.63 22.96 -44.65
N ARG D 306 28.49 23.95 -44.89
CA ARG D 306 29.82 23.66 -45.39
C ARG D 306 30.73 23.25 -44.25
N GLY D 307 31.57 22.25 -44.50
CA GLY D 307 32.57 21.88 -43.51
C GLY D 307 32.59 20.41 -43.17
N SER D 308 33.72 19.94 -42.67
CA SER D 308 33.75 18.66 -42.00
C SER D 308 32.78 18.68 -40.84
N ARG D 309 32.25 17.51 -40.52
CA ARG D 309 31.33 17.38 -39.41
C ARG D 309 31.97 17.88 -38.13
N PRO D 310 31.39 18.87 -37.45
CA PRO D 310 32.04 19.40 -36.25
C PRO D 310 32.11 18.34 -35.17
N GLU D 311 33.17 18.42 -34.35
CA GLU D 311 33.33 17.49 -33.24
C GLU D 311 32.13 17.54 -32.30
N ARG D 312 31.58 18.75 -32.09
CA ARG D 312 30.45 18.91 -31.17
C ARG D 312 29.22 18.16 -31.65
N ILE D 313 29.11 17.90 -32.94
CA ILE D 313 28.02 17.09 -33.48
C ILE D 313 28.35 15.61 -33.41
N GLY D 314 29.51 15.26 -33.96
CA GLY D 314 29.97 13.89 -33.86
C GLY D 314 28.98 12.91 -34.45
N ASP D 315 28.83 11.78 -33.78
CA ASP D 315 28.01 10.67 -34.27
C ASP D 315 26.53 10.82 -33.93
N LYS D 316 26.10 12.01 -33.47
CA LYS D 316 24.69 12.21 -33.13
C LYS D 316 23.79 11.92 -34.33
N CYS D 317 22.65 11.28 -34.06
CA CYS D 317 21.65 10.99 -35.08
C CYS D 317 20.43 11.88 -34.95
N TRP D 318 19.68 11.78 -33.86
CA TRP D 318 18.55 12.69 -33.65
C TRP D 318 18.60 13.27 -32.25
N LEU D 319 17.94 14.42 -32.10
CA LEU D 319 18.11 15.29 -30.95
C LEU D 319 16.75 15.86 -30.57
N TYR D 320 16.51 15.98 -29.26
CA TYR D 320 15.23 16.47 -28.77
C TYR D 320 15.39 17.84 -28.12
N PHE D 321 14.40 18.69 -28.28
CA PHE D 321 14.51 20.08 -27.85
C PHE D 321 13.29 20.49 -27.04
N PRO D 322 13.29 20.19 -25.73
CA PRO D 322 12.21 20.66 -24.86
C PRO D 322 12.19 22.16 -24.66
N GLU D 323 13.32 22.87 -24.82
CA GLU D 323 13.40 24.26 -24.39
C GLU D 323 12.89 25.21 -25.45
N ASP D 324 12.61 26.44 -25.03
CA ASP D 324 11.93 27.38 -25.90
C ASP D 324 12.89 28.33 -26.62
N ASN D 325 14.18 28.02 -26.69
CA ASN D 325 15.12 28.84 -27.45
C ASN D 325 15.24 28.38 -28.90
N CYS D 326 14.35 27.50 -29.34
CA CYS D 326 14.32 27.05 -30.73
C CYS D 326 12.90 26.56 -31.04
N PRO D 327 12.41 26.76 -32.26
CA PRO D 327 11.03 26.37 -32.57
C PRO D 327 10.85 24.90 -32.86
N PHE D 328 11.93 24.20 -33.27
CA PHE D 328 11.83 22.80 -33.64
C PHE D 328 11.88 21.92 -32.39
N TYR D 329 11.17 20.78 -32.46
CA TYR D 329 11.24 19.80 -31.38
C TYR D 329 12.27 18.72 -31.64
N ARG D 330 12.59 18.43 -32.91
CA ARG D 330 13.56 17.37 -33.21
C ARG D 330 14.52 17.88 -34.27
N ALA D 331 15.78 17.51 -34.14
CA ALA D 331 16.78 17.74 -35.16
C ALA D 331 17.41 16.40 -35.52
N THR D 332 17.72 16.22 -36.79
CA THR D 332 18.38 15.02 -37.28
C THR D 332 19.67 15.40 -37.98
N ILE D 333 20.78 14.76 -37.61
CA ILE D 333 22.02 14.95 -38.36
C ILE D 333 21.94 14.09 -39.60
N PHE D 334 21.20 14.56 -40.61
CA PHE D 334 20.83 13.71 -41.73
C PHE D 334 22.06 13.27 -42.53
N SER D 335 23.13 14.06 -42.49
CA SER D 335 24.37 13.71 -43.19
C SER D 335 25.07 12.52 -42.53
N ASN D 336 24.74 12.18 -41.29
CA ASN D 336 25.23 10.97 -40.67
C ASN D 336 24.49 9.72 -41.17
N TYR D 337 23.34 9.86 -41.84
CA TYR D 337 22.61 8.66 -42.25
C TYR D 337 23.21 8.05 -43.51
N SER D 338 23.73 8.87 -44.43
CA SER D 338 24.36 8.36 -45.63
C SER D 338 25.25 9.45 -46.22
N PRO D 339 26.43 9.12 -46.74
CA PRO D 339 27.22 10.15 -47.44
C PRO D 339 26.53 10.69 -48.66
N TYR D 340 25.51 10.01 -49.18
CA TYR D 340 24.82 10.45 -50.38
C TYR D 340 23.56 11.26 -50.08
N ASN D 341 23.35 11.65 -48.83
CA ASN D 341 22.26 12.58 -48.53
C ASN D 341 22.65 14.03 -48.82
N GLN D 342 23.87 14.28 -49.29
CA GLN D 342 24.39 15.62 -49.54
C GLN D 342 25.52 15.50 -50.55
N PRO D 343 25.91 16.59 -51.20
CA PRO D 343 26.89 16.50 -52.30
C PRO D 343 28.25 15.99 -51.85
N GLU D 344 28.99 15.46 -52.82
CA GLU D 344 30.38 15.10 -52.59
C GLU D 344 31.19 16.33 -52.18
N ALA D 345 32.34 16.07 -51.55
CA ALA D 345 33.17 17.17 -51.10
C ALA D 345 33.64 18.02 -52.27
N SER D 346 33.85 17.42 -53.43
CA SER D 346 34.37 18.16 -54.58
C SER D 346 33.30 19.00 -55.28
N ALA D 347 32.02 18.80 -54.97
CA ALA D 347 30.99 19.66 -55.55
C ALA D 347 31.11 21.06 -54.98
N ALA D 348 31.12 22.06 -55.86
CA ALA D 348 31.29 23.45 -55.47
C ALA D 348 29.94 24.13 -55.34
N LEU D 349 29.75 24.85 -54.23
CA LEU D 349 28.51 25.56 -53.91
C LEU D 349 28.85 26.90 -53.25
N PRO D 350 28.16 27.97 -53.60
CA PRO D 350 28.35 29.23 -52.88
C PRO D 350 27.66 29.19 -51.52
N THR D 351 28.13 30.06 -50.64
CA THR D 351 27.49 30.25 -49.34
C THR D 351 26.28 31.15 -49.52
N MET D 352 25.11 30.67 -49.07
CA MET D 352 23.91 31.49 -49.13
C MET D 352 23.88 32.50 -47.99
N GLN D 353 24.26 32.09 -46.79
CA GLN D 353 24.29 32.98 -45.64
C GLN D 353 25.12 32.33 -44.55
N LEU D 354 25.51 33.13 -43.57
CA LEU D 354 26.10 32.59 -42.36
C LEU D 354 24.98 32.30 -41.37
N ALA D 355 25.27 31.44 -40.39
CA ALA D 355 24.23 31.00 -39.48
C ALA D 355 23.63 32.17 -38.70
N ASP D 356 24.39 33.24 -38.48
CA ASP D 356 23.84 34.40 -37.79
C ASP D 356 23.03 35.31 -38.70
N GLY D 357 22.80 34.90 -39.95
CA GLY D 357 22.01 35.68 -40.88
C GLY D 357 22.81 36.59 -41.80
N SER D 358 24.09 36.79 -41.53
CA SER D 358 24.81 37.74 -42.36
C SER D 358 25.16 37.11 -43.71
N ARG D 359 25.55 37.97 -44.64
CA ARG D 359 25.92 37.59 -45.99
C ARG D 359 27.34 37.01 -46.01
N PRO D 360 27.61 36.10 -46.93
CA PRO D 360 28.97 35.56 -47.04
C PRO D 360 29.90 36.65 -47.53
N GLN D 361 31.18 36.49 -47.23
CA GLN D 361 32.15 37.47 -47.73
C GLN D 361 32.17 37.46 -49.25
N SER D 362 32.20 36.26 -49.83
CA SER D 362 32.26 36.09 -51.28
C SER D 362 31.00 35.40 -51.78
N THR D 363 30.66 35.67 -53.03
CA THR D 363 29.62 34.95 -53.74
C THR D 363 30.16 33.72 -54.47
N GLU D 364 31.46 33.46 -54.38
CA GLU D 364 32.11 32.40 -55.13
C GLU D 364 31.66 31.02 -54.65
N ALA D 365 31.61 30.08 -55.58
CA ALA D 365 31.35 28.70 -55.25
C ALA D 365 32.64 28.04 -54.74
N LYS D 366 32.57 27.46 -53.55
CA LYS D 366 33.69 26.78 -52.94
C LYS D 366 33.33 25.31 -52.75
N GLU D 367 34.34 24.50 -52.51
CA GLU D 367 34.09 23.08 -52.39
C GLU D 367 33.63 22.74 -50.98
N GLY D 368 33.25 21.47 -50.80
CA GLY D 368 32.84 20.98 -49.51
C GLY D 368 34.02 20.57 -48.65
N PRO D 369 33.87 19.52 -47.84
CA PRO D 369 32.68 18.67 -47.69
C PRO D 369 31.50 19.37 -47.04
N TYR D 370 30.37 18.65 -46.93
CA TYR D 370 29.12 19.20 -46.43
C TYR D 370 28.53 18.27 -45.38
N TRP D 371 27.82 18.86 -44.43
CA TRP D 371 26.94 18.11 -43.52
C TRP D 371 25.57 18.77 -43.57
N SER D 372 24.58 18.16 -42.89
CA SER D 372 23.19 18.48 -43.17
C SER D 372 22.30 18.23 -41.97
N ILE D 373 21.44 19.19 -41.66
CA ILE D 373 20.54 19.13 -40.51
C ILE D 373 19.09 19.14 -41.00
N MET D 374 18.27 18.25 -40.44
CA MET D 374 16.84 18.22 -40.74
C MET D 374 16.05 18.48 -39.47
N LEU D 375 15.14 19.45 -39.54
CA LEU D 375 14.40 19.95 -38.39
C LEU D 375 12.91 19.74 -38.59
N GLU D 376 12.18 19.56 -37.50
CA GLU D 376 10.74 19.46 -37.58
C GLU D 376 10.10 20.47 -36.63
N VAL D 377 9.10 21.18 -37.13
CA VAL D 377 8.31 22.11 -36.33
C VAL D 377 6.85 21.72 -36.48
N SER D 378 6.12 21.65 -35.37
CA SER D 378 4.71 21.31 -35.40
C SER D 378 3.88 22.58 -35.42
N GLU D 379 2.68 22.47 -36.00
CA GLU D 379 1.74 23.56 -36.12
C GLU D 379 0.33 23.03 -35.89
N SER D 380 -0.47 23.77 -35.14
CA SER D 380 -1.89 23.46 -34.98
C SER D 380 -2.64 24.72 -34.56
N SER D 381 -3.96 24.60 -34.45
CA SER D 381 -4.80 25.68 -33.96
C SER D 381 -4.45 26.08 -32.52
N MET D 382 -3.76 25.23 -31.76
CA MET D 382 -3.28 25.59 -30.44
C MET D 382 -1.83 26.09 -30.45
N LYS D 383 -1.20 26.13 -31.63
CA LYS D 383 0.21 26.46 -31.74
C LYS D 383 0.50 26.91 -33.17
N PRO D 384 0.18 28.14 -33.53
CA PRO D 384 0.38 28.58 -34.92
C PRO D 384 1.86 28.76 -35.25
N VAL D 385 2.14 28.73 -36.55
CA VAL D 385 3.50 28.85 -37.07
C VAL D 385 3.48 29.85 -38.20
N ASN D 386 4.38 30.84 -38.13
CA ASN D 386 4.53 31.85 -39.16
C ASN D 386 5.33 31.26 -40.30
N GLN D 387 4.64 30.87 -41.37
CA GLN D 387 5.30 30.22 -42.49
C GLN D 387 6.41 31.08 -43.09
N GLU D 388 6.31 32.41 -42.94
CA GLU D 388 7.25 33.28 -43.60
C GLU D 388 8.56 33.41 -42.83
N THR D 389 8.53 33.24 -41.51
CA THR D 389 9.73 33.43 -40.71
C THR D 389 10.27 32.15 -40.10
N ILE D 390 9.58 31.00 -40.29
CA ILE D 390 9.97 29.81 -39.53
C ILE D 390 11.36 29.33 -39.93
N LEU D 391 11.73 29.46 -41.21
CA LEU D 391 13.06 29.03 -41.63
C LEU D 391 14.14 29.80 -40.88
N ALA D 392 14.02 31.13 -40.87
CA ALA D 392 14.98 31.96 -40.16
C ALA D 392 14.96 31.69 -38.66
N ASP D 393 13.77 31.47 -38.09
CA ASP D 393 13.70 31.13 -36.67
C ASP D 393 14.41 29.82 -36.39
N CYS D 394 14.29 28.86 -37.31
CA CYS D 394 15.00 27.59 -37.14
C CYS D 394 16.51 27.81 -37.15
N ILE D 395 17.00 28.61 -38.10
CA ILE D 395 18.44 28.86 -38.18
C ILE D 395 18.93 29.55 -36.91
N GLN D 396 18.18 30.53 -36.42
CA GLN D 396 18.55 31.15 -35.14
C GLN D 396 18.52 30.12 -34.02
N GLY D 397 17.53 29.21 -34.04
CA GLY D 397 17.51 28.14 -33.06
C GLY D 397 18.73 27.22 -33.14
N LEU D 398 19.26 27.01 -34.34
CA LEU D 398 20.48 26.23 -34.47
C LEU D 398 21.67 26.91 -33.80
N VAL D 399 21.76 28.25 -33.90
CA VAL D 399 22.78 29.00 -33.16
C VAL D 399 22.51 28.92 -31.66
N ASN D 400 21.25 29.15 -31.25
CA ASN D 400 20.92 29.18 -29.82
C ASN D 400 21.27 27.87 -29.14
N THR D 401 21.11 26.75 -29.83
CA THR D 401 21.38 25.44 -29.28
C THR D 401 22.81 25.01 -29.52
N GLU D 402 23.63 25.91 -30.07
CA GLU D 402 25.04 25.64 -30.34
C GLU D 402 25.22 24.51 -31.35
N MET D 403 24.20 24.19 -32.13
CA MET D 403 24.40 23.25 -33.23
C MET D 403 25.19 23.90 -34.36
N LEU D 404 24.97 25.19 -34.59
CA LEU D 404 25.74 25.96 -35.54
C LEU D 404 26.44 27.12 -34.82
N LYS D 405 27.67 27.38 -35.21
CA LYS D 405 28.34 28.60 -34.80
C LYS D 405 27.84 29.75 -35.66
N PRO D 406 27.85 30.97 -35.13
CA PRO D 406 27.45 32.13 -35.95
C PRO D 406 28.15 32.17 -37.30
N THR D 407 29.37 31.64 -37.40
CA THR D 407 30.15 31.70 -38.62
C THR D 407 29.89 30.54 -39.58
N ASP D 408 29.14 29.52 -39.19
CA ASP D 408 28.95 28.39 -40.08
C ASP D 408 28.28 28.84 -41.37
N GLU D 409 28.67 28.22 -42.49
CA GLU D 409 28.23 28.63 -43.81
C GLU D 409 27.08 27.74 -44.26
N ILE D 410 25.93 28.34 -44.49
CA ILE D 410 24.77 27.60 -44.97
C ILE D 410 24.80 27.64 -46.49
N VAL D 411 24.74 26.48 -47.13
CA VAL D 411 24.85 26.38 -48.58
C VAL D 411 23.56 25.89 -49.21
N SER D 412 22.55 25.56 -48.41
CA SER D 412 21.28 25.06 -48.94
C SER D 412 20.26 25.14 -47.83
N THR D 413 19.04 25.55 -48.17
CA THR D 413 17.95 25.51 -47.22
C THR D 413 16.77 24.80 -47.87
N TYR D 414 15.88 24.32 -47.01
CA TYR D 414 14.72 23.55 -47.46
C TYR D 414 13.62 23.81 -46.46
N HIS D 415 12.43 24.08 -46.95
CA HIS D 415 11.30 24.22 -46.04
C HIS D 415 10.06 23.75 -46.79
N ARG D 416 9.38 22.78 -46.20
CA ARG D 416 8.13 22.30 -46.76
C ARG D 416 7.15 22.06 -45.61
N ARG D 417 5.90 22.44 -45.83
CA ARG D 417 4.83 22.27 -44.88
C ARG D 417 3.92 21.13 -45.33
N PHE D 418 3.67 20.19 -44.44
CA PHE D 418 2.77 19.06 -44.67
C PHE D 418 1.53 19.25 -43.81
N ASP D 419 0.38 19.45 -44.48
CA ASP D 419 -0.84 19.83 -43.77
C ASP D 419 -1.26 18.76 -42.77
N HIS D 420 -1.38 17.52 -43.22
CA HIS D 420 -1.63 16.40 -42.32
C HIS D 420 -0.28 15.84 -41.92
N GLY D 421 0.20 16.23 -40.74
CA GLY D 421 1.51 15.80 -40.30
C GLY D 421 1.50 14.69 -39.27
N TYR D 422 0.84 14.92 -38.14
CA TYR D 422 0.65 13.88 -37.14
C TYR D 422 -0.84 13.73 -36.86
N PRO D 423 -1.37 12.50 -36.84
CA PRO D 423 -2.72 12.30 -36.29
C PRO D 423 -2.59 12.29 -34.77
N THR D 424 -3.32 13.20 -34.10
CA THR D 424 -3.05 13.43 -32.67
C THR D 424 -3.76 12.42 -31.79
N PRO D 425 -3.05 11.75 -30.85
CA PRO D 425 -3.75 10.89 -29.86
C PRO D 425 -4.42 11.71 -28.75
N THR D 426 -5.45 12.47 -29.13
CA THR D 426 -6.25 13.20 -28.16
C THR D 426 -7.08 12.23 -27.30
N LEU D 427 -7.57 12.76 -26.17
CA LEU D 427 -8.51 11.99 -25.35
C LEU D 427 -9.73 11.57 -26.18
N GLU D 428 -10.14 12.40 -27.16
CA GLU D 428 -11.35 12.18 -27.94
C GLU D 428 -11.13 11.30 -29.17
N ARG D 429 -9.88 10.96 -29.52
CA ARG D 429 -9.62 10.23 -30.76
C ARG D 429 -10.44 8.95 -30.86
N GLU D 430 -10.35 8.08 -29.84
CA GLU D 430 -10.96 6.76 -29.93
C GLU D 430 -12.49 6.85 -30.01
N GLY D 431 -13.10 7.72 -29.21
CA GLY D 431 -14.54 7.87 -29.29
C GLY D 431 -15.02 8.25 -30.67
N THR D 432 -14.24 9.05 -31.39
CA THR D 432 -14.56 9.43 -32.76
C THR D 432 -14.27 8.31 -33.75
N LEU D 433 -13.08 7.69 -33.64
CA LEU D 433 -12.70 6.63 -34.59
C LEU D 433 -13.65 5.44 -34.51
N THR D 434 -14.08 5.06 -33.30
CA THR D 434 -14.99 3.92 -33.21
C THR D 434 -16.38 4.23 -33.79
N GLN D 435 -16.67 5.49 -34.14
CA GLN D 435 -17.84 5.80 -34.96
C GLN D 435 -17.54 5.83 -36.45
N ILE D 436 -16.32 6.18 -36.84
CA ILE D 436 -15.97 6.32 -38.25
C ILE D 436 -15.68 4.95 -38.87
N LEU D 437 -14.70 4.25 -38.29
CA LEU D 437 -14.20 3.02 -38.91
C LEU D 437 -15.27 1.95 -39.10
N PRO D 438 -16.18 1.68 -38.16
CA PRO D 438 -17.22 0.68 -38.45
C PRO D 438 -18.18 1.09 -39.55
N LYS D 439 -18.50 2.38 -39.68
CA LYS D 439 -19.38 2.80 -40.76
C LYS D 439 -18.71 2.57 -42.12
N LEU D 440 -17.41 2.82 -42.21
CA LEU D 440 -16.68 2.52 -43.44
C LEU D 440 -16.54 1.01 -43.64
N GLN D 441 -16.32 0.27 -42.57
CA GLN D 441 -16.19 -1.18 -42.66
C GLN D 441 -17.45 -1.82 -43.20
N ASP D 442 -18.62 -1.32 -42.80
CA ASP D 442 -19.89 -1.85 -43.29
C ASP D 442 -20.09 -1.62 -44.78
N LYS D 443 -19.28 -0.76 -45.38
CA LYS D 443 -19.35 -0.54 -46.83
C LYS D 443 -18.22 -1.25 -47.56
N ASP D 444 -17.55 -2.20 -46.90
CA ASP D 444 -16.40 -2.92 -47.46
C ASP D 444 -15.26 -1.96 -47.79
N ILE D 445 -15.05 -0.98 -46.92
CA ILE D 445 -13.93 -0.05 -47.06
C ILE D 445 -13.00 -0.24 -45.86
N TRP D 446 -11.80 -0.70 -46.15
CA TRP D 446 -10.73 -0.77 -45.15
C TRP D 446 -9.97 0.54 -45.24
N SER D 447 -10.29 1.49 -44.36
CA SER D 447 -9.54 2.76 -44.28
C SER D 447 -8.38 2.58 -43.31
N ARG D 448 -7.16 2.62 -43.81
CA ARG D 448 -6.00 2.18 -43.04
C ARG D 448 -4.79 3.06 -43.34
N GLY D 449 -3.98 3.30 -42.32
CA GLY D 449 -2.74 4.03 -42.50
C GLY D 449 -2.60 5.15 -41.49
N ARG D 450 -1.53 5.93 -41.65
CA ARG D 450 -1.25 6.98 -40.70
C ARG D 450 -2.45 7.90 -40.52
N PHE D 451 -3.05 8.33 -41.64
CA PHE D 451 -4.31 9.07 -41.61
C PHE D 451 -5.47 8.28 -42.20
N GLY D 452 -5.21 7.13 -42.82
CA GLY D 452 -6.29 6.23 -43.17
C GLY D 452 -7.04 5.74 -41.95
N SER D 453 -6.31 5.40 -40.89
CA SER D 453 -6.94 4.97 -39.64
C SER D 453 -6.54 5.83 -38.44
N TRP D 454 -5.64 6.79 -38.62
CA TRP D 454 -5.47 7.92 -37.71
C TRP D 454 -4.87 7.54 -36.35
N ARG D 455 -4.20 6.40 -36.25
CA ARG D 455 -3.59 5.99 -34.98
C ARG D 455 -2.09 6.14 -35.12
N TYR D 456 -1.54 7.16 -34.45
CA TYR D 456 -0.13 7.49 -34.61
C TYR D 456 0.77 6.31 -34.24
N GLU D 457 0.41 5.58 -33.17
CA GLU D 457 1.27 4.51 -32.67
C GLU D 457 1.44 3.38 -33.67
N VAL D 458 0.64 3.35 -34.74
CA VAL D 458 0.86 2.39 -35.82
C VAL D 458 0.95 3.16 -37.13
N GLY D 459 1.51 4.38 -37.05
CA GLY D 459 1.59 5.25 -38.20
C GLY D 459 2.98 5.52 -38.75
N ASN D 460 4.02 4.85 -38.24
CA ASN D 460 5.35 4.90 -38.84
C ASN D 460 5.43 3.83 -39.92
N GLN D 461 6.61 3.68 -40.53
CA GLN D 461 6.72 2.92 -41.79
C GLN D 461 6.41 1.45 -41.62
N ASP D 462 6.95 0.78 -40.60
CA ASP D 462 6.74 -0.66 -40.54
C ASP D 462 5.30 -0.99 -40.14
N HIS D 463 4.75 -0.30 -39.14
CA HIS D 463 3.35 -0.50 -38.76
C HIS D 463 2.41 -0.20 -39.92
N SER D 464 2.62 0.94 -40.61
CA SER D 464 1.76 1.35 -41.72
C SER D 464 1.76 0.33 -42.84
N PHE D 465 2.95 -0.07 -43.28
CA PHE D 465 3.09 -1.14 -44.26
C PHE D 465 2.27 -2.35 -43.85
N MET D 466 2.39 -2.76 -42.58
CA MET D 466 1.69 -3.95 -42.13
C MET D 466 0.19 -3.71 -41.99
N LEU D 467 -0.24 -2.47 -41.71
CA LEU D 467 -1.66 -2.16 -41.79
C LEU D 467 -2.20 -2.51 -43.17
N GLY D 468 -1.45 -2.20 -44.22
CA GLY D 468 -1.87 -2.57 -45.56
C GLY D 468 -1.81 -4.07 -45.80
N VAL D 469 -0.73 -4.71 -45.36
CA VAL D 469 -0.58 -6.16 -45.50
C VAL D 469 -1.72 -6.89 -44.80
N GLU D 470 -1.96 -6.53 -43.54
CA GLU D 470 -2.96 -7.21 -42.73
C GLU D 470 -4.38 -6.93 -43.23
N ALA D 471 -4.62 -5.73 -43.77
CA ALA D 471 -5.92 -5.45 -44.38
C ALA D 471 -6.19 -6.41 -45.52
N VAL D 472 -5.21 -6.58 -46.42
CA VAL D 472 -5.39 -7.55 -47.50
C VAL D 472 -5.56 -8.95 -46.94
N ASP D 473 -4.72 -9.31 -45.96
CA ASP D 473 -4.81 -10.64 -45.35
C ASP D 473 -6.18 -10.86 -44.72
N ASN D 474 -6.79 -9.82 -44.17
CA ASN D 474 -8.13 -9.93 -43.63
C ASN D 474 -9.16 -10.11 -44.75
N ILE D 475 -8.98 -9.37 -45.84
CA ILE D 475 -9.92 -9.43 -46.97
C ILE D 475 -9.89 -10.80 -47.61
N VAL D 476 -8.70 -11.38 -47.77
CA VAL D 476 -8.53 -12.58 -48.56
C VAL D 476 -8.54 -13.85 -47.69
N ASN D 477 -7.80 -13.81 -46.58
CA ASN D 477 -7.52 -15.00 -45.79
C ASN D 477 -8.19 -15.00 -44.43
N GLY D 478 -8.99 -13.99 -44.10
CA GLY D 478 -9.61 -13.94 -42.80
C GLY D 478 -8.67 -13.70 -41.64
N ALA D 479 -7.51 -13.09 -41.90
CA ALA D 479 -6.54 -12.83 -40.83
C ALA D 479 -7.09 -11.79 -39.87
N VAL D 480 -6.66 -11.88 -38.62
CA VAL D 480 -6.92 -10.81 -37.66
C VAL D 480 -6.07 -9.60 -38.01
N GLU D 481 -6.70 -8.41 -37.99
CA GLU D 481 -5.94 -7.17 -38.17
C GLU D 481 -5.34 -6.77 -36.83
N LEU D 482 -4.18 -7.36 -36.53
CA LEU D 482 -3.56 -7.23 -35.21
C LEU D 482 -2.95 -5.85 -35.01
N THR D 483 -2.25 -5.34 -36.03
CA THR D 483 -1.57 -4.06 -35.89
C THR D 483 -2.59 -2.94 -35.70
N LEU D 484 -3.70 -2.97 -36.46
CA LEU D 484 -4.71 -1.93 -36.35
C LEU D 484 -5.30 -1.84 -34.94
N ASN D 485 -5.63 -2.99 -34.35
CA ASN D 485 -6.43 -3.01 -33.13
C ASN D 485 -5.67 -3.41 -31.90
N TYR D 486 -4.46 -3.98 -32.02
CA TYR D 486 -3.68 -4.43 -30.87
C TYR D 486 -2.20 -4.05 -31.02
N PRO D 487 -1.90 -2.75 -31.04
CA PRO D 487 -0.50 -2.33 -31.19
C PRO D 487 0.44 -2.90 -30.14
N ASP D 488 0.01 -2.96 -28.87
CA ASP D 488 0.86 -3.50 -27.80
C ASP D 488 1.17 -4.96 -28.06
N PHE D 489 0.18 -5.69 -28.56
CA PHE D 489 0.37 -7.11 -28.82
C PHE D 489 1.44 -7.31 -29.89
N VAL D 490 1.34 -6.59 -31.02
CA VAL D 490 2.33 -6.83 -32.06
C VAL D 490 3.69 -6.27 -31.67
N ASN D 491 3.73 -5.17 -30.93
CA ASN D 491 5.03 -4.60 -30.58
C ASN D 491 5.79 -5.45 -29.56
N GLY D 492 5.10 -6.25 -28.76
CA GLY D 492 5.74 -7.03 -27.74
C GLY D 492 6.09 -8.46 -28.11
N ARG D 493 6.02 -8.83 -29.39
CA ARG D 493 6.24 -10.20 -29.82
C ARG D 493 7.12 -10.18 -31.06
N GLN D 494 7.63 -11.36 -31.41
CA GLN D 494 8.37 -11.54 -32.67
C GLN D 494 7.36 -11.91 -33.76
N ASN D 495 7.16 -10.99 -34.71
CA ASN D 495 6.18 -11.23 -35.78
C ASN D 495 6.87 -11.90 -36.96
N THR D 496 7.15 -13.19 -36.78
CA THR D 496 7.94 -13.98 -37.71
C THR D 496 7.12 -14.89 -38.61
N GLU D 497 5.82 -15.03 -38.34
CA GLU D 497 5.03 -16.05 -39.03
C GLU D 497 4.79 -15.69 -40.50
N ARG D 498 4.45 -14.44 -40.79
CA ARG D 498 4.07 -14.05 -42.14
C ARG D 498 5.31 -13.66 -42.93
N ARG D 499 5.46 -14.24 -44.12
CA ARG D 499 6.66 -14.04 -44.93
C ARG D 499 6.28 -13.63 -46.35
N LEU D 500 7.23 -13.03 -47.06
CA LEU D 500 7.01 -12.71 -48.48
C LEU D 500 6.86 -13.97 -49.33
N VAL D 501 7.38 -15.10 -48.86
CA VAL D 501 7.11 -16.42 -49.47
C VAL D 501 6.51 -17.29 -48.37
N ASP D 502 5.20 -17.49 -48.42
CA ASP D 502 4.52 -18.35 -47.47
C ASP D 502 4.41 -19.76 -48.03
N GLY D 503 3.95 -20.68 -47.18
CA GLY D 503 3.73 -22.05 -47.65
C GLY D 503 2.86 -22.10 -48.88
N ALA D 504 1.83 -21.24 -48.96
CA ALA D 504 0.96 -21.21 -50.12
C ALA D 504 1.75 -21.12 -51.42
N GLN D 505 2.73 -20.21 -51.47
CA GLN D 505 3.50 -20.05 -52.70
C GLN D 505 4.49 -21.21 -52.90
N VAL D 506 5.07 -21.71 -51.82
CA VAL D 506 5.98 -22.86 -51.92
C VAL D 506 5.27 -24.07 -52.50
N PHE D 507 4.11 -24.41 -51.93
CA PHE D 507 3.36 -25.58 -52.41
C PHE D 507 2.84 -25.39 -53.83
N ALA D 508 2.47 -24.17 -54.21
CA ALA D 508 1.98 -23.94 -55.56
C ALA D 508 3.07 -24.15 -56.61
N LYS D 509 4.32 -23.77 -56.28
CA LYS D 509 5.45 -23.89 -57.21
C LYS D 509 5.92 -25.34 -57.42
N SER D 510 5.29 -26.33 -56.80
CA SER D 510 5.68 -27.73 -57.03
C SER D 510 4.48 -28.65 -56.90
#